data_8QN2
# 
_entry.id   8QN2 
# 
_audit_conform.dict_name       mmcif_pdbx.dic 
_audit_conform.dict_version    5.408 
_audit_conform.dict_location   http://mmcif.pdb.org/dictionaries/ascii/mmcif_pdbx.dic 
# 
loop_
_database_2.database_id 
_database_2.database_code 
_database_2.pdbx_database_accession 
_database_2.pdbx_DOI 
PDB   8QN2         pdb_00008qn2 10.2210/pdb8qn2/pdb 
WWPDB D_1292132070 ?            ?                   
# 
loop_
_pdbx_audit_revision_history.ordinal 
_pdbx_audit_revision_history.data_content_type 
_pdbx_audit_revision_history.major_revision 
_pdbx_audit_revision_history.minor_revision 
_pdbx_audit_revision_history.revision_date 
_pdbx_audit_revision_history.part_number 
1 'Structure model' 1 0 2025-04-09 ? 
2 'Structure model' 1 1 2025-12-17 ? 
# 
_pdbx_audit_revision_details.ordinal             1 
_pdbx_audit_revision_details.revision_ordinal    1 
_pdbx_audit_revision_details.data_content_type   'Structure model' 
_pdbx_audit_revision_details.provider            repository 
_pdbx_audit_revision_details.type                'Initial release' 
_pdbx_audit_revision_details.description         ? 
_pdbx_audit_revision_details.details             ? 
# 
_pdbx_audit_revision_group.ordinal             1 
_pdbx_audit_revision_group.revision_ordinal    2 
_pdbx_audit_revision_group.data_content_type   'Structure model' 
_pdbx_audit_revision_group.group               'Database references' 
# 
_pdbx_audit_revision_category.ordinal             1 
_pdbx_audit_revision_category.revision_ordinal    2 
_pdbx_audit_revision_category.data_content_type   'Structure model' 
_pdbx_audit_revision_category.category            citation 
# 
loop_
_pdbx_audit_revision_item.ordinal 
_pdbx_audit_revision_item.revision_ordinal 
_pdbx_audit_revision_item.data_content_type 
_pdbx_audit_revision_item.item 
1 2 'Structure model' '_citation.country'              
2 2 'Structure model' '_citation.journal_abbrev'       
3 2 'Structure model' '_citation.journal_id_ASTM'      
4 2 'Structure model' '_citation.journal_id_CSD'       
5 2 'Structure model' '_citation.journal_id_ISSN'      
6 2 'Structure model' '_citation.pdbx_database_id_DOI' 
7 2 'Structure model' '_citation.title'                
8 2 'Structure model' '_citation.year'                 
# 
_pdbx_database_status.status_code                     REL 
_pdbx_database_status.status_code_sf                  REL 
_pdbx_database_status.status_code_mr                  ? 
_pdbx_database_status.entry_id                        8QN2 
_pdbx_database_status.recvd_initial_deposition_date   2023-09-25 
_pdbx_database_status.SG_entry                        N 
_pdbx_database_status.deposit_site                    PDBE 
_pdbx_database_status.process_site                    PDBE 
_pdbx_database_status.status_code_cs                  ? 
_pdbx_database_status.status_code_nmr_data            ? 
_pdbx_database_status.methods_development_category    ? 
_pdbx_database_status.pdb_format_compatible           Y 
# 
_pdbx_contact_author.id                 4 
_pdbx_contact_author.email              v.gabelica@iecb.u-bordeaux.fr 
_pdbx_contact_author.name_first         valerie 
_pdbx_contact_author.name_last          gabelica 
_pdbx_contact_author.name_mi            ? 
_pdbx_contact_author.role               'principal investigator/group leader' 
_pdbx_contact_author.identifier_ORCID   0000-0001-9496-0165 
# 
loop_
_audit_author.name 
_audit_author.pdbx_ordinal 
_audit_author.identifier_ORCID 
'Koenig, A.'   1 ?                   
'Thore, S.'    2 0000-0001-7058-3887 
'Gabelica, V.' 3 0000-0001-9496-0165 
# 
_citation.abstract                  ? 
_citation.abstract_id_CAS           ? 
_citation.book_id_ISBN              ? 
_citation.book_publisher            ? 
_citation.book_publisher_city       ? 
_citation.book_title                ? 
_citation.coordinate_linkage        ? 
_citation.country                   UK 
_citation.database_id_Medline       ? 
_citation.details                   ? 
_citation.id                        primary 
_citation.journal_abbrev            'Nucleic Acids Res.' 
_citation.journal_id_ASTM           NARHAD 
_citation.journal_id_CSD            0389 
_citation.journal_id_ISSN           1362-4962 
_citation.journal_full              ? 
_citation.journal_issue             ? 
_citation.journal_volume            ? 
_citation.language                  ? 
_citation.page_first                ? 
_citation.page_last                 ? 
_citation.title                     'Helical aromatic oligoamide foldamers as selective G-quadruplex ligands' 
_citation.year                      2025 
_citation.database_id_CSD           ? 
_citation.pdbx_database_id_DOI      10.1093/nar/gkaf1365 
_citation.pdbx_database_id_PubMed   ? 
_citation.pdbx_database_id_patent   ? 
_citation.unpublished_flag          ? 
# 
loop_
_citation_author.citation_id 
_citation_author.name 
_citation_author.ordinal 
_citation_author.identifier_ORCID 
primary 'Koenig, A.'    1 ? 
primary 'Laffile, V.'   2 ? 
primary 'Largy, E.'     3 ? 
primary 'Thore, S.'     4 ? 
primary 'Mackereth, C.' 5 ? 
primary 'Ferrand, Y.'   6 ? 
primary 'Gabelica, V.'  7 ? 
# 
loop_
_entity.id 
_entity.type 
_entity.src_method 
_entity.pdbx_description 
_entity.formula_weight 
_entity.pdbx_number_of_molecules 
_entity.pdbx_ec 
_entity.pdbx_mutation 
_entity.pdbx_fragment 
_entity.details 
1 polymer     syn 
;DNA (5'-D(*TP*GP*GP*GP*TP*TP*GP*GP*GP*TP*TP*GP*GP*GP*TP*TP*GP*GP*GP*T)-3')
;
6339.056 1 ? ? ? DNA 
2 polymer     syn ACE-QUK-QUK-ZY9-QUK                                                          907.971  2 ? ? ? ?   
3 non-polymer syn 'POTASSIUM ION'                                                              39.098   3 ? ? ? ?   
4 non-polymer syn 'MAGNESIUM ION'                                                              24.305   2 ? ? ? ?   
5 water       nat water                                                                        18.015   2 ? ? ? ?   
# 
loop_
_entity_poly.entity_id 
_entity_poly.type 
_entity_poly.nstd_linkage 
_entity_poly.nstd_monomer 
_entity_poly.pdbx_seq_one_letter_code 
_entity_poly.pdbx_seq_one_letter_code_can 
_entity_poly.pdbx_strand_id 
_entity_poly.pdbx_target_identifier 
1 polydeoxyribonucleotide no no  '(DT)(DG)(DG)(DG)(DT)(DT)(DG)(DG)(DG)(DT)(DT)(DG)(DG)(DG)(DT)(DT)(DG)(DG)(DG)(DT)' 
TGGGTTGGGTTGGGTTGGGT A   ? 
2 'polypeptide(L)'        no yes '(ACE)(QUK)(QUK)(ZY9)(QUK)'                                                        XXXXX B,C ? 
# 
loop_
_pdbx_entity_nonpoly.entity_id 
_pdbx_entity_nonpoly.name 
_pdbx_entity_nonpoly.comp_id 
3 'POTASSIUM ION' K   
4 'MAGNESIUM ION' MG  
5 water           HOH 
# 
loop_
_entity_poly_seq.entity_id 
_entity_poly_seq.num 
_entity_poly_seq.mon_id 
_entity_poly_seq.hetero 
1 1  DT  n 
1 2  DG  n 
1 3  DG  n 
1 4  DG  n 
1 5  DT  n 
1 6  DT  n 
1 7  DG  n 
1 8  DG  n 
1 9  DG  n 
1 10 DT  n 
1 11 DT  n 
1 12 DG  n 
1 13 DG  n 
1 14 DG  n 
1 15 DT  n 
1 16 DT  n 
1 17 DG  n 
1 18 DG  n 
1 19 DG  n 
1 20 DT  n 
2 1  ACE n 
2 2  QUK n 
2 3  QUK n 
2 4  ZY9 n 
2 5  QUK n 
# 
loop_
_pdbx_entity_src_syn.entity_id 
_pdbx_entity_src_syn.pdbx_src_id 
_pdbx_entity_src_syn.pdbx_alt_source_flag 
_pdbx_entity_src_syn.pdbx_beg_seq_num 
_pdbx_entity_src_syn.pdbx_end_seq_num 
_pdbx_entity_src_syn.organism_scientific 
_pdbx_entity_src_syn.organism_common_name 
_pdbx_entity_src_syn.ncbi_taxonomy_id 
_pdbx_entity_src_syn.details 
1 1 sample 1 20 'synthetic construct' ? 32630 ? 
2 1 sample 1 5  'synthetic construct' ? 32630 ? 
# 
loop_
_chem_comp.id 
_chem_comp.type 
_chem_comp.mon_nstd_flag 
_chem_comp.name 
_chem_comp.pdbx_synonyms 
_chem_comp.formula 
_chem_comp.formula_weight 
ACE non-polymer         . 'ACETYL GROUP'                                            ? 'C2 H4 O'         44.053  
DG  'DNA linking'       y "2'-DEOXYGUANOSINE-5'-MONOPHOSPHATE"                      ? 'C10 H14 N5 O7 P' 347.221 
DT  'DNA linking'       y "THYMIDINE-5'-MONOPHOSPHATE"                              ? 'C10 H15 N2 O8 P' 322.208 
HOH non-polymer         . WATER                                                     ? 'H2 O'            18.015  
K   non-polymer         . 'POTASSIUM ION'                                           ? 'K 1'             39.098  
MG  non-polymer         . 'MAGNESIUM ION'                                           ? 'Mg 2'            24.305  
QUK 'L-peptide linking' . '8-azanyl-4-(3-azanylpropoxy)quinoline-2-carboxylic acid' ? 'C13 H15 N3 O3'   261.276 
ZY9 'L-peptide linking' . '6-(aminomethyl)pyridine-2-carboxylic acid'               ? 'C7 H8 N2 O2'     152.151 
# 
loop_
_pdbx_poly_seq_scheme.asym_id 
_pdbx_poly_seq_scheme.entity_id 
_pdbx_poly_seq_scheme.seq_id 
_pdbx_poly_seq_scheme.mon_id 
_pdbx_poly_seq_scheme.ndb_seq_num 
_pdbx_poly_seq_scheme.pdb_seq_num 
_pdbx_poly_seq_scheme.auth_seq_num 
_pdbx_poly_seq_scheme.pdb_mon_id 
_pdbx_poly_seq_scheme.auth_mon_id 
_pdbx_poly_seq_scheme.pdb_strand_id 
_pdbx_poly_seq_scheme.pdb_ins_code 
_pdbx_poly_seq_scheme.hetero 
A 1 1  DT  1  1   1  DT  DT  A . n 
A 1 2  DG  2  2   2  DG  DG  A . n 
A 1 3  DG  3  3   3  DG  DG  A . n 
A 1 4  DG  4  4   4  DG  DG  A . n 
A 1 5  DT  5  5   5  DT  DT  A . n 
A 1 6  DT  6  6   6  DT  DT  A . n 
A 1 7  DG  7  7   7  DG  DG  A . n 
A 1 8  DG  8  8   8  DG  DG  A . n 
A 1 9  DG  9  9   9  DG  DG  A . n 
A 1 10 DT  10 10  10 DT  DT  A . n 
A 1 11 DT  11 11  11 DT  DT  A . n 
A 1 12 DG  12 12  12 DG  DG  A . n 
A 1 13 DG  13 13  13 DG  DG  A . n 
A 1 14 DG  14 14  14 DG  DG  A . n 
A 1 15 DT  15 15  15 DT  DT  A . n 
A 1 16 DT  16 16  16 DT  DT  A . n 
A 1 17 DG  17 17  17 DG  DG  A . n 
A 1 18 DG  18 18  18 DG  DG  A . n 
A 1 19 DG  19 19  19 DG  DG  A . n 
A 1 20 DT  20 20  20 DT  DT  A . n 
B 2 1  ACE 1  106 1  ACE QPQ B . n 
B 2 2  QUK 2  107 1  QUK QPQ B . n 
B 2 3  QUK 3  108 1  QUK QPQ B . n 
B 2 4  ZY9 4  109 1  ZY9 QPQ B . n 
B 2 5  QUK 5  110 1  QUK QPQ B . n 
C 2 1  ACE 1  111 2  ACE QPQ C . n 
C 2 2  QUK 2  112 2  QUK QPQ C . n 
C 2 3  QUK 3  113 2  QUK QPQ C . n 
C 2 4  ZY9 4  114 2  ZY9 QPQ C . n 
C 2 5  QUK 5  115 2  QUK QPQ C . n 
# 
loop_
_pdbx_entity_instance_feature.ordinal 
_pdbx_entity_instance_feature.comp_id 
_pdbx_entity_instance_feature.asym_id 
_pdbx_entity_instance_feature.seq_num 
_pdbx_entity_instance_feature.auth_comp_id 
_pdbx_entity_instance_feature.auth_asym_id 
_pdbx_entity_instance_feature.auth_seq_num 
_pdbx_entity_instance_feature.feature_type 
_pdbx_entity_instance_feature.details 
1 QUK ? ? QUK ? ? 'SUBJECT OF INVESTIGATION' ? 
2 ZY9 ? ? ZY9 ? ? 'SUBJECT OF INVESTIGATION' ? 
3 ACE ? ? ACE ? ? 'SUBJECT OF INVESTIGATION' ? 
# 
loop_
_pdbx_nonpoly_scheme.asym_id 
_pdbx_nonpoly_scheme.entity_id 
_pdbx_nonpoly_scheme.mon_id 
_pdbx_nonpoly_scheme.ndb_seq_num 
_pdbx_nonpoly_scheme.pdb_seq_num 
_pdbx_nonpoly_scheme.auth_seq_num 
_pdbx_nonpoly_scheme.pdb_mon_id 
_pdbx_nonpoly_scheme.auth_mon_id 
_pdbx_nonpoly_scheme.pdb_strand_id 
_pdbx_nonpoly_scheme.pdb_ins_code 
D 3 K   1 101 1 K   K   A . 
E 3 K   1 102 2 K   K   A . 
F 3 K   1 103 3 K   K   A . 
G 4 MG  1 104 1 MG  MG  A . 
H 4 MG  1 105 2 MG  MG  A . 
I 5 HOH 1 201 3 HOH HOH A . 
I 5 HOH 2 202 2 HOH HOH A . 
# 
loop_
_pdbx_unobs_or_zero_occ_atoms.id 
_pdbx_unobs_or_zero_occ_atoms.PDB_model_num 
_pdbx_unobs_or_zero_occ_atoms.polymer_flag 
_pdbx_unobs_or_zero_occ_atoms.occupancy_flag 
_pdbx_unobs_or_zero_occ_atoms.auth_asym_id 
_pdbx_unobs_or_zero_occ_atoms.auth_comp_id 
_pdbx_unobs_or_zero_occ_atoms.auth_seq_id 
_pdbx_unobs_or_zero_occ_atoms.PDB_ins_code 
_pdbx_unobs_or_zero_occ_atoms.auth_atom_id 
_pdbx_unobs_or_zero_occ_atoms.label_alt_id 
_pdbx_unobs_or_zero_occ_atoms.label_asym_id 
_pdbx_unobs_or_zero_occ_atoms.label_comp_id 
_pdbx_unobs_or_zero_occ_atoms.label_seq_id 
_pdbx_unobs_or_zero_occ_atoms.label_atom_id 
1  1 Y 1 A DT 1  ? "O5'" ? A DT 1  "O5'" 
2  1 Y 1 A DT 1  ? "C5'" ? A DT 1  "C5'" 
3  1 Y 1 A DT 1  ? "C4'" ? A DT 1  "C4'" 
4  1 Y 1 A DT 1  ? "O4'" ? A DT 1  "O4'" 
5  1 Y 1 A DT 1  ? "C3'" ? A DT 1  "C3'" 
6  1 Y 1 A DT 1  ? "C2'" ? A DT 1  "C2'" 
7  1 Y 1 A DT 1  ? "C1'" ? A DT 1  "C1'" 
8  1 Y 1 A DT 1  ? N1    ? A DT 1  N1    
9  1 Y 1 A DT 1  ? C2    ? A DT 1  C2    
10 1 Y 1 A DT 1  ? O2    ? A DT 1  O2    
11 1 Y 1 A DT 1  ? N3    ? A DT 1  N3    
12 1 Y 1 A DT 1  ? C4    ? A DT 1  C4    
13 1 Y 1 A DT 1  ? O4    ? A DT 1  O4    
14 1 Y 1 A DT 1  ? C5    ? A DT 1  C5    
15 1 Y 1 A DT 1  ? C7    ? A DT 1  C7    
16 1 Y 1 A DT 1  ? C6    ? A DT 1  C6    
17 1 Y 1 A DT 20 ? "O5'" ? A DT 20 "O5'" 
18 1 Y 1 A DT 20 ? "C5'" ? A DT 20 "C5'" 
19 1 Y 1 A DT 20 ? "C4'" ? A DT 20 "C4'" 
20 1 Y 1 A DT 20 ? "O4'" ? A DT 20 "O4'" 
21 1 Y 1 A DT 20 ? "C3'" ? A DT 20 "C3'" 
22 1 Y 1 A DT 20 ? "O3'" ? A DT 20 "O3'" 
23 1 Y 1 A DT 20 ? "C2'" ? A DT 20 "C2'" 
24 1 Y 1 A DT 20 ? "C1'" ? A DT 20 "C1'" 
25 1 Y 1 A DT 20 ? N1    ? A DT 20 N1    
26 1 Y 1 A DT 20 ? C2    ? A DT 20 C2    
27 1 Y 1 A DT 20 ? O2    ? A DT 20 O2    
28 1 Y 1 A DT 20 ? N3    ? A DT 20 N3    
29 1 Y 1 A DT 20 ? C4    ? A DT 20 C4    
30 1 Y 1 A DT 20 ? O4    ? A DT 20 O4    
31 1 Y 1 A DT 20 ? C5    ? A DT 20 C5    
32 1 Y 1 A DT 20 ? C7    ? A DT 20 C7    
33 1 Y 1 A DT 20 ? C6    ? A DT 20 C6    
# 
loop_
_software.citation_id 
_software.classification 
_software.compiler_name 
_software.compiler_version 
_software.contact_author 
_software.contact_author_email 
_software.date 
_software.description 
_software.dependencies 
_software.hardware 
_software.language 
_software.location 
_software.mods 
_software.name 
_software.os 
_software.os_version 
_software.type 
_software.version 
_software.pdbx_ordinal 
? refinement       ? ? ? ? ? ? ? ? ? ? ? PHENIX ? ? ? 1.21rc1_5084 1 
? 'data reduction' ? ? ? ? ? ? ? ? ? ? ? XDS    ? ? ? .            2 
? 'data scaling'   ? ? ? ? ? ? ? ? ? ? ? XDS    ? ? ? .            3 
? phasing          ? ? ? ? ? ? ? ? ? ? ? PHASER ? ? ? .            4 
# 
_cell.angle_alpha                  90.000 
_cell.angle_alpha_esd              ? 
_cell.angle_beta                   90.000 
_cell.angle_beta_esd               ? 
_cell.angle_gamma                  90.000 
_cell.angle_gamma_esd              ? 
_cell.entry_id                     8QN2 
_cell.details                      ? 
_cell.formula_units_Z              ? 
_cell.length_a                     32.710 
_cell.length_a_esd                 ? 
_cell.length_b                     32.710 
_cell.length_b_esd                 ? 
_cell.length_c                     61.010 
_cell.length_c_esd                 ? 
_cell.volume                       65277.290 
_cell.volume_esd                   ? 
_cell.Z_PDB                        8 
_cell.reciprocal_angle_alpha       ? 
_cell.reciprocal_angle_beta        ? 
_cell.reciprocal_angle_gamma       ? 
_cell.reciprocal_angle_alpha_esd   ? 
_cell.reciprocal_angle_beta_esd    ? 
_cell.reciprocal_angle_gamma_esd   ? 
_cell.reciprocal_length_a          ? 
_cell.reciprocal_length_b          ? 
_cell.reciprocal_length_c          ? 
_cell.reciprocal_length_a_esd      ? 
_cell.reciprocal_length_b_esd      ? 
_cell.reciprocal_length_c_esd      ? 
_cell.pdbx_unique_axis             ? 
_cell.pdbx_esd_method              ? 
# 
_symmetry.entry_id                         8QN2 
_symmetry.cell_setting                     ? 
_symmetry.Int_Tables_number                77 
_symmetry.space_group_name_Hall            'P 4c' 
_symmetry.space_group_name_H-M             'P 42' 
_symmetry.pdbx_full_space_group_name_H-M   ? 
# 
_exptl.absorpt_coefficient_mu     ? 
_exptl.absorpt_correction_T_max   ? 
_exptl.absorpt_correction_T_min   ? 
_exptl.absorpt_correction_type    ? 
_exptl.absorpt_process_details    ? 
_exptl.entry_id                   8QN2 
_exptl.crystals_number            1 
_exptl.details                    ? 
_exptl.method                     'X-RAY DIFFRACTION' 
_exptl.method_details             ? 
# 
_exptl_crystal.colour                       ? 
_exptl_crystal.density_diffrn               ? 
_exptl_crystal.density_Matthews             2.57 
_exptl_crystal.density_method               ? 
_exptl_crystal.density_percent_sol          52.22 
_exptl_crystal.description                  ? 
_exptl_crystal.F_000                        ? 
_exptl_crystal.id                           1 
_exptl_crystal.preparation                  ? 
_exptl_crystal.size_max                     ? 
_exptl_crystal.size_mid                     ? 
_exptl_crystal.size_min                     ? 
_exptl_crystal.size_rad                     ? 
_exptl_crystal.colour_lustre                ? 
_exptl_crystal.colour_modifier              ? 
_exptl_crystal.colour_primary               ? 
_exptl_crystal.density_meas                 ? 
_exptl_crystal.density_meas_esd             ? 
_exptl_crystal.density_meas_gt              ? 
_exptl_crystal.density_meas_lt              ? 
_exptl_crystal.density_meas_temp            ? 
_exptl_crystal.density_meas_temp_esd        ? 
_exptl_crystal.density_meas_temp_gt         ? 
_exptl_crystal.density_meas_temp_lt         ? 
_exptl_crystal.pdbx_crystal_image_url       ? 
_exptl_crystal.pdbx_crystal_image_format    ? 
_exptl_crystal.pdbx_mosaicity               ? 
_exptl_crystal.pdbx_mosaicity_esd           ? 
_exptl_crystal.pdbx_mosaic_method           ? 
_exptl_crystal.pdbx_mosaic_block_size       ? 
_exptl_crystal.pdbx_mosaic_block_size_esd   ? 
# 
_exptl_crystal_grow.apparatus       ? 
_exptl_crystal_grow.atmosphere      ? 
_exptl_crystal_grow.crystal_id      1 
_exptl_crystal_grow.details         ? 
_exptl_crystal_grow.method          'VAPOR DIFFUSION, SITTING DROP' 
_exptl_crystal_grow.method_ref      ? 
_exptl_crystal_grow.pH              ? 
_exptl_crystal_grow.pressure        ? 
_exptl_crystal_grow.pressure_esd    ? 
_exptl_crystal_grow.seeding         ? 
_exptl_crystal_grow.seeding_ref     ? 
_exptl_crystal_grow.temp_details    ? 
_exptl_crystal_grow.temp_esd        ? 
_exptl_crystal_grow.time            ? 
_exptl_crystal_grow.pdbx_details    'potassium chloride, magnesium chloride, PEG 550, Tris (pH 7.5)' 
_exptl_crystal_grow.pdbx_pH_range   ? 
_exptl_crystal_grow.temp            298 
# 
_diffrn.ambient_environment              ? 
_diffrn.ambient_temp                     100 
_diffrn.ambient_temp_details             ? 
_diffrn.ambient_temp_esd                 ? 
_diffrn.crystal_id                       1 
_diffrn.crystal_support                  ? 
_diffrn.crystal_treatment                ? 
_diffrn.details                          ? 
_diffrn.id                               1 
_diffrn.ambient_pressure                 ? 
_diffrn.ambient_pressure_esd             ? 
_diffrn.ambient_pressure_gt              ? 
_diffrn.ambient_pressure_lt              ? 
_diffrn.ambient_temp_gt                  ? 
_diffrn.ambient_temp_lt                  ? 
_diffrn.pdbx_serial_crystal_experiment   N 
# 
_diffrn_detector.details                      ? 
_diffrn_detector.detector                     PIXEL 
_diffrn_detector.diffrn_id                    1 
_diffrn_detector.type                         'DECTRIS EIGER X 16M' 
_diffrn_detector.area_resol_mean              ? 
_diffrn_detector.dtime                        ? 
_diffrn_detector.pdbx_frames_total            ? 
_diffrn_detector.pdbx_collection_time_total   ? 
_diffrn_detector.pdbx_collection_date         2022-11-13 
_diffrn_detector.pdbx_frequency               ? 
_diffrn_detector.id                           ? 
_diffrn_detector.number_of_axes               ? 
# 
_diffrn_radiation.collimation                      ? 
_diffrn_radiation.diffrn_id                        1 
_diffrn_radiation.filter_edge                      ? 
_diffrn_radiation.inhomogeneity                    ? 
_diffrn_radiation.monochromator                    ? 
_diffrn_radiation.polarisn_norm                    ? 
_diffrn_radiation.polarisn_ratio                   ? 
_diffrn_radiation.probe                            ? 
_diffrn_radiation.type                             ? 
_diffrn_radiation.xray_symbol                      ? 
_diffrn_radiation.wavelength_id                    1 
_diffrn_radiation.pdbx_monochromatic_or_laue_m_l   M 
_diffrn_radiation.pdbx_wavelength_list             ? 
_diffrn_radiation.pdbx_wavelength                  ? 
_diffrn_radiation.pdbx_diffrn_protocol             'SINGLE WAVELENGTH' 
_diffrn_radiation.pdbx_analyzer                    ? 
_diffrn_radiation.pdbx_scattering_type             x-ray 
# 
_diffrn_radiation_wavelength.id           1 
_diffrn_radiation_wavelength.wavelength   0.979 
_diffrn_radiation_wavelength.wt           1.0 
# 
_diffrn_source.current                     ? 
_diffrn_source.details                     ? 
_diffrn_source.diffrn_id                   1 
_diffrn_source.power                       ? 
_diffrn_source.size                        ? 
_diffrn_source.source                      SYNCHROTRON 
_diffrn_source.target                      ? 
_diffrn_source.type                        'SOLEIL BEAMLINE PROXIMA 1' 
_diffrn_source.voltage                     ? 
_diffrn_source.take-off_angle              ? 
_diffrn_source.pdbx_wavelength_list        0.979 
_diffrn_source.pdbx_wavelength             ? 
_diffrn_source.pdbx_synchrotron_beamline   'PROXIMA 1' 
_diffrn_source.pdbx_synchrotron_site       SOLEIL 
# 
_reflns.B_iso_Wilson_estimate                          58.84 
_reflns.entry_id                                       8QN2 
_reflns.data_reduction_details                         ? 
_reflns.data_reduction_method                          ? 
_reflns.d_resolution_high                              2.5 
_reflns.d_resolution_low                               30.51 
_reflns.details                                        ? 
_reflns.limit_h_max                                    ? 
_reflns.limit_h_min                                    ? 
_reflns.limit_k_max                                    ? 
_reflns.limit_k_min                                    ? 
_reflns.limit_l_max                                    ? 
_reflns.limit_l_min                                    ? 
_reflns.number_all                                     ? 
_reflns.number_obs                                     2226 
_reflns.observed_criterion                             ? 
_reflns.observed_criterion_F_max                       ? 
_reflns.observed_criterion_F_min                       ? 
_reflns.observed_criterion_I_max                       ? 
_reflns.observed_criterion_I_min                       ? 
_reflns.observed_criterion_sigma_F                     ? 
_reflns.observed_criterion_sigma_I                     ? 
_reflns.percent_possible_obs                           99.1 
_reflns.R_free_details                                 ? 
_reflns.Rmerge_F_all                                   ? 
_reflns.Rmerge_F_obs                                   ? 
_reflns.Friedel_coverage                               ? 
_reflns.number_gt                                      ? 
_reflns.threshold_expression                           ? 
_reflns.pdbx_redundancy                                13.4 
_reflns.pdbx_netI_over_av_sigmaI                       ? 
_reflns.pdbx_netI_over_sigmaI                          21.61 
_reflns.pdbx_res_netI_over_av_sigmaI_2                 ? 
_reflns.pdbx_res_netI_over_sigmaI_2                    ? 
_reflns.pdbx_chi_squared                               ? 
_reflns.pdbx_scaling_rejects                           ? 
_reflns.pdbx_d_res_high_opt                            ? 
_reflns.pdbx_d_res_low_opt                             ? 
_reflns.pdbx_d_res_opt_method                          ? 
_reflns.phase_calculation_details                      ? 
_reflns.pdbx_Rrim_I_all                                0.1531 
_reflns.pdbx_Rpim_I_all                                0.0426 
_reflns.pdbx_d_opt                                     ? 
_reflns.pdbx_number_measured_all                       ? 
_reflns.pdbx_diffrn_id                                 1 
_reflns.pdbx_ordinal                                   1 
_reflns.pdbx_CC_half                                   0.999 
_reflns.pdbx_CC_star                                   ? 
_reflns.pdbx_R_split                                   ? 
_reflns.pdbx_Rmerge_I_obs                              0.147 
_reflns.pdbx_Rmerge_I_all                              ? 
_reflns.pdbx_Rsym_value                                ? 
_reflns.pdbx_CC_split_method                           ? 
_reflns.pdbx_aniso_diffraction_limit_axis_1_ortho[1]   ? 
_reflns.pdbx_aniso_diffraction_limit_axis_1_ortho[2]   ? 
_reflns.pdbx_aniso_diffraction_limit_axis_1_ortho[3]   ? 
_reflns.pdbx_aniso_diffraction_limit_axis_2_ortho[1]   ? 
_reflns.pdbx_aniso_diffraction_limit_axis_2_ortho[2]   ? 
_reflns.pdbx_aniso_diffraction_limit_axis_2_ortho[3]   ? 
_reflns.pdbx_aniso_diffraction_limit_axis_3_ortho[1]   ? 
_reflns.pdbx_aniso_diffraction_limit_axis_3_ortho[2]   ? 
_reflns.pdbx_aniso_diffraction_limit_axis_3_ortho[3]   ? 
_reflns.pdbx_aniso_diffraction_limit_1                 ? 
_reflns.pdbx_aniso_diffraction_limit_2                 ? 
_reflns.pdbx_aniso_diffraction_limit_3                 ? 
_reflns.pdbx_aniso_B_tensor_eigenvector_1_ortho[1]     ? 
_reflns.pdbx_aniso_B_tensor_eigenvector_1_ortho[2]     ? 
_reflns.pdbx_aniso_B_tensor_eigenvector_1_ortho[3]     ? 
_reflns.pdbx_aniso_B_tensor_eigenvector_2_ortho[1]     ? 
_reflns.pdbx_aniso_B_tensor_eigenvector_2_ortho[2]     ? 
_reflns.pdbx_aniso_B_tensor_eigenvector_2_ortho[3]     ? 
_reflns.pdbx_aniso_B_tensor_eigenvector_3_ortho[1]     ? 
_reflns.pdbx_aniso_B_tensor_eigenvector_3_ortho[2]     ? 
_reflns.pdbx_aniso_B_tensor_eigenvector_3_ortho[3]     ? 
_reflns.pdbx_aniso_B_tensor_eigenvalue_1               ? 
_reflns.pdbx_aniso_B_tensor_eigenvalue_2               ? 
_reflns.pdbx_aniso_B_tensor_eigenvalue_3               ? 
_reflns.pdbx_orthogonalization_convention              ? 
_reflns.pdbx_percent_possible_ellipsoidal              ? 
_reflns.pdbx_percent_possible_spherical                ? 
_reflns.pdbx_percent_possible_ellipsoidal_anomalous    ? 
_reflns.pdbx_percent_possible_spherical_anomalous      ? 
_reflns.pdbx_redundancy_anomalous                      ? 
_reflns.pdbx_CC_half_anomalous                         ? 
_reflns.pdbx_absDiff_over_sigma_anomalous              ? 
_reflns.pdbx_percent_possible_anomalous                ? 
_reflns.pdbx_observed_signal_threshold                 ? 
_reflns.pdbx_signal_type                               ? 
_reflns.pdbx_signal_details                            ? 
_reflns.pdbx_signal_software_id                        ? 
# 
_reflns_shell.d_res_high                                    2.51 
_reflns_shell.d_res_low                                     2.60 
_reflns_shell.meanI_over_sigI_all                           ? 
_reflns_shell.meanI_over_sigI_obs                           4.09 
_reflns_shell.number_measured_all                           ? 
_reflns_shell.number_measured_obs                           ? 
_reflns_shell.number_possible                               ? 
_reflns_shell.number_unique_all                             ? 
_reflns_shell.number_unique_obs                             218 
_reflns_shell.percent_possible_obs                          ? 
_reflns_shell.Rmerge_F_all                                  ? 
_reflns_shell.Rmerge_F_obs                                  ? 
_reflns_shell.meanI_over_sigI_gt                            ? 
_reflns_shell.meanI_over_uI_all                             ? 
_reflns_shell.meanI_over_uI_gt                              ? 
_reflns_shell.number_measured_gt                            ? 
_reflns_shell.number_unique_gt                              ? 
_reflns_shell.percent_possible_gt                           ? 
_reflns_shell.Rmerge_F_gt                                   ? 
_reflns_shell.Rmerge_I_gt                                   ? 
_reflns_shell.pdbx_redundancy                               ? 
_reflns_shell.pdbx_chi_squared                              ? 
_reflns_shell.pdbx_netI_over_sigmaI_all                     ? 
_reflns_shell.pdbx_netI_over_sigmaI_obs                     ? 
_reflns_shell.pdbx_Rrim_I_all                               1.095 
_reflns_shell.pdbx_Rpim_I_all                               0.2952 
_reflns_shell.pdbx_rejects                                  ? 
_reflns_shell.pdbx_ordinal                                  1 
_reflns_shell.pdbx_diffrn_id                                1 
_reflns_shell.pdbx_CC_half                                  0.872 
_reflns_shell.pdbx_CC_star                                  ? 
_reflns_shell.pdbx_R_split                                  ? 
_reflns_shell.percent_possible_all                          ? 
_reflns_shell.Rmerge_I_all                                  ? 
_reflns_shell.Rmerge_I_obs                                  1.054 
_reflns_shell.pdbx_Rsym_value                               ? 
_reflns_shell.pdbx_percent_possible_ellipsoidal             ? 
_reflns_shell.pdbx_percent_possible_spherical               ? 
_reflns_shell.pdbx_percent_possible_ellipsoidal_anomalous   ? 
_reflns_shell.pdbx_percent_possible_spherical_anomalous     ? 
_reflns_shell.pdbx_redundancy_anomalous                     ? 
_reflns_shell.pdbx_CC_half_anomalous                        ? 
_reflns_shell.pdbx_absDiff_over_sigma_anomalous             ? 
_reflns_shell.pdbx_percent_possible_anomalous               ? 
# 
_refine.aniso_B[1][1]                            ? 
_refine.aniso_B[1][2]                            ? 
_refine.aniso_B[1][3]                            ? 
_refine.aniso_B[2][2]                            ? 
_refine.aniso_B[2][3]                            ? 
_refine.aniso_B[3][3]                            ? 
_refine.B_iso_max                                ? 
_refine.B_iso_mean                               66.92 
_refine.B_iso_min                                ? 
_refine.correlation_coeff_Fo_to_Fc               ? 
_refine.correlation_coeff_Fo_to_Fc_free          ? 
_refine.details                                  ? 
_refine.diff_density_max                         ? 
_refine.diff_density_max_esd                     ? 
_refine.diff_density_min                         ? 
_refine.diff_density_min_esd                     ? 
_refine.diff_density_rms                         ? 
_refine.diff_density_rms_esd                     ? 
_refine.entry_id                                 8QN2 
_refine.pdbx_refine_id                           'X-RAY DIFFRACTION' 
_refine.ls_abs_structure_details                 ? 
_refine.ls_abs_structure_Flack                   ? 
_refine.ls_abs_structure_Flack_esd               ? 
_refine.ls_abs_structure_Rogers                  ? 
_refine.ls_abs_structure_Rogers_esd              ? 
_refine.ls_d_res_high                            2.51 
_refine.ls_d_res_low                             30.50 
_refine.ls_extinction_coef                       ? 
_refine.ls_extinction_coef_esd                   ? 
_refine.ls_extinction_expression                 ? 
_refine.ls_extinction_method                     ? 
_refine.ls_goodness_of_fit_all                   ? 
_refine.ls_goodness_of_fit_all_esd               ? 
_refine.ls_goodness_of_fit_obs                   ? 
_refine.ls_goodness_of_fit_obs_esd               ? 
_refine.ls_hydrogen_treatment                    ? 
_refine.ls_matrix_type                           ? 
_refine.ls_number_constraints                    ? 
_refine.ls_number_parameters                     ? 
_refine.ls_number_reflns_all                     ? 
_refine.ls_number_reflns_obs                     2218 
_refine.ls_number_reflns_R_free                  222 
_refine.ls_number_reflns_R_work                  1996 
_refine.ls_number_restraints                     ? 
_refine.ls_percent_reflns_obs                    99.11 
_refine.ls_percent_reflns_R_free                 10.01 
_refine.ls_R_factor_all                          ? 
_refine.ls_R_factor_obs                          0.2762 
_refine.ls_R_factor_R_free                       0.3082 
_refine.ls_R_factor_R_free_error                 ? 
_refine.ls_R_factor_R_free_error_details         ? 
_refine.ls_R_factor_R_work                       0.2720 
_refine.ls_R_Fsqd_factor_obs                     ? 
_refine.ls_R_I_factor_obs                        ? 
_refine.ls_redundancy_reflns_all                 ? 
_refine.ls_redundancy_reflns_obs                 ? 
_refine.ls_restrained_S_all                      ? 
_refine.ls_restrained_S_obs                      ? 
_refine.ls_shift_over_esd_max                    ? 
_refine.ls_shift_over_esd_mean                   ? 
_refine.ls_structure_factor_coef                 ? 
_refine.ls_weighting_details                     ? 
_refine.ls_weighting_scheme                      ? 
_refine.ls_wR_factor_all                         ? 
_refine.ls_wR_factor_obs                         ? 
_refine.ls_wR_factor_R_free                      ? 
_refine.ls_wR_factor_R_work                      ? 
_refine.occupancy_max                            ? 
_refine.occupancy_min                            ? 
_refine.solvent_model_details                    'FLAT BULK SOLVENT MODEL' 
_refine.solvent_model_param_bsol                 ? 
_refine.solvent_model_param_ksol                 ? 
_refine.pdbx_R_complete                          ? 
_refine.ls_R_factor_gt                           ? 
_refine.ls_goodness_of_fit_gt                    ? 
_refine.ls_goodness_of_fit_ref                   ? 
_refine.ls_shift_over_su_max                     ? 
_refine.ls_shift_over_su_max_lt                  ? 
_refine.ls_shift_over_su_mean                    ? 
_refine.ls_shift_over_su_mean_lt                 ? 
_refine.pdbx_ls_sigma_I                          ? 
_refine.pdbx_ls_sigma_F                          1.40 
_refine.pdbx_ls_sigma_Fsqd                       ? 
_refine.pdbx_data_cutoff_high_absF               ? 
_refine.pdbx_data_cutoff_high_rms_absF           ? 
_refine.pdbx_data_cutoff_low_absF                ? 
_refine.pdbx_isotropic_thermal_model             ? 
_refine.pdbx_ls_cross_valid_method               'FREE R-VALUE' 
_refine.pdbx_method_to_determine_struct          'MOLECULAR REPLACEMENT' 
_refine.pdbx_starting_model                      ? 
_refine.pdbx_stereochemistry_target_values       'GeoStd + Monomer Library + CDL v1.2' 
_refine.pdbx_R_Free_selection_details            ? 
_refine.pdbx_stereochem_target_val_spec_case     ? 
_refine.pdbx_overall_ESU_R                       ? 
_refine.pdbx_overall_ESU_R_Free                  ? 
_refine.pdbx_solvent_vdw_probe_radii             1.1000 
_refine.pdbx_solvent_ion_probe_radii             ? 
_refine.pdbx_solvent_shrinkage_radii             0.9000 
_refine.pdbx_real_space_R                        ? 
_refine.pdbx_density_correlation                 ? 
_refine.pdbx_pd_number_of_powder_patterns        ? 
_refine.pdbx_pd_number_of_points                 ? 
_refine.pdbx_pd_meas_number_of_points            ? 
_refine.pdbx_pd_proc_ls_prof_R_factor            ? 
_refine.pdbx_pd_proc_ls_prof_wR_factor           ? 
_refine.pdbx_pd_Marquardt_correlation_coeff      ? 
_refine.pdbx_pd_Fsqrd_R_factor                   ? 
_refine.pdbx_pd_ls_matrix_band_width             ? 
_refine.pdbx_overall_phase_error                 29.7375 
_refine.pdbx_overall_SU_R_free_Cruickshank_DPI   ? 
_refine.pdbx_overall_SU_R_free_Blow_DPI          ? 
_refine.pdbx_overall_SU_R_Blow_DPI               ? 
_refine.pdbx_TLS_residual_ADP_flag               ? 
_refine.pdbx_diffrn_id                           1 
_refine.overall_SU_B                             ? 
_refine.overall_SU_ML                            0.4035 
_refine.overall_SU_R_Cruickshank_DPI             ? 
_refine.overall_SU_R_free                        ? 
_refine.overall_FOM_free_R_set                   ? 
_refine.overall_FOM_work_R_set                   ? 
_refine.pdbx_average_fsc_overall                 ? 
_refine.pdbx_average_fsc_work                    ? 
_refine.pdbx_average_fsc_free                    ? 
# 
_refine_hist.pdbx_refine_id                   'X-RAY DIFFRACTION' 
_refine_hist.cycle_id                         LAST 
_refine_hist.details                          ? 
_refine_hist.d_res_high                       2.51 
_refine_hist.d_res_low                        30.50 
_refine_hist.number_atoms_solvent             2 
_refine_hist.number_atoms_total               531 
_refine_hist.number_reflns_all                ? 
_refine_hist.number_reflns_obs                ? 
_refine_hist.number_reflns_R_free             ? 
_refine_hist.number_reflns_R_work             ? 
_refine_hist.R_factor_all                     ? 
_refine_hist.R_factor_obs                     ? 
_refine_hist.R_factor_R_free                  ? 
_refine_hist.R_factor_R_work                  ? 
_refine_hist.pdbx_number_residues_total       ? 
_refine_hist.pdbx_B_iso_mean_ligand           ? 
_refine_hist.pdbx_B_iso_mean_solvent          ? 
_refine_hist.pdbx_number_atoms_protein        0 
_refine_hist.pdbx_number_atoms_nucleic_acid   388 
_refine_hist.pdbx_number_atoms_ligand         141 
_refine_hist.pdbx_number_atoms_lipid          ? 
_refine_hist.pdbx_number_atoms_carb           ? 
_refine_hist.pdbx_pseudo_atom_details         ? 
# 
loop_
_refine_ls_restr.pdbx_refine_id 
_refine_ls_restr.criterion 
_refine_ls_restr.dev_ideal 
_refine_ls_restr.dev_ideal_target 
_refine_ls_restr.number 
_refine_ls_restr.rejects 
_refine_ls_restr.type 
_refine_ls_restr.weight 
_refine_ls_restr.pdbx_restraint_function 
'X-RAY DIFFRACTION' ? 0.0168  ? 583 ? f_bond_d           ? ? 
'X-RAY DIFFRACTION' ? 1.8599  ? 879 ? f_angle_d          ? ? 
'X-RAY DIFFRACTION' ? 0.1195  ? 72  ? f_chiral_restr     ? ? 
'X-RAY DIFFRACTION' ? 0.0502  ? 104 ? f_plane_restr      ? ? 
'X-RAY DIFFRACTION' ? 29.3082 ? 307 ? f_dihedral_angle_d ? ? 
# 
loop_
_refine_ls_shell.pdbx_refine_id 
_refine_ls_shell.d_res_high 
_refine_ls_shell.d_res_low 
_refine_ls_shell.number_reflns_all 
_refine_ls_shell.number_reflns_obs 
_refine_ls_shell.number_reflns_R_free 
_refine_ls_shell.number_reflns_R_work 
_refine_ls_shell.percent_reflns_obs 
_refine_ls_shell.percent_reflns_R_free 
_refine_ls_shell.R_factor_all 
_refine_ls_shell.R_factor_obs 
_refine_ls_shell.R_factor_R_free_error 
_refine_ls_shell.R_factor_R_work 
_refine_ls_shell.redundancy_reflns_all 
_refine_ls_shell.redundancy_reflns_obs 
_refine_ls_shell.wR_factor_all 
_refine_ls_shell.wR_factor_obs 
_refine_ls_shell.wR_factor_R_free 
_refine_ls_shell.wR_factor_R_work 
_refine_ls_shell.pdbx_R_complete 
_refine_ls_shell.pdbx_total_number_of_bins_used 
_refine_ls_shell.pdbx_phase_error 
_refine_ls_shell.pdbx_fsc_work 
_refine_ls_shell.pdbx_fsc_free 
_refine_ls_shell.R_factor_R_free 
'X-RAY DIFFRACTION' 2.51 3.16  . . 111 995  99.82 . . . . 0.3264 . . . . . . . . . . . 0.4125 
'X-RAY DIFFRACTION' 3.16 30.50 . . 111 1001 98.41 . . . . 0.2567 . . . . . . . . . . . 0.2803 
# 
_struct.entry_id                     8QN2 
_struct.title                        'Helical foldamers as selective G-quadruplex ligands' 
_struct.pdbx_model_details           ? 
_struct.pdbx_formula_weight          ? 
_struct.pdbx_formula_weight_method   ? 
_struct.pdbx_model_type_details      ? 
_struct.pdbx_CASP_flag               N 
# 
_struct_keywords.entry_id        8QN2 
_struct_keywords.text            'Complex, Foldamer, G-quadruplex, GENE REGULATION' 
_struct_keywords.pdbx_keywords   'GENE REGULATION' 
# 
loop_
_struct_asym.id 
_struct_asym.pdbx_blank_PDB_chainid_flag 
_struct_asym.pdbx_modified 
_struct_asym.entity_id 
_struct_asym.details 
A N N 1 ? 
B N N 2 ? 
C N N 2 ? 
D N N 3 ? 
E N N 3 ? 
F N N 3 ? 
G N N 4 ? 
H N N 4 ? 
I N N 5 ? 
# 
loop_
_struct_ref.id 
_struct_ref.db_name 
_struct_ref.db_code 
_struct_ref.pdbx_db_accession 
_struct_ref.pdbx_db_isoform 
_struct_ref.entity_id 
_struct_ref.pdbx_seq_one_letter_code 
_struct_ref.pdbx_align_begin 
1 PDB 8QN2 8QN2 ? 1 ? 1 
2 PDB 8QN2 8QN2 ? 2 ? 1 
# 
loop_
_struct_ref_seq.align_id 
_struct_ref_seq.ref_id 
_struct_ref_seq.pdbx_PDB_id_code 
_struct_ref_seq.pdbx_strand_id 
_struct_ref_seq.seq_align_beg 
_struct_ref_seq.pdbx_seq_align_beg_ins_code 
_struct_ref_seq.seq_align_end 
_struct_ref_seq.pdbx_seq_align_end_ins_code 
_struct_ref_seq.pdbx_db_accession 
_struct_ref_seq.db_align_beg 
_struct_ref_seq.pdbx_db_align_beg_ins_code 
_struct_ref_seq.db_align_end 
_struct_ref_seq.pdbx_db_align_end_ins_code 
_struct_ref_seq.pdbx_auth_seq_align_beg 
_struct_ref_seq.pdbx_auth_seq_align_end 
1 1 8QN2 A 1 ? 20 ? 8QN2 1   ? 20  ? 1   20  
2 2 8QN2 B 1 ? 5  ? 8QN2 106 ? 110 ? 106 110 
3 2 8QN2 C 1 ? 5  ? 8QN2 111 ? 115 ? 111 115 
# 
_pdbx_struct_assembly.id                   1 
_pdbx_struct_assembly.details              author_defined_assembly 
_pdbx_struct_assembly.method_details       ? 
_pdbx_struct_assembly.oligomeric_details   trimeric 
_pdbx_struct_assembly.oligomeric_count     3 
# 
_pdbx_struct_assembly_gen.assembly_id       1 
_pdbx_struct_assembly_gen.oper_expression   1 
_pdbx_struct_assembly_gen.asym_id_list      A,B,C,D,E,F,G,H,I 
# 
_pdbx_struct_assembly_auth_evidence.id                     1 
_pdbx_struct_assembly_auth_evidence.assembly_id            1 
_pdbx_struct_assembly_auth_evidence.experimental_support   'NMR Distance Restraints' 
_pdbx_struct_assembly_auth_evidence.details                ? 
# 
_pdbx_struct_oper_list.id                   1 
_pdbx_struct_oper_list.type                 'identity operation' 
_pdbx_struct_oper_list.name                 1_555 
_pdbx_struct_oper_list.symmetry_operation   x,y,z 
_pdbx_struct_oper_list.matrix[1][1]         1.0000000000 
_pdbx_struct_oper_list.matrix[1][2]         0.0000000000 
_pdbx_struct_oper_list.matrix[1][3]         0.0000000000 
_pdbx_struct_oper_list.vector[1]            0.0000000000 
_pdbx_struct_oper_list.matrix[2][1]         0.0000000000 
_pdbx_struct_oper_list.matrix[2][2]         1.0000000000 
_pdbx_struct_oper_list.matrix[2][3]         0.0000000000 
_pdbx_struct_oper_list.vector[2]            0.0000000000 
_pdbx_struct_oper_list.matrix[3][1]         0.0000000000 
_pdbx_struct_oper_list.matrix[3][2]         0.0000000000 
_pdbx_struct_oper_list.matrix[3][3]         1.0000000000 
_pdbx_struct_oper_list.vector[3]            0.0000000000 
# 
loop_
_struct_conn.id 
_struct_conn.conn_type_id 
_struct_conn.pdbx_leaving_atom_flag 
_struct_conn.pdbx_PDB_id 
_struct_conn.ptnr1_label_asym_id 
_struct_conn.ptnr1_label_comp_id 
_struct_conn.ptnr1_label_seq_id 
_struct_conn.ptnr1_label_atom_id 
_struct_conn.pdbx_ptnr1_label_alt_id 
_struct_conn.pdbx_ptnr1_PDB_ins_code 
_struct_conn.pdbx_ptnr1_standard_comp_id 
_struct_conn.ptnr1_symmetry 
_struct_conn.ptnr2_label_asym_id 
_struct_conn.ptnr2_label_comp_id 
_struct_conn.ptnr2_label_seq_id 
_struct_conn.ptnr2_label_atom_id 
_struct_conn.pdbx_ptnr2_label_alt_id 
_struct_conn.pdbx_ptnr2_PDB_ins_code 
_struct_conn.ptnr1_auth_asym_id 
_struct_conn.ptnr1_auth_comp_id 
_struct_conn.ptnr1_auth_seq_id 
_struct_conn.ptnr2_auth_asym_id 
_struct_conn.ptnr2_auth_comp_id 
_struct_conn.ptnr2_auth_seq_id 
_struct_conn.ptnr2_symmetry 
_struct_conn.pdbx_ptnr3_label_atom_id 
_struct_conn.pdbx_ptnr3_label_seq_id 
_struct_conn.pdbx_ptnr3_label_comp_id 
_struct_conn.pdbx_ptnr3_label_asym_id 
_struct_conn.pdbx_ptnr3_label_alt_id 
_struct_conn.pdbx_ptnr3_PDB_ins_code 
_struct_conn.details 
_struct_conn.pdbx_dist_value 
_struct_conn.pdbx_value_order 
_struct_conn.pdbx_role 
covale1  covale both ? B ACE 1  C  ? ? ? 1_555 B QUK 2  N  ? ? B ACE 106 B QUK 107 1_555 ? ? ? ? ? ? ?               1.357 ? ? 
covale2  covale both ? B QUK 2  C  ? ? ? 1_555 B QUK 3  N  ? ? B QUK 107 B QUK 108 1_555 ? ? ? ? ? ? ?               1.351 ? ? 
covale3  covale both ? B QUK 3  C  ? ? ? 1_555 B ZY9 4  N  ? ? B QUK 108 B ZY9 109 1_555 ? ? ? ? ? ? ?               1.374 ? ? 
covale4  covale both ? B ZY9 4  C  ? ? ? 1_555 B QUK 5  N  ? ? B ZY9 109 B QUK 110 1_555 ? ? ? ? ? ? ?               1.351 ? ? 
covale5  covale both ? C ACE 1  C  ? ? ? 1_555 C QUK 2  N  ? ? C ACE 111 C QUK 112 1_555 ? ? ? ? ? ? ?               1.341 ? ? 
covale6  covale both ? C QUK 2  C  ? ? ? 1_555 C QUK 3  N  ? ? C QUK 112 C QUK 113 1_555 ? ? ? ? ? ? ?               1.344 ? ? 
covale7  covale both ? C QUK 3  C  ? ? ? 1_555 C ZY9 4  N  ? ? C QUK 113 C ZY9 114 1_555 ? ? ? ? ? ? ?               1.341 ? ? 
covale8  covale both ? C ZY9 4  C  ? ? ? 1_555 C QUK 5  N  ? ? C ZY9 114 C QUK 115 1_555 ? ? ? ? ? ? ?               1.352 ? ? 
metalc1  metalc ?    ? A DG  2  O6 ? ? ? 1_555 E K   .  K  ? ? A DG  2   A K   102 1_555 ? ? ? ? ? ? ?               2.886 ? ? 
metalc2  metalc ?    ? A DG  2  O6 ? ? ? 1_555 F K   .  K  ? ? A DG  2   A K   103 1_555 ? ? ? ? ? ? ?               2.923 ? ? 
metalc3  metalc ?    ? A DG  2  O6 ? ? ? 1_555 F K   .  K  ? ? A DG  2   A K   103 2_555 ? ? ? ? ? ? ?               2.601 ? ? 
metalc4  metalc ?    ? A DG  3  O6 ? ? ? 1_555 D K   .  K  ? ? A DG  3   A K   101 1_555 ? ? ? ? ? ? ?               2.887 ? ? 
metalc5  metalc ?    ? A DG  3  O6 ? ? ? 1_555 E K   .  K  ? ? A DG  3   A K   102 1_555 ? ? ? ? ? ? ?               2.776 ? ? 
metalc6  metalc ?    ? A DG  4  O6 ? ? ? 1_555 D K   .  K  ? ? A DG  4   A K   101 1_555 ? ? ? ? ? ? ?               2.687 ? ? 
metalc7  metalc ?    ? A DG  7  O6 ? ? ? 1_555 E K   .  K  ? ? A DG  7   A K   102 1_555 ? ? ? ? ? ? ?               2.657 ? ? 
metalc8  metalc ?    ? A DG  7  O6 ? ? ? 1_555 F K   .  K  ? ? A DG  7   A K   103 1_555 ? ? ? ? ? ? ?               2.557 ? ? 
metalc9  metalc ?    ? A DG  7  O6 ? ? ? 1_555 F K   .  K  ? ? A DG  7   A K   103 2_555 ? ? ? ? ? ? ?               2.956 ? ? 
metalc10 metalc ?    ? A DG  8  O6 ? ? ? 1_555 D K   .  K  ? ? A DG  8   A K   101 1_555 ? ? ? ? ? ? ?               2.868 ? ? 
metalc11 metalc ?    ? A DG  8  O6 ? ? ? 1_555 E K   .  K  ? ? A DG  8   A K   102 1_555 ? ? ? ? ? ? ?               2.975 ? ? 
metalc12 metalc ?    ? A DG  9  O6 ? ? ? 1_555 D K   .  K  ? ? A DG  9   A K   101 1_555 ? ? ? ? ? ? ?               2.721 ? ? 
metalc13 metalc ?    ? A DG  12 O6 ? ? ? 1_555 E K   .  K  ? ? A DG  12  A K   102 1_555 ? ? ? ? ? ? ?               2.828 ? ? 
metalc14 metalc ?    ? A DG  12 O6 ? ? ? 1_555 F K   .  K  ? ? A DG  12  A K   103 1_555 ? ? ? ? ? ? ?               2.728 ? ? 
metalc15 metalc ?    ? A DG  12 O6 ? ? ? 1_555 F K   .  K  ? ? A DG  12  A K   103 2_555 ? ? ? ? ? ? ?               2.767 ? ? 
metalc16 metalc ?    ? A DG  13 O6 ? ? ? 1_555 D K   .  K  ? ? A DG  13  A K   101 1_555 ? ? ? ? ? ? ?               3.358 ? ? 
metalc17 metalc ?    ? A DG  13 O6 ? ? ? 1_555 E K   .  K  ? ? A DG  13  A K   102 1_555 ? ? ? ? ? ? ?               3.287 ? ? 
metalc18 metalc ?    ? A DG  14 O6 ? ? ? 1_555 D K   .  K  ? ? A DG  14  A K   101 1_555 ? ? ? ? ? ? ?               3.002 ? ? 
metalc19 metalc ?    ? A DG  17 O6 ? ? ? 1_555 E K   .  K  ? ? A DG  17  A K   102 1_555 ? ? ? ? ? ? ?               2.953 ? ? 
metalc20 metalc ?    ? A DG  17 O6 ? ? ? 1_555 F K   .  K  ? ? A DG  17  A K   103 1_555 ? ? ? ? ? ? ?               3.302 ? ? 
metalc21 metalc ?    ? A DG  17 O6 ? ? ? 1_555 F K   .  K  ? ? A DG  17  A K   103 2_555 ? ? ? ? ? ? ?               2.547 ? ? 
metalc22 metalc ?    ? A DG  18 O6 ? ? ? 1_555 D K   .  K  ? ? A DG  18  A K   101 1_555 ? ? ? ? ? ? ?               2.836 ? ? 
metalc23 metalc ?    ? A DG  18 O6 ? ? ? 1_555 E K   .  K  ? ? A DG  18  A K   102 1_555 ? ? ? ? ? ? ?               2.783 ? ? 
metalc24 metalc ?    ? A DG  19 O6 ? ? ? 1_555 D K   .  K  ? ? A DG  19  A K   101 1_555 ? ? ? ? ? ? ?               2.707 ? ? 
hydrog1  hydrog ?    ? A DG  2  N1 ? ? ? 1_555 A DG  7  O6 ? ? A DG  2   A DG  7   1_555 ? ? ? ? ? ? TYPE_6_PAIR     ?     ? ? 
hydrog2  hydrog ?    ? A DG  2  N2 ? ? ? 1_555 A DG  7  N7 ? ? A DG  2   A DG  7   1_555 ? ? ? ? ? ? TYPE_6_PAIR     ?     ? ? 
hydrog3  hydrog ?    ? A DG  2  N7 ? ? ? 1_555 A DG  17 N2 ? ? A DG  2   A DG  17  1_555 ? ? ? ? ? ? TYPE_6_PAIR     ?     ? ? 
hydrog4  hydrog ?    ? A DG  2  O6 ? ? ? 1_555 A DG  17 N1 ? ? A DG  2   A DG  17  1_555 ? ? ? ? ? ? TYPE_6_PAIR     ?     ? ? 
hydrog5  hydrog ?    ? A DG  3  N1 ? ? ? 1_555 A DG  8  O6 ? ? A DG  3   A DG  8   1_555 ? ? ? ? ? ? TYPE_6_PAIR     ?     ? ? 
hydrog6  hydrog ?    ? A DG  3  N2 ? ? ? 1_555 A DG  8  N7 ? ? A DG  3   A DG  8   1_555 ? ? ? ? ? ? TYPE_6_PAIR     ?     ? ? 
hydrog7  hydrog ?    ? A DG  3  N7 ? ? ? 1_555 A DG  18 N2 ? ? A DG  3   A DG  18  1_555 ? ? ? ? ? ? TYPE_6_PAIR     ?     ? ? 
hydrog8  hydrog ?    ? A DG  3  O6 ? ? ? 1_555 A DG  18 N1 ? ? A DG  3   A DG  18  1_555 ? ? ? ? ? ? TYPE_6_PAIR     ?     ? ? 
hydrog9  hydrog ?    ? A DG  4  N1 ? ? ? 1_555 A DG  9  O6 ? ? A DG  4   A DG  9   1_555 ? ? ? ? ? ? TYPE_6_PAIR     ?     ? ? 
hydrog10 hydrog ?    ? A DG  4  N2 ? ? ? 1_555 A DG  9  N7 ? ? A DG  4   A DG  9   1_555 ? ? ? ? ? ? TYPE_6_PAIR     ?     ? ? 
hydrog11 hydrog ?    ? A DG  4  N7 ? ? ? 1_555 A DG  19 N2 ? ? A DG  4   A DG  19  1_555 ? ? ? ? ? ? TYPE_6_PAIR     ?     ? ? 
hydrog12 hydrog ?    ? A DG  4  O6 ? ? ? 1_555 A DG  19 N1 ? ? A DG  4   A DG  19  1_555 ? ? ? ? ? ? TYPE_6_PAIR     ?     ? ? 
hydrog13 hydrog ?    ? A DG  7  N1 ? ? ? 1_555 A DG  12 O6 ? ? A DG  7   A DG  12  1_555 ? ? ? ? ? ? TYPE_6_PAIR     ?     ? ? 
hydrog14 hydrog ?    ? A DG  7  N2 ? ? ? 1_555 A DG  12 N7 ? ? A DG  7   A DG  12  1_555 ? ? ? ? ? ? TYPE_6_PAIR     ?     ? ? 
hydrog15 hydrog ?    ? A DG  8  N1 ? ? ? 1_555 A DG  13 O6 ? ? A DG  8   A DG  13  1_555 ? ? ? ? ? ? TYPE_6_PAIR     ?     ? ? 
hydrog16 hydrog ?    ? A DG  8  N2 ? ? ? 1_555 A DG  13 N7 ? ? A DG  8   A DG  13  1_555 ? ? ? ? ? ? TYPE_6_PAIR     ?     ? ? 
hydrog17 hydrog ?    ? A DG  9  N1 ? ? ? 1_555 A DG  14 O6 ? ? A DG  9   A DG  14  1_555 ? ? ? ? ? ? TYPE_6_PAIR     ?     ? ? 
hydrog18 hydrog ?    ? A DG  9  N2 ? ? ? 1_555 A DG  14 N7 ? ? A DG  9   A DG  14  1_555 ? ? ? ? ? ? TYPE_6_PAIR     ?     ? ? 
hydrog19 hydrog ?    ? A DG  12 N1 ? ? ? 1_555 A DG  17 O6 ? ? A DG  12  A DG  17  1_555 ? ? ? ? ? ? TYPE_6_PAIR     ?     ? ? 
hydrog20 hydrog ?    ? A DG  12 N2 ? ? ? 1_555 A DG  17 N7 ? ? A DG  12  A DG  17  1_555 ? ? ? ? ? ? TYPE_6_PAIR     ?     ? ? 
hydrog21 hydrog ?    ? A DG  13 N2 ? ? ? 1_555 A DG  18 N7 ? ? A DG  13  A DG  18  1_555 ? ? ? ? ? ? 'DG-DG MISPAIR' ?     ? ? 
hydrog22 hydrog ?    ? A DG  14 N1 ? ? ? 1_555 A DG  19 O6 ? ? A DG  14  A DG  19  1_555 ? ? ? ? ? ? TYPE_6_PAIR     ?     ? ? 
hydrog23 hydrog ?    ? A DG  14 N2 ? ? ? 1_555 A DG  19 N7 ? ? A DG  14  A DG  19  1_555 ? ? ? ? ? ? TYPE_6_PAIR     ?     ? ? 
# 
loop_
_struct_conn_type.id 
_struct_conn_type.criteria 
_struct_conn_type.reference 
covale ? ? 
metalc ? ? 
hydrog ? ? 
# 
loop_
_pdbx_struct_conn_angle.id 
_pdbx_struct_conn_angle.ptnr1_label_atom_id 
_pdbx_struct_conn_angle.ptnr1_label_alt_id 
_pdbx_struct_conn_angle.ptnr1_label_asym_id 
_pdbx_struct_conn_angle.ptnr1_label_comp_id 
_pdbx_struct_conn_angle.ptnr1_label_seq_id 
_pdbx_struct_conn_angle.ptnr1_auth_atom_id 
_pdbx_struct_conn_angle.ptnr1_auth_asym_id 
_pdbx_struct_conn_angle.ptnr1_auth_comp_id 
_pdbx_struct_conn_angle.ptnr1_auth_seq_id 
_pdbx_struct_conn_angle.ptnr1_PDB_ins_code 
_pdbx_struct_conn_angle.ptnr1_symmetry 
_pdbx_struct_conn_angle.ptnr2_label_atom_id 
_pdbx_struct_conn_angle.ptnr2_label_alt_id 
_pdbx_struct_conn_angle.ptnr2_label_asym_id 
_pdbx_struct_conn_angle.ptnr2_label_comp_id 
_pdbx_struct_conn_angle.ptnr2_label_seq_id 
_pdbx_struct_conn_angle.ptnr2_auth_atom_id 
_pdbx_struct_conn_angle.ptnr2_auth_asym_id 
_pdbx_struct_conn_angle.ptnr2_auth_comp_id 
_pdbx_struct_conn_angle.ptnr2_auth_seq_id 
_pdbx_struct_conn_angle.ptnr2_PDB_ins_code 
_pdbx_struct_conn_angle.ptnr2_symmetry 
_pdbx_struct_conn_angle.ptnr3_label_atom_id 
_pdbx_struct_conn_angle.ptnr3_label_alt_id 
_pdbx_struct_conn_angle.ptnr3_label_asym_id 
_pdbx_struct_conn_angle.ptnr3_label_comp_id 
_pdbx_struct_conn_angle.ptnr3_label_seq_id 
_pdbx_struct_conn_angle.ptnr3_auth_atom_id 
_pdbx_struct_conn_angle.ptnr3_auth_asym_id 
_pdbx_struct_conn_angle.ptnr3_auth_comp_id 
_pdbx_struct_conn_angle.ptnr3_auth_seq_id 
_pdbx_struct_conn_angle.ptnr3_PDB_ins_code 
_pdbx_struct_conn_angle.ptnr3_symmetry 
_pdbx_struct_conn_angle.value 
_pdbx_struct_conn_angle.value_esd 
1  O6 ? A DG 2  ? A DG 2  ? 1_555 K ? E K . ? A K 102 ? 1_555 O6 ? A DG 3  ? A DG 3  ? 1_555 73.7  ? 
2  O6 ? A DG 2  ? A DG 2  ? 1_555 K ? E K . ? A K 102 ? 1_555 O6 ? A DG 7  ? A DG 7  ? 1_555 66.9  ? 
3  O6 ? A DG 3  ? A DG 3  ? 1_555 K ? E K . ? A K 102 ? 1_555 O6 ? A DG 7  ? A DG 7  ? 1_555 98.0  ? 
4  O6 ? A DG 2  ? A DG 2  ? 1_555 K ? E K . ? A K 102 ? 1_555 O6 ? A DG 8  ? A DG 8  ? 1_555 131.2 ? 
5  O6 ? A DG 3  ? A DG 3  ? 1_555 K ? E K . ? A K 102 ? 1_555 O6 ? A DG 8  ? A DG 8  ? 1_555 77.3  ? 
6  O6 ? A DG 7  ? A DG 7  ? 1_555 K ? E K . ? A K 102 ? 1_555 O6 ? A DG 8  ? A DG 8  ? 1_555 79.5  ? 
7  O6 ? A DG 2  ? A DG 2  ? 1_555 K ? E K . ? A K 102 ? 1_555 O6 ? A DG 12 ? A DG 12 ? 1_555 101.8 ? 
8  O6 ? A DG 3  ? A DG 3  ? 1_555 K ? E K . ? A K 102 ? 1_555 O6 ? A DG 12 ? A DG 12 ? 1_555 163.0 ? 
9  O6 ? A DG 7  ? A DG 7  ? 1_555 K ? E K . ? A K 102 ? 1_555 O6 ? A DG 12 ? A DG 12 ? 1_555 65.5  ? 
10 O6 ? A DG 8  ? A DG 8  ? 1_555 K ? E K . ? A K 102 ? 1_555 O6 ? A DG 12 ? A DG 12 ? 1_555 94.7  ? 
11 O6 ? A DG 2  ? A DG 2  ? 1_555 K ? E K . ? A K 102 ? 1_555 O6 ? A DG 13 ? A DG 13 ? 1_555 152.3 ? 
12 O6 ? A DG 3  ? A DG 3  ? 1_555 K ? E K . ? A K 102 ? 1_555 O6 ? A DG 13 ? A DG 13 ? 1_555 115.7 ? 
13 O6 ? A DG 7  ? A DG 7  ? 1_555 K ? E K . ? A K 102 ? 1_555 O6 ? A DG 13 ? A DG 13 ? 1_555 132.1 ? 
14 O6 ? A DG 8  ? A DG 8  ? 1_555 K ? E K . ? A K 102 ? 1_555 O6 ? A DG 13 ? A DG 13 ? 1_555 76.2  ? 
15 O6 ? A DG 12 ? A DG 12 ? 1_555 K ? E K . ? A K 102 ? 1_555 O6 ? A DG 13 ? A DG 13 ? 1_555 76.0  ? 
16 O6 ? A DG 2  ? A DG 2  ? 1_555 K ? E K . ? A K 102 ? 1_555 O6 ? A DG 17 ? A DG 17 ? 1_555 71.7  ? 
17 O6 ? A DG 3  ? A DG 3  ? 1_555 K ? E K . ? A K 102 ? 1_555 O6 ? A DG 17 ? A DG 17 ? 1_555 124.6 ? 
18 O6 ? A DG 7  ? A DG 7  ? 1_555 K ? E K . ? A K 102 ? 1_555 O6 ? A DG 17 ? A DG 17 ? 1_555 106.3 ? 
19 O6 ? A DG 8  ? A DG 8  ? 1_555 K ? E K . ? A K 102 ? 1_555 O6 ? A DG 17 ? A DG 17 ? 1_555 154.9 ? 
20 O6 ? A DG 12 ? A DG 12 ? 1_555 K ? E K . ? A K 102 ? 1_555 O6 ? A DG 17 ? A DG 17 ? 1_555 67.2  ? 
21 O6 ? A DG 13 ? A DG 13 ? 1_555 K ? E K . ? A K 102 ? 1_555 O6 ? A DG 17 ? A DG 17 ? 1_555 82.3  ? 
22 O6 ? A DG 2  ? A DG 2  ? 1_555 K ? E K . ? A K 102 ? 1_555 O6 ? A DG 18 ? A DG 18 ? 1_555 85.0  ? 
23 O6 ? A DG 3  ? A DG 3  ? 1_555 K ? E K . ? A K 102 ? 1_555 O6 ? A DG 18 ? A DG 18 ? 1_555 52.8  ? 
24 O6 ? A DG 7  ? A DG 7  ? 1_555 K ? E K . ? A K 102 ? 1_555 O6 ? A DG 18 ? A DG 18 ? 1_555 145.2 ? 
25 O6 ? A DG 8  ? A DG 8  ? 1_555 K ? E K . ? A K 102 ? 1_555 O6 ? A DG 18 ? A DG 18 ? 1_555 107.3 ? 
26 O6 ? A DG 12 ? A DG 12 ? 1_555 K ? E K . ? A K 102 ? 1_555 O6 ? A DG 18 ? A DG 18 ? 1_555 144.1 ? 
27 O6 ? A DG 13 ? A DG 13 ? 1_555 K ? E K . ? A K 102 ? 1_555 O6 ? A DG 18 ? A DG 18 ? 1_555 82.0  ? 
28 O6 ? A DG 17 ? A DG 17 ? 1_555 K ? E K . ? A K 102 ? 1_555 O6 ? A DG 18 ? A DG 18 ? 1_555 82.2  ? 
29 O6 ? A DG 2  ? A DG 2  ? 1_555 K ? F K . ? A K 103 ? 1_555 O6 ? A DG 2  ? A DG 2  ? 1_555 0.0   ? 
30 O6 ? A DG 2  ? A DG 2  ? 1_555 K ? F K . ? A K 103 ? 1_555 O6 ? A DG 7  ? A DG 7  ? 1_555 67.5  ? 
31 O6 ? A DG 2  ? A DG 2  ? 1_555 K ? F K . ? A K 103 ? 1_555 O6 ? A DG 7  ? A DG 7  ? 1_555 67.5  ? 
32 O6 ? A DG 2  ? A DG 2  ? 1_555 K ? F K . ? A K 103 ? 1_555 O6 ? A DG 7  ? A DG 7  ? 1_555 67.5  ? 
33 O6 ? A DG 2  ? A DG 2  ? 1_555 K ? F K . ? A K 103 ? 1_555 O6 ? A DG 7  ? A DG 7  ? 1_555 67.5  ? 
34 O6 ? A DG 7  ? A DG 7  ? 1_555 K ? F K . ? A K 103 ? 1_555 O6 ? A DG 7  ? A DG 7  ? 1_555 0.0   ? 
35 O6 ? A DG 2  ? A DG 2  ? 1_555 K ? F K . ? A K 103 ? 1_555 O6 ? A DG 12 ? A DG 12 ? 1_555 103.4 ? 
36 O6 ? A DG 2  ? A DG 2  ? 1_555 K ? F K . ? A K 103 ? 1_555 O6 ? A DG 12 ? A DG 12 ? 1_555 103.4 ? 
37 O6 ? A DG 7  ? A DG 7  ? 1_555 K ? F K . ? A K 103 ? 1_555 O6 ? A DG 12 ? A DG 12 ? 1_555 68.3  ? 
38 O6 ? A DG 7  ? A DG 7  ? 1_555 K ? F K . ? A K 103 ? 1_555 O6 ? A DG 12 ? A DG 12 ? 1_555 68.3  ? 
39 O6 ? A DG 2  ? A DG 2  ? 1_555 K ? F K . ? A K 103 ? 1_555 O6 ? A DG 12 ? A DG 12 ? 1_555 103.4 ? 
40 O6 ? A DG 2  ? A DG 2  ? 1_555 K ? F K . ? A K 103 ? 1_555 O6 ? A DG 12 ? A DG 12 ? 1_555 103.4 ? 
41 O6 ? A DG 7  ? A DG 7  ? 1_555 K ? F K . ? A K 103 ? 1_555 O6 ? A DG 12 ? A DG 12 ? 1_555 68.3  ? 
42 O6 ? A DG 7  ? A DG 7  ? 1_555 K ? F K . ? A K 103 ? 1_555 O6 ? A DG 12 ? A DG 12 ? 1_555 68.3  ? 
43 O6 ? A DG 12 ? A DG 12 ? 1_555 K ? F K . ? A K 103 ? 1_555 O6 ? A DG 12 ? A DG 12 ? 1_555 0.0   ? 
44 O6 ? A DG 2  ? A DG 2  ? 1_555 K ? F K . ? A K 103 ? 1_555 O6 ? A DG 17 ? A DG 17 ? 1_555 66.3  ? 
45 O6 ? A DG 2  ? A DG 2  ? 1_555 K ? F K . ? A K 103 ? 1_555 O6 ? A DG 17 ? A DG 17 ? 1_555 66.3  ? 
46 O6 ? A DG 7  ? A DG 7  ? 1_555 K ? F K . ? A K 103 ? 1_555 O6 ? A DG 17 ? A DG 17 ? 1_555 99.4  ? 
47 O6 ? A DG 7  ? A DG 7  ? 1_555 K ? F K . ? A K 103 ? 1_555 O6 ? A DG 17 ? A DG 17 ? 1_555 99.4  ? 
48 O6 ? A DG 12 ? A DG 12 ? 1_555 K ? F K . ? A K 103 ? 1_555 O6 ? A DG 17 ? A DG 17 ? 1_555 63.3  ? 
49 O6 ? A DG 12 ? A DG 12 ? 1_555 K ? F K . ? A K 103 ? 1_555 O6 ? A DG 17 ? A DG 17 ? 1_555 63.3  ? 
50 O6 ? A DG 2  ? A DG 2  ? 1_555 K ? F K . ? A K 103 ? 1_555 O6 ? A DG 17 ? A DG 17 ? 1_555 66.3  ? 
51 O6 ? A DG 2  ? A DG 2  ? 1_555 K ? F K . ? A K 103 ? 1_555 O6 ? A DG 17 ? A DG 17 ? 1_555 66.3  ? 
52 O6 ? A DG 7  ? A DG 7  ? 1_555 K ? F K . ? A K 103 ? 1_555 O6 ? A DG 17 ? A DG 17 ? 1_555 99.4  ? 
53 O6 ? A DG 7  ? A DG 7  ? 1_555 K ? F K . ? A K 103 ? 1_555 O6 ? A DG 17 ? A DG 17 ? 1_555 99.4  ? 
54 O6 ? A DG 12 ? A DG 12 ? 1_555 K ? F K . ? A K 103 ? 1_555 O6 ? A DG 17 ? A DG 17 ? 1_555 63.3  ? 
55 O6 ? A DG 12 ? A DG 12 ? 1_555 K ? F K . ? A K 103 ? 1_555 O6 ? A DG 17 ? A DG 17 ? 1_555 63.3  ? 
56 O6 ? A DG 17 ? A DG 17 ? 1_555 K ? F K . ? A K 103 ? 1_555 O6 ? A DG 17 ? A DG 17 ? 1_555 0.0   ? 
57 O6 ? A DG 3  ? A DG 3  ? 1_555 K ? D K . ? A K 101 ? 1_555 O6 ? A DG 4  ? A DG 4  ? 1_555 72.5  ? 
58 O6 ? A DG 3  ? A DG 3  ? 1_555 K ? D K . ? A K 101 ? 1_555 O6 ? A DG 8  ? A DG 8  ? 1_555 77.3  ? 
59 O6 ? A DG 4  ? A DG 4  ? 1_555 K ? D K . ? A K 101 ? 1_555 O6 ? A DG 8  ? A DG 8  ? 1_555 90.6  ? 
60 O6 ? A DG 3  ? A DG 3  ? 1_555 K ? D K . ? A K 101 ? 1_555 O6 ? A DG 9  ? A DG 9  ? 1_555 131.8 ? 
61 O6 ? A DG 4  ? A DG 4  ? 1_555 K ? D K . ? A K 101 ? 1_555 O6 ? A DG 9  ? A DG 9  ? 1_555 81.5  ? 
62 O6 ? A DG 8  ? A DG 8  ? 1_555 K ? D K . ? A K 101 ? 1_555 O6 ? A DG 9  ? A DG 9  ? 1_555 62.9  ? 
63 O6 ? A DG 3  ? A DG 3  ? 1_555 K ? D K . ? A K 101 ? 1_555 O6 ? A DG 13 ? A DG 13 ? 1_555 110.6 ? 
64 O6 ? A DG 4  ? A DG 4  ? 1_555 K ? D K . ? A K 101 ? 1_555 O6 ? A DG 13 ? A DG 13 ? 1_555 165.3 ? 
65 O6 ? A DG 8  ? A DG 8  ? 1_555 K ? D K . ? A K 101 ? 1_555 O6 ? A DG 13 ? A DG 13 ? 1_555 76.5  ? 
66 O6 ? A DG 9  ? A DG 9  ? 1_555 K ? D K . ? A K 101 ? 1_555 O6 ? A DG 13 ? A DG 13 ? 1_555 86.4  ? 
67 O6 ? A DG 3  ? A DG 3  ? 1_555 K ? D K . ? A K 101 ? 1_555 O6 ? A DG 14 ? A DG 14 ? 1_555 148.4 ? 
68 O6 ? A DG 4  ? A DG 4  ? 1_555 K ? D K . ? A K 101 ? 1_555 O6 ? A DG 14 ? A DG 14 ? 1_555 116.1 ? 
69 O6 ? A DG 8  ? A DG 8  ? 1_555 K ? D K . ? A K 101 ? 1_555 O6 ? A DG 14 ? A DG 14 ? 1_555 130.2 ? 
70 O6 ? A DG 9  ? A DG 9  ? 1_555 K ? D K . ? A K 101 ? 1_555 O6 ? A DG 14 ? A DG 14 ? 1_555 79.6  ? 
71 O6 ? A DG 13 ? A DG 13 ? 1_555 K ? D K . ? A K 101 ? 1_555 O6 ? A DG 14 ? A DG 14 ? 1_555 69.3  ? 
72 O6 ? A DG 3  ? A DG 3  ? 1_555 K ? D K . ? A K 101 ? 1_555 O6 ? A DG 18 ? A DG 18 ? 1_555 51.1  ? 
73 O6 ? A DG 4  ? A DG 4  ? 1_555 K ? D K . ? A K 101 ? 1_555 O6 ? A DG 18 ? A DG 18 ? 1_555 111.3 ? 
74 O6 ? A DG 8  ? A DG 8  ? 1_555 K ? D K . ? A K 101 ? 1_555 O6 ? A DG 18 ? A DG 18 ? 1_555 108.8 ? 
75 O6 ? A DG 9  ? A DG 9  ? 1_555 K ? D K . ? A K 101 ? 1_555 O6 ? A DG 18 ? A DG 18 ? 1_555 165.5 ? 
76 O6 ? A DG 13 ? A DG 13 ? 1_555 K ? D K . ? A K 101 ? 1_555 O6 ? A DG 18 ? A DG 18 ? 1_555 79.9  ? 
77 O6 ? A DG 14 ? A DG 14 ? 1_555 K ? D K . ? A K 101 ? 1_555 O6 ? A DG 18 ? A DG 18 ? 1_555 99.7  ? 
78 O6 ? A DG 3  ? A DG 3  ? 1_555 K ? D K . ? A K 101 ? 1_555 O6 ? A DG 19 ? A DG 19 ? 1_555 88.8  ? 
79 O6 ? A DG 4  ? A DG 4  ? 1_555 K ? D K . ? A K 101 ? 1_555 O6 ? A DG 19 ? A DG 19 ? 1_555 78.0  ? 
80 O6 ? A DG 8  ? A DG 8  ? 1_555 K ? D K . ? A K 101 ? 1_555 O6 ? A DG 19 ? A DG 19 ? 1_555 164.3 ? 
81 O6 ? A DG 9  ? A DG 9  ? 1_555 K ? D K . ? A K 101 ? 1_555 O6 ? A DG 19 ? A DG 19 ? 1_555 124.8 ? 
82 O6 ? A DG 13 ? A DG 13 ? 1_555 K ? D K . ? A K 101 ? 1_555 O6 ? A DG 19 ? A DG 19 ? 1_555 116.0 ? 
83 O6 ? A DG 14 ? A DG 14 ? 1_555 K ? D K . ? A K 101 ? 1_555 O6 ? A DG 19 ? A DG 19 ? 1_555 65.2  ? 
84 O6 ? A DG 18 ? A DG 18 ? 1_555 K ? D K . ? A K 101 ? 1_555 O6 ? A DG 19 ? A DG 19 ? 1_555 66.5  ? 
# 
loop_
_pdbx_modification_feature.ordinal 
_pdbx_modification_feature.label_comp_id 
_pdbx_modification_feature.label_asym_id 
_pdbx_modification_feature.label_seq_id 
_pdbx_modification_feature.label_alt_id 
_pdbx_modification_feature.modified_residue_label_comp_id 
_pdbx_modification_feature.modified_residue_label_asym_id 
_pdbx_modification_feature.modified_residue_label_seq_id 
_pdbx_modification_feature.modified_residue_label_alt_id 
_pdbx_modification_feature.auth_comp_id 
_pdbx_modification_feature.auth_asym_id 
_pdbx_modification_feature.auth_seq_id 
_pdbx_modification_feature.PDB_ins_code 
_pdbx_modification_feature.symmetry 
_pdbx_modification_feature.modified_residue_auth_comp_id 
_pdbx_modification_feature.modified_residue_auth_asym_id 
_pdbx_modification_feature.modified_residue_auth_seq_id 
_pdbx_modification_feature.modified_residue_PDB_ins_code 
_pdbx_modification_feature.modified_residue_symmetry 
_pdbx_modification_feature.comp_id_linking_atom 
_pdbx_modification_feature.modified_residue_id_linking_atom 
_pdbx_modification_feature.modified_residue_id 
_pdbx_modification_feature.ref_pcm_id 
_pdbx_modification_feature.ref_comp_id 
_pdbx_modification_feature.type 
_pdbx_modification_feature.category 
1  QUK B 2 ? .   . . . QUK B 107 ? 1_555 .   . .   . .     . . ?   1  QUK None 'Non-standard residue' 
2  QUK B 3 ? .   . . . QUK B 108 ? 1_555 .   . .   . .     . . ?   1  QUK None 'Non-standard residue' 
3  ZY9 B 4 ? .   . . . ZY9 B 109 ? 1_555 .   . .   . .     . . ?   1  ZY9 None 'Non-standard residue' 
4  QUK B 5 ? .   . . . QUK B 110 ? 1_555 .   . .   . .     . . ?   1  QUK None 'Non-standard residue' 
5  QUK C 2 ? .   . . . QUK C 112 ? 1_555 .   . .   . .     . . ?   1  QUK None 'Non-standard residue' 
6  QUK C 3 ? .   . . . QUK C 113 ? 1_555 .   . .   . .     . . ?   1  QUK None 'Non-standard residue' 
7  ZY9 C 4 ? .   . . . ZY9 C 114 ? 1_555 .   . .   . .     . . ?   1  ZY9 None 'Non-standard residue' 
8  QUK C 5 ? .   . . . QUK C 115 ? 1_555 .   . .   . .     . . ?   1  QUK None 'Non-standard residue' 
9  ACE B 1 ? QUK B 2 ? ACE B 106 ? 1_555 QUK B 107 ? 1_555 . . QUK 42 ACE None 'Terminal acetylation' 
10 ACE C 1 ? QUK C 2 ? ACE C 111 ? 1_555 QUK C 112 ? 1_555 . . QUK 42 ACE None 'Terminal acetylation' 
# 
_struct_mon_prot_cis.pdbx_id                1 
_struct_mon_prot_cis.label_comp_id          QUK 
_struct_mon_prot_cis.label_seq_id           3 
_struct_mon_prot_cis.label_asym_id          C 
_struct_mon_prot_cis.label_alt_id           . 
_struct_mon_prot_cis.pdbx_PDB_ins_code      ? 
_struct_mon_prot_cis.auth_comp_id           QUK 
_struct_mon_prot_cis.auth_seq_id            113 
_struct_mon_prot_cis.auth_asym_id           C 
_struct_mon_prot_cis.pdbx_label_comp_id_2   ZY9 
_struct_mon_prot_cis.pdbx_label_seq_id_2    4 
_struct_mon_prot_cis.pdbx_label_asym_id_2   C 
_struct_mon_prot_cis.pdbx_PDB_ins_code_2    ? 
_struct_mon_prot_cis.pdbx_auth_comp_id_2    ZY9 
_struct_mon_prot_cis.pdbx_auth_seq_id_2     114 
_struct_mon_prot_cis.pdbx_auth_asym_id_2    C 
_struct_mon_prot_cis.pdbx_PDB_model_num     1 
_struct_mon_prot_cis.pdbx_omega_angle       11.72 
# 
_pdbx_entry_details.entry_id                   8QN2 
_pdbx_entry_details.nonpolymer_details         ? 
_pdbx_entry_details.sequence_details           ? 
_pdbx_entry_details.compound_details           ? 
_pdbx_entry_details.source_details             ? 
_pdbx_entry_details.has_ligand_of_interest     Y 
_pdbx_entry_details.has_protein_modification   Y 
# 
_pdbx_validate_close_contact.id               1 
_pdbx_validate_close_contact.PDB_model_num    1 
_pdbx_validate_close_contact.auth_atom_id_1   H 
_pdbx_validate_close_contact.auth_asym_id_1   B 
_pdbx_validate_close_contact.auth_comp_id_1   ZY9 
_pdbx_validate_close_contact.auth_seq_id_1    109 
_pdbx_validate_close_contact.PDB_ins_code_1   ? 
_pdbx_validate_close_contact.label_alt_id_1   ? 
_pdbx_validate_close_contact.auth_atom_id_2   OXT 
_pdbx_validate_close_contact.auth_asym_id_2   B 
_pdbx_validate_close_contact.auth_comp_id_2   QUK 
_pdbx_validate_close_contact.auth_seq_id_2    110 
_pdbx_validate_close_contact.PDB_ins_code_2   ? 
_pdbx_validate_close_contact.label_alt_id_2   ? 
_pdbx_validate_close_contact.dist             1.52 
# 
loop_
_pdbx_validate_rmsd_angle.id 
_pdbx_validate_rmsd_angle.PDB_model_num 
_pdbx_validate_rmsd_angle.auth_atom_id_1 
_pdbx_validate_rmsd_angle.auth_asym_id_1 
_pdbx_validate_rmsd_angle.auth_comp_id_1 
_pdbx_validate_rmsd_angle.auth_seq_id_1 
_pdbx_validate_rmsd_angle.PDB_ins_code_1 
_pdbx_validate_rmsd_angle.label_alt_id_1 
_pdbx_validate_rmsd_angle.auth_atom_id_2 
_pdbx_validate_rmsd_angle.auth_asym_id_2 
_pdbx_validate_rmsd_angle.auth_comp_id_2 
_pdbx_validate_rmsd_angle.auth_seq_id_2 
_pdbx_validate_rmsd_angle.PDB_ins_code_2 
_pdbx_validate_rmsd_angle.label_alt_id_2 
_pdbx_validate_rmsd_angle.auth_atom_id_3 
_pdbx_validate_rmsd_angle.auth_asym_id_3 
_pdbx_validate_rmsd_angle.auth_comp_id_3 
_pdbx_validate_rmsd_angle.auth_seq_id_3 
_pdbx_validate_rmsd_angle.PDB_ins_code_3 
_pdbx_validate_rmsd_angle.label_alt_id_3 
_pdbx_validate_rmsd_angle.angle_value 
_pdbx_validate_rmsd_angle.angle_target_value 
_pdbx_validate_rmsd_angle.angle_deviation 
_pdbx_validate_rmsd_angle.angle_standard_deviation 
_pdbx_validate_rmsd_angle.linker_flag 
1  1 "O4'" A DG  4   ? ? "C1'" A DG  4   ? ? N9    A DG  4   ? ? 110.41 108.30 2.11   0.30 N 
2  1 "O4'" A DG  14  ? ? "C1'" A DG  14  ? ? N9    A DG  14  ? ? 110.92 108.30 2.62   0.30 N 
3  1 C5    A DG  14  ? ? C6    A DG  14  ? ? O6    A DG  14  ? ? 124.58 128.60 -4.02  0.60 N 
4  1 "O4'" A DG  17  ? ? "C1'" A DG  17  ? ? N9    A DG  17  ? ? 110.32 108.30 2.02   0.30 N 
5  1 "C3'" A DG  18  ? ? "C2'" A DG  18  ? ? "C1'" A DG  18  ? ? 97.35  102.40 -5.05  0.80 N 
6  1 CA    B QUK 107 ? ? C     B QUK 107 ? ? N     B QUK 108 ? ? 81.29  117.20 -35.91 2.20 Y 
7  1 CA    B QUK 108 ? ? C     B QUK 108 ? ? N     B ZY9 109 ? ? 90.90  117.20 -26.30 2.20 Y 
8  1 C     B QUK 108 ? ? N     B ZY9 109 ? ? CA    B ZY9 109 ? ? 156.54 121.70 34.84  2.50 Y 
9  1 C     C ACE 111 ? ? N     C QUK 112 ? ? CA    C QUK 112 ? ? 137.00 121.70 15.30  2.50 Y 
10 1 CA    C QUK 112 ? ? C     C QUK 112 ? ? N     C QUK 113 ? ? 82.47  117.20 -34.73 2.20 Y 
11 1 CA    C QUK 113 ? ? C     C QUK 113 ? ? N     C ZY9 114 ? ? 84.63  117.20 -32.57 2.20 Y 
12 1 C     C QUK 113 ? ? N     C ZY9 114 ? ? CA    C ZY9 114 ? ? 169.11 121.70 47.41  2.50 Y 
# 
loop_
_pdbx_validate_torsion.id 
_pdbx_validate_torsion.PDB_model_num 
_pdbx_validate_torsion.auth_comp_id 
_pdbx_validate_torsion.auth_asym_id 
_pdbx_validate_torsion.auth_seq_id 
_pdbx_validate_torsion.PDB_ins_code 
_pdbx_validate_torsion.label_alt_id 
_pdbx_validate_torsion.phi 
_pdbx_validate_torsion.psi 
1 1 QUK B 108 ? ? 126.58 -49.93 
2 1 QUK C 113 ? ? 139.91 -34.53 
3 1 ZY9 C 114 ? ? -36.19 -10.83 
# 
_pdbx_validate_peptide_omega.id               1 
_pdbx_validate_peptide_omega.PDB_model_num    1 
_pdbx_validate_peptide_omega.auth_comp_id_1   QUK 
_pdbx_validate_peptide_omega.auth_asym_id_1   B 
_pdbx_validate_peptide_omega.auth_seq_id_1    108 
_pdbx_validate_peptide_omega.PDB_ins_code_1   ? 
_pdbx_validate_peptide_omega.label_alt_id_1   ? 
_pdbx_validate_peptide_omega.auth_comp_id_2   ZY9 
_pdbx_validate_peptide_omega.auth_asym_id_2   B 
_pdbx_validate_peptide_omega.auth_seq_id_2    109 
_pdbx_validate_peptide_omega.PDB_ins_code_2   ? 
_pdbx_validate_peptide_omega.label_alt_id_2   ? 
_pdbx_validate_peptide_omega.omega            50.59 
# 
loop_
_space_group_symop.id 
_space_group_symop.operation_xyz 
1 x,y,z      
2 -y,x,z+1/2 
3 y,-x,z+1/2 
4 -x,-y,z    
# 
loop_
_chem_comp_atom.comp_id 
_chem_comp_atom.atom_id 
_chem_comp_atom.type_symbol 
_chem_comp_atom.pdbx_aromatic_flag 
_chem_comp_atom.pdbx_stereo_config 
_chem_comp_atom.pdbx_ordinal 
ACE C      C  N N 1   
ACE O      O  N N 2   
ACE CH3    C  N N 3   
ACE H      H  N N 4   
ACE H1     H  N N 5   
ACE H2     H  N N 6   
ACE H3     H  N N 7   
DG  OP3    O  N N 8   
DG  P      P  N N 9   
DG  OP1    O  N N 10  
DG  OP2    O  N N 11  
DG  "O5'"  O  N N 12  
DG  "C5'"  C  N N 13  
DG  "C4'"  C  N R 14  
DG  "O4'"  O  N N 15  
DG  "C3'"  C  N S 16  
DG  "O3'"  O  N N 17  
DG  "C2'"  C  N N 18  
DG  "C1'"  C  N R 19  
DG  N9     N  Y N 20  
DG  C8     C  Y N 21  
DG  N7     N  Y N 22  
DG  C5     C  Y N 23  
DG  C6     C  N N 24  
DG  O6     O  N N 25  
DG  N1     N  N N 26  
DG  C2     C  N N 27  
DG  N2     N  N N 28  
DG  N3     N  N N 29  
DG  C4     C  Y N 30  
DG  HOP3   H  N N 31  
DG  HOP2   H  N N 32  
DG  "H5'"  H  N N 33  
DG  "H5''" H  N N 34  
DG  "H4'"  H  N N 35  
DG  "H3'"  H  N N 36  
DG  "HO3'" H  N N 37  
DG  "H2'"  H  N N 38  
DG  "H2''" H  N N 39  
DG  "H1'"  H  N N 40  
DG  H8     H  N N 41  
DG  H1     H  N N 42  
DG  H21    H  N N 43  
DG  H22    H  N N 44  
DT  OP3    O  N N 45  
DT  P      P  N N 46  
DT  OP1    O  N N 47  
DT  OP2    O  N N 48  
DT  "O5'"  O  N N 49  
DT  "C5'"  C  N N 50  
DT  "C4'"  C  N R 51  
DT  "O4'"  O  N N 52  
DT  "C3'"  C  N S 53  
DT  "O3'"  O  N N 54  
DT  "C2'"  C  N N 55  
DT  "C1'"  C  N R 56  
DT  N1     N  N N 57  
DT  C2     C  N N 58  
DT  O2     O  N N 59  
DT  N3     N  N N 60  
DT  C4     C  N N 61  
DT  O4     O  N N 62  
DT  C5     C  N N 63  
DT  C7     C  N N 64  
DT  C6     C  N N 65  
DT  HOP3   H  N N 66  
DT  HOP2   H  N N 67  
DT  "H5'"  H  N N 68  
DT  "H5''" H  N N 69  
DT  "H4'"  H  N N 70  
DT  "H3'"  H  N N 71  
DT  "HO3'" H  N N 72  
DT  "H2'"  H  N N 73  
DT  "H2''" H  N N 74  
DT  "H1'"  H  N N 75  
DT  H3     H  N N 76  
DT  H71    H  N N 77  
DT  H72    H  N N 78  
DT  H73    H  N N 79  
DT  H6     H  N N 80  
HOH O      O  N N 81  
HOH H1     H  N N 82  
HOH H2     H  N N 83  
K   K      K  N N 84  
MG  MG     MG N N 85  
QUK O      O  N N 86  
QUK C      C  N N 87  
QUK C10    C  Y N 88  
QUK N11    N  Y N 89  
QUK C7     C  Y N 90  
QUK CA     C  Y N 91  
QUK N      N  N N 92  
QUK C9     C  Y N 93  
QUK C8     C  Y N 94  
QUK C6     C  Y N 95  
QUK C5     C  Y N 96  
QUK C4     C  Y N 97  
QUK C3     C  Y N 98  
QUK OB     O  N N 99  
QUK CG     C  N N 100 
QUK CD     C  N N 101 
QUK CE     C  N N 102 
QUK OXT    O  N N 103 
QUK H      H  N N 104 
QUK H2     H  N N 105 
QUK H3     H  N N 106 
QUK H4     H  N N 107 
QUK H5     H  N N 108 
QUK H6     H  N N 109 
QUK H7     H  N N 110 
QUK H8     H  N N 111 
QUK H9     H  N N 112 
QUK H10    H  N N 113 
QUK H11    H  N N 114 
QUK H12    H  N N 115 
QUK HXT    H  N N 116 
QUK N1     N  N N 117 
QUK H13    H  N N 118 
QUK H15    H  N N 119 
ZY9 O      O  N N 120 
ZY9 C      C  N N 121 
ZY9 CA     C  Y N 122 
ZY9 N11    N  Y N 123 
ZY9 C9     C  Y N 124 
ZY9 C8     C  Y N 125 
ZY9 C6     C  Y N 126 
ZY9 C7     C  Y N 127 
ZY9 C2     C  N N 128 
ZY9 N      N  N N 129 
ZY9 OXT    O  N N 130 
ZY9 H1     H  N N 131 
ZY9 H6     H  N N 132 
ZY9 H3     H  N N 133 
ZY9 H4     H  N N 134 
ZY9 H5     H  N N 135 
ZY9 H      H  N N 136 
ZY9 H2     H  N N 137 
ZY9 HXT    H  N N 138 
# 
loop_
_chem_comp_bond.comp_id 
_chem_comp_bond.atom_id_1 
_chem_comp_bond.atom_id_2 
_chem_comp_bond.value_order 
_chem_comp_bond.pdbx_aromatic_flag 
_chem_comp_bond.pdbx_stereo_config 
_chem_comp_bond.pdbx_ordinal 
ACE C     O      doub N N 1   
ACE C     CH3    sing N N 2   
ACE C     H      sing N N 3   
ACE CH3   H1     sing N N 4   
ACE CH3   H2     sing N N 5   
ACE CH3   H3     sing N N 6   
DG  OP3   P      sing N N 7   
DG  OP3   HOP3   sing N N 8   
DG  P     OP1    doub N N 9   
DG  P     OP2    sing N N 10  
DG  P     "O5'"  sing N N 11  
DG  OP2   HOP2   sing N N 12  
DG  "O5'" "C5'"  sing N N 13  
DG  "C5'" "C4'"  sing N N 14  
DG  "C5'" "H5'"  sing N N 15  
DG  "C5'" "H5''" sing N N 16  
DG  "C4'" "O4'"  sing N N 17  
DG  "C4'" "C3'"  sing N N 18  
DG  "C4'" "H4'"  sing N N 19  
DG  "O4'" "C1'"  sing N N 20  
DG  "C3'" "O3'"  sing N N 21  
DG  "C3'" "C2'"  sing N N 22  
DG  "C3'" "H3'"  sing N N 23  
DG  "O3'" "HO3'" sing N N 24  
DG  "C2'" "C1'"  sing N N 25  
DG  "C2'" "H2'"  sing N N 26  
DG  "C2'" "H2''" sing N N 27  
DG  "C1'" N9     sing N N 28  
DG  "C1'" "H1'"  sing N N 29  
DG  N9    C8     sing Y N 30  
DG  N9    C4     sing Y N 31  
DG  C8    N7     doub Y N 32  
DG  C8    H8     sing N N 33  
DG  N7    C5     sing Y N 34  
DG  C5    C6     sing N N 35  
DG  C5    C4     doub Y N 36  
DG  C6    O6     doub N N 37  
DG  C6    N1     sing N N 38  
DG  N1    C2     sing N N 39  
DG  N1    H1     sing N N 40  
DG  C2    N2     sing N N 41  
DG  C2    N3     doub N N 42  
DG  N2    H21    sing N N 43  
DG  N2    H22    sing N N 44  
DG  N3    C4     sing N N 45  
DT  OP3   P      sing N N 46  
DT  OP3   HOP3   sing N N 47  
DT  P     OP1    doub N N 48  
DT  P     OP2    sing N N 49  
DT  P     "O5'"  sing N N 50  
DT  OP2   HOP2   sing N N 51  
DT  "O5'" "C5'"  sing N N 52  
DT  "C5'" "C4'"  sing N N 53  
DT  "C5'" "H5'"  sing N N 54  
DT  "C5'" "H5''" sing N N 55  
DT  "C4'" "O4'"  sing N N 56  
DT  "C4'" "C3'"  sing N N 57  
DT  "C4'" "H4'"  sing N N 58  
DT  "O4'" "C1'"  sing N N 59  
DT  "C3'" "O3'"  sing N N 60  
DT  "C3'" "C2'"  sing N N 61  
DT  "C3'" "H3'"  sing N N 62  
DT  "O3'" "HO3'" sing N N 63  
DT  "C2'" "C1'"  sing N N 64  
DT  "C2'" "H2'"  sing N N 65  
DT  "C2'" "H2''" sing N N 66  
DT  "C1'" N1     sing N N 67  
DT  "C1'" "H1'"  sing N N 68  
DT  N1    C2     sing N N 69  
DT  N1    C6     sing N N 70  
DT  C2    O2     doub N N 71  
DT  C2    N3     sing N N 72  
DT  N3    C4     sing N N 73  
DT  N3    H3     sing N N 74  
DT  C4    O4     doub N N 75  
DT  C4    C5     sing N N 76  
DT  C5    C7     sing N N 77  
DT  C5    C6     doub N N 78  
DT  C7    H71    sing N N 79  
DT  C7    H72    sing N N 80  
DT  C7    H73    sing N N 81  
DT  C6    H6     sing N N 82  
HOH O     H1     sing N N 83  
HOH O     H2     sing N N 84  
QUK O     C      doub N N 85  
QUK C     C10    sing N N 86  
QUK C10   C9     doub Y N 87  
QUK C10   N11    sing Y N 88  
QUK C9    C8     sing Y N 89  
QUK N11   C7     doub Y N 90  
QUK C8    OB     sing N N 91  
QUK C8    C6     doub Y N 92  
QUK CE    CD     sing N N 93  
QUK C7    C6     sing Y N 94  
QUK C7    CA     sing Y N 95  
QUK CG    OB     sing N N 96  
QUK CG    CD     sing N N 97  
QUK N     CA     sing N N 98  
QUK C6    C5     sing Y N 99  
QUK CA    C3     doub Y N 100 
QUK C5    C4     doub Y N 101 
QUK C3    C4     sing Y N 102 
QUK C     OXT    sing N N 103 
QUK N     H      sing N N 104 
QUK N     H2     sing N N 105 
QUK C9    H3     sing N N 106 
QUK C5    H4     sing N N 107 
QUK C4    H5     sing N N 108 
QUK C3    H6     sing N N 109 
QUK CG    H7     sing N N 110 
QUK CG    H8     sing N N 111 
QUK CD    H9     sing N N 112 
QUK CD    H10    sing N N 113 
QUK CE    H11    sing N N 114 
QUK CE    H12    sing N N 115 
QUK OXT   HXT    sing N N 116 
QUK CE    N1     sing N N 117 
QUK N1    H13    sing N N 118 
QUK N1    H15    sing N N 119 
ZY9 N     C2     sing N N 120 
ZY9 C2    C7     sing N N 121 
ZY9 C6    C7     doub Y N 122 
ZY9 C6    C8     sing Y N 123 
ZY9 C7    N11    sing Y N 124 
ZY9 C8    C9     doub Y N 125 
ZY9 N11   CA     doub Y N 126 
ZY9 C9    CA     sing Y N 127 
ZY9 CA    C      sing N N 128 
ZY9 C     O      doub N N 129 
ZY9 C     OXT    sing N N 130 
ZY9 C9    H1     sing N N 131 
ZY9 C8    H6     sing N N 132 
ZY9 C6    H3     sing N N 133 
ZY9 C2    H4     sing N N 134 
ZY9 C2    H5     sing N N 135 
ZY9 N     H      sing N N 136 
ZY9 N     H2     sing N N 137 
ZY9 OXT   HXT    sing N N 138 
# 
loop_
_ndb_struct_conf_na.entry_id 
_ndb_struct_conf_na.feature 
8QN2 'double helix'    
8QN2 'quadruple helix' 
# 
loop_
_ndb_struct_na_base_pair.model_number 
_ndb_struct_na_base_pair.i_label_asym_id 
_ndb_struct_na_base_pair.i_label_comp_id 
_ndb_struct_na_base_pair.i_label_seq_id 
_ndb_struct_na_base_pair.i_symmetry 
_ndb_struct_na_base_pair.j_label_asym_id 
_ndb_struct_na_base_pair.j_label_comp_id 
_ndb_struct_na_base_pair.j_label_seq_id 
_ndb_struct_na_base_pair.j_symmetry 
_ndb_struct_na_base_pair.shear 
_ndb_struct_na_base_pair.stretch 
_ndb_struct_na_base_pair.stagger 
_ndb_struct_na_base_pair.buckle 
_ndb_struct_na_base_pair.propeller 
_ndb_struct_na_base_pair.opening 
_ndb_struct_na_base_pair.pair_number 
_ndb_struct_na_base_pair.pair_name 
_ndb_struct_na_base_pair.i_auth_asym_id 
_ndb_struct_na_base_pair.i_auth_seq_id 
_ndb_struct_na_base_pair.i_PDB_ins_code 
_ndb_struct_na_base_pair.j_auth_asym_id 
_ndb_struct_na_base_pair.j_auth_seq_id 
_ndb_struct_na_base_pair.j_PDB_ins_code 
_ndb_struct_na_base_pair.hbond_type_28 
_ndb_struct_na_base_pair.hbond_type_12 
1 A DG 12 1_555 A DG 17 1_555 1.683  3.296  -0.110 0.377  0.828   -91.471 1 A_DG12:DG17_A A 12 ? A 17 ? 6 3 
1 A DG 13 1_555 A DG 8  1_555 -2.277 -3.414 0.233  -1.000 7.625   89.259  2 A_DG13:DG8_A  A 13 ? A 8  ? 6 3 
1 A DG 18 1_555 A DG 3  1_555 0.815  3.458  -0.101 3.321  -6.657  -97.679 3 A_DG18:DG3_A  A 18 ? A 3  ? 6 3 
1 A DG 14 1_555 A DG 19 1_555 1.286  3.537  -0.048 5.096  -16.424 -95.825 4 A_DG14:DG19_A A 14 ? A 19 ? 6 3 
# 
loop_
_ndb_struct_na_base_pair_step.model_number 
_ndb_struct_na_base_pair_step.i_label_asym_id_1 
_ndb_struct_na_base_pair_step.i_label_comp_id_1 
_ndb_struct_na_base_pair_step.i_label_seq_id_1 
_ndb_struct_na_base_pair_step.i_symmetry_1 
_ndb_struct_na_base_pair_step.j_label_asym_id_1 
_ndb_struct_na_base_pair_step.j_label_comp_id_1 
_ndb_struct_na_base_pair_step.j_label_seq_id_1 
_ndb_struct_na_base_pair_step.j_symmetry_1 
_ndb_struct_na_base_pair_step.i_label_asym_id_2 
_ndb_struct_na_base_pair_step.i_label_comp_id_2 
_ndb_struct_na_base_pair_step.i_label_seq_id_2 
_ndb_struct_na_base_pair_step.i_symmetry_2 
_ndb_struct_na_base_pair_step.j_label_asym_id_2 
_ndb_struct_na_base_pair_step.j_label_comp_id_2 
_ndb_struct_na_base_pair_step.j_label_seq_id_2 
_ndb_struct_na_base_pair_step.j_symmetry_2 
_ndb_struct_na_base_pair_step.shift 
_ndb_struct_na_base_pair_step.slide 
_ndb_struct_na_base_pair_step.rise 
_ndb_struct_na_base_pair_step.tilt 
_ndb_struct_na_base_pair_step.roll 
_ndb_struct_na_base_pair_step.twist 
_ndb_struct_na_base_pair_step.x_displacement 
_ndb_struct_na_base_pair_step.y_displacement 
_ndb_struct_na_base_pair_step.helical_rise 
_ndb_struct_na_base_pair_step.inclination 
_ndb_struct_na_base_pair_step.tip 
_ndb_struct_na_base_pair_step.helical_twist 
_ndb_struct_na_base_pair_step.step_number 
_ndb_struct_na_base_pair_step.step_name 
_ndb_struct_na_base_pair_step.i_auth_asym_id_1 
_ndb_struct_na_base_pair_step.i_auth_seq_id_1 
_ndb_struct_na_base_pair_step.i_PDB_ins_code_1 
_ndb_struct_na_base_pair_step.j_auth_asym_id_1 
_ndb_struct_na_base_pair_step.j_auth_seq_id_1 
_ndb_struct_na_base_pair_step.j_PDB_ins_code_1 
_ndb_struct_na_base_pair_step.i_auth_asym_id_2 
_ndb_struct_na_base_pair_step.i_auth_seq_id_2 
_ndb_struct_na_base_pair_step.i_PDB_ins_code_2 
_ndb_struct_na_base_pair_step.j_auth_asym_id_2 
_ndb_struct_na_base_pair_step.j_auth_seq_id_2 
_ndb_struct_na_base_pair_step.j_PDB_ins_code_2 
1 A DG 12 1_555 A DG 17 1_555 A DG 13 1_555 A DG 8 1_555 0.709  1.864  3.296  -2.710 -4.002 -58.109 -1.697 0.581 3.433  4.113 
-2.784 -58.292 1 AA_DG12DG13:DG8DG17_AA A 12 ? A 17 ? A 13 ? A 8 ? 
1 A DG 13 1_555 A DG 8  1_555 A DG 18 1_555 A DG 3 1_555 -1.983 -3.822 -0.122 4.141  1.234  177.817 -1.911 0.991 -0.124 0.617 
-2.071 177.819 2 AA_DG13DG18:DG3DG8_AA  A 13 ? A 8  ? A 18 ? A 3 ? 
# 
_pdbx_audit_support.funding_organization   'Agence Nationale de la Recherche (ANR)' 
_pdbx_audit_support.country                France 
_pdbx_audit_support.grant_number           'ANR-18-CE29-0013 POLYnESI' 
_pdbx_audit_support.ordinal                1 
# 
_pdbx_initial_refinement_model.id               1 
_pdbx_initial_refinement_model.entity_id_list   ? 
_pdbx_initial_refinement_model.type             'experimental model' 
_pdbx_initial_refinement_model.source_name      PDB 
_pdbx_initial_refinement_model.accession_code   6P45 
_pdbx_initial_refinement_model.details          ? 
# 
_space_group.name_H-M_alt     'P 42' 
_space_group.name_Hall        'P 4c' 
_space_group.IT_number        77 
_space_group.crystal_system   tetragonal 
_space_group.id               1 
# 
_atom_sites.entry_id                    8QN2 
_atom_sites.Cartn_transf_matrix[1][1]   ? 
_atom_sites.Cartn_transf_matrix[1][2]   ? 
_atom_sites.Cartn_transf_matrix[1][3]   ? 
_atom_sites.Cartn_transf_matrix[2][1]   ? 
_atom_sites.Cartn_transf_matrix[2][2]   ? 
_atom_sites.Cartn_transf_matrix[2][3]   ? 
_atom_sites.Cartn_transf_matrix[3][1]   ? 
_atom_sites.Cartn_transf_matrix[3][2]   ? 
_atom_sites.Cartn_transf_matrix[3][3]   ? 
_atom_sites.Cartn_transf_vector[1]      ? 
_atom_sites.Cartn_transf_vector[2]      ? 
_atom_sites.Cartn_transf_vector[3]      ? 
_atom_sites.Cartn_transform_axes        ? 
_atom_sites.fract_transf_matrix[1][1]   0.01760341 
_atom_sites.fract_transf_matrix[1][2]   0.01999951 
_atom_sites.fract_transf_matrix[1][3]   -0.01499289 
_atom_sites.fract_transf_matrix[2][1]   -0.01203766 
_atom_sites.fract_transf_matrix[2][2]   -0.00928795 
_atom_sites.fract_transf_matrix[2][3]   -0.02652312 
_atom_sites.fract_transf_matrix[3][1]   -0.01174464 
_atom_sites.fract_transf_matrix[3][2]   0.01135311 
_atom_sites.fract_transf_matrix[3][3]   0.00135470 
_atom_sites.fract_transf_vector[1]      -0.227758 
_atom_sites.fract_transf_vector[2]      -0.394650 
_atom_sites.fract_transf_vector[3]      -0.030268 
_atom_sites.solution_primary            ? 
_atom_sites.solution_secondary          ? 
_atom_sites.solution_hydrogens          ? 
_atom_sites.special_details             ? 
# 
loop_
_atom_type.symbol 
_atom_type.scat_dispersion_real 
_atom_type.scat_dispersion_imag 
_atom_type.scat_Cromer_Mann_a1 
_atom_type.scat_Cromer_Mann_a2 
_atom_type.scat_Cromer_Mann_a3 
_atom_type.scat_Cromer_Mann_a4 
_atom_type.scat_Cromer_Mann_b1 
_atom_type.scat_Cromer_Mann_b2 
_atom_type.scat_Cromer_Mann_b3 
_atom_type.scat_Cromer_Mann_b4 
_atom_type.scat_Cromer_Mann_c 
_atom_type.scat_source 
_atom_type.scat_dispersion_source 
C   ? ? 3.54356  2.42580 ? ? 25.62398 1.50364  ? ? 0.0 
;2-Gaussian fit: Grosse-Kunstleve RW, Sauter NK, Adams PD: Newsletter of the IUCr Commission on Crystallographic Computing 2004, 3, 22-31.
;
? 
H   ? ? 0.51345  0.48472 ? ? 24.73122 6.32584  ? ? 0.0 
;2-Gaussian fit: Grosse-Kunstleve RW, Sauter NK, Adams PD: Newsletter of the IUCr Commission on Crystallographic Computing 2004, 3, 22-31.
;
? 
K   ? ? 16.37977 2.54835 ? ? 4.54127  84.28225 ? ? 0.0 
;2-Gaussian fit: Grosse-Kunstleve RW, Sauter NK, Adams PD: Newsletter of the IUCr Commission on Crystallographic Computing 2004, 3, 22-31.
;
? 
MG  ? ? 9.41153  2.53737 ? ? 2.59044  63.03566 ? ? 0.0 
;2-Gaussian fit: Grosse-Kunstleve RW, Sauter NK, Adams PD: Newsletter of the IUCr Commission on Crystallographic Computing 2004, 3, 22-31.
;
? 
N   ? ? 4.01032  2.96436 ? ? 19.97189 1.75589  ? ? 0.0 
;2-Gaussian fit: Grosse-Kunstleve RW, Sauter NK, Adams PD: Newsletter of the IUCr Commission on Crystallographic Computing 2004, 3, 22-31.
;
? 
O   ? ? 4.49882  3.47563 ? ? 15.80542 1.70748  ? ? 0.0 
;2-Gaussian fit: Grosse-Kunstleve RW, Sauter NK, Adams PD: Newsletter of the IUCr Commission on Crystallographic Computing 2004, 3, 22-31.
;
? 
O1- ? ? 5.12366  3.84317 ? ? 3.49406  27.47979 ? ? 0.0 
;2-Gaussian fit: Grosse-Kunstleve RW, Sauter NK, Adams PD: Newsletter of the IUCr Commission on Crystallographic Computing 2004, 3, 22-31.
;
? 
P   ? ? 9.51135  5.44231 ? ? 1.42069  35.72801 ? ? 0.0 
;2-Gaussian fit: Grosse-Kunstleve RW, Sauter NK, Adams PD: Newsletter of the IUCr Commission on Crystallographic Computing 2004, 3, 22-31.
;
? 
# 
loop_
_atom_site.group_PDB 
_atom_site.id 
_atom_site.type_symbol 
_atom_site.label_atom_id 
_atom_site.label_alt_id 
_atom_site.label_comp_id 
_atom_site.label_asym_id 
_atom_site.label_entity_id 
_atom_site.label_seq_id 
_atom_site.pdbx_PDB_ins_code 
_atom_site.Cartn_x 
_atom_site.Cartn_y 
_atom_site.Cartn_z 
_atom_site.occupancy 
_atom_site.B_iso_or_equiv 
_atom_site.pdbx_formal_charge 
_atom_site.auth_seq_id 
_atom_site.auth_comp_id 
_atom_site.auth_asym_id 
_atom_site.auth_atom_id 
_atom_site.pdbx_PDB_model_num 
ATOM   1   O  "O3'"  . DT  A 1 1  ? 11.14404  -15.73482 -12.56795 1.000 66.03234  ?  1   DT  A "O3'"  1 
ATOM   2   P  P      . DG  A 1 2  ? 10.20483  -14.63231 -11.86153 1.000 86.23429  ?  2   DG  A P      1 
ATOM   3   O  OP1    . DG  A 1 2  ? 10.58247  -14.29689 -10.45483 1.000 69.08486  ?  2   DG  A OP1    1 
ATOM   4   O  OP2    . DG  A 1 2  ? 8.84256   -15.06853 -12.23624 1.000 73.61646  ?  2   DG  A OP2    1 
ATOM   5   O  "O5'"  . DG  A 1 2  ? 10.58517  -13.27257 -12.63941 1.000 77.49205  ?  2   DG  A "O5'"  1 
ATOM   6   C  "C5'"  . DG  A 1 2  ? 10.23401  -13.08049 -13.99042 1.000 43.93624  ?  2   DG  A "C5'"  1 
ATOM   7   C  "C4'"  . DG  A 1 2  ? 10.98215  -11.93270 -14.59474 1.000 48.20132  ?  2   DG  A "C4'"  1 
ATOM   8   O  "O4'"  . DG  A 1 2  ? 10.08950  -10.80394 -14.96295 1.000 36.44581  ?  2   DG  A "O4'"  1 
ATOM   9   C  "C3'"  . DG  A 1 2  ? 12.07697  -11.31226 -13.66637 1.000 51.13483  ?  2   DG  A "C3'"  1 
ATOM   10  O  "O3'"  . DG  A 1 2  ? 13.26037  -10.91635 -14.40780 1.000 41.75345  ?  2   DG  A "O3'"  1 
ATOM   11  C  "C2'"  . DG  A 1 2  ? 11.29384  -10.09341 -13.04155 1.000 46.90889  ?  2   DG  A "C2'"  1 
ATOM   12  C  "C1'"  . DG  A 1 2  ? 10.53655  -9.60939  -14.28626 1.000 48.67256  ?  2   DG  A "C1'"  1 
ATOM   13  N  N9     . DG  A 1 2  ? 9.36403   -8.81441  -14.04172 1.000 42.60376  ?  2   DG  A N9     1 
ATOM   14  C  C8     . DG  A 1 2  ? 8.25609   -9.22624  -13.37161 1.000 41.63862  ?  2   DG  A C8     1 
ATOM   15  N  N7     . DG  A 1 2  ? 7.36955   -8.28493  -13.31387 1.000 39.95374  ?  2   DG  A N7     1 
ATOM   16  C  C5     . DG  A 1 2  ? 7.90039   -7.22458  -14.00448 1.000 49.63541  ?  2   DG  A C5     1 
ATOM   17  C  C6     . DG  A 1 2  ? 7.38219   -5.93976  -14.27340 1.000 44.79561  ?  2   DG  A C6     1 
ATOM   18  O  O6     . DG  A 1 2  ? 6.30460   -5.49754  -13.97607 1.000 44.98545  ?  2   DG  A O6     1 
ATOM   19  N  N1     . DG  A 1 2  ? 8.26758   -5.17292  -14.98411 1.000 45.87947  ?  2   DG  A N1     1 
ATOM   20  C  C2     . DG  A 1 2  ? 9.50837   -5.57702  -15.40805 1.000 44.89384  ?  2   DG  A C2     1 
ATOM   21  N  N2     . DG  A 1 2  ? 10.21676  -4.65303  -16.10268 1.000 35.18485  ?  2   DG  A N2     1 
ATOM   22  N  N3     . DG  A 1 2  ? 10.02082  -6.76168  -15.16929 1.000 44.21954  ?  2   DG  A N3     1 
ATOM   23  C  C4     . DG  A 1 2  ? 9.15565   -7.53533  -14.45615 1.000 33.98681  ?  2   DG  A C4     1 
ATOM   24  H  "H5'"  . DG  A 1 2  ? 9.26265   -12.90386 -14.05519 1.000 52.75291  ?  2   DG  A "H5'"  1 
ATOM   25  H  "H5''" . DG  A 1 2  ? 10.43042  -13.90333 -14.50261 1.000 52.75291  ?  2   DG  A "H5''" 1 
ATOM   26  H  "H4'"  . DG  A 1 2  ? 11.42026  -12.26081 -15.41522 1.000 57.87100  ?  2   DG  A "H4'"  1 
ATOM   27  H  "H3'"  . DG  A 1 2  ? 12.30839  -11.96364 -12.96466 1.000 61.39121  ?  2   DG  A "H3'"  1 
ATOM   28  H  "H2'"  . DG  A 1 2  ? 10.68446  -10.37945 -12.33400 1.000 56.32008  ?  2   DG  A "H2'"  1 
ATOM   29  H  "H2''" . DG  A 1 2  ? 11.89863  -9.40777  -12.69741 1.000 56.32008  ?  2   DG  A "H2''" 1 
ATOM   30  H  "H1'"  . DG  A 1 2  ? 11.15904  -9.11002  -14.87737 1.000 58.43649  ?  2   DG  A "H1'"  1 
ATOM   31  H  H8     . DG  A 1 2  ? 8.15773   -10.07642 -12.97969 1.000 49.99575  ?  2   DG  A H8     1 
ATOM   32  H  H1     . DG  A 1 2  ? 8.02217   -4.34351  -15.20582 1.000 55.08478  ?  2   DG  A H1     1 
ATOM   33  H  H21    . DG  A 1 2  ? 9.79974   -4.08523  -16.62403 1.000 42.25123  ?  2   DG  A H21    1 
ATOM   34  H  H22    . DG  A 1 2  ? 11.08895  -4.61582  -16.01592 1.000 42.25123  ?  2   DG  A H22    1 
ATOM   35  P  P      . DG  A 1 3  ? 14.53111  -10.36604 -13.60502 1.000 55.76914  ?  3   DG  A P      1 
ATOM   36  O  OP1    . DG  A 1 3  ? 15.76673  -10.56370 -14.43662 1.000 61.27024  ?  3   DG  A OP1    1 
ATOM   37  O  OP2    . DG  A 1 3  ? 14.35618  -10.96552 -12.28753 1.000 47.49538  ?  3   DG  A OP2    1 
ATOM   38  O  "O5'"  . DG  A 1 3  ? 14.37977  -8.78900  -13.62637 1.000 49.77624  ?  3   DG  A "O5'"  1 
ATOM   39  C  "C5'"  . DG  A 1 3  ? 14.39854  -8.17155  -14.91155 1.000 63.93451  ?  3   DG  A "C5'"  1 
ATOM   40  C  "C4'"  . DG  A 1 3  ? 14.83371  -6.73914  -14.84300 1.000 49.42489  ?  3   DG  A "C4'"  1 
ATOM   41  O  "O4'"  . DG  A 1 3  ? 13.64968  -5.85506  -14.67053 1.000 51.14764  ?  3   DG  A "O4'"  1 
ATOM   42  C  "C3'"  . DG  A 1 3  ? 15.72581  -6.34823  -13.68806 1.000 41.01938  ?  3   DG  A "C3'"  1 
ATOM   43  O  "O3'"  . DG  A 1 3  ? 16.51587  -5.22722  -14.12798 1.000 53.85376  ?  3   DG  A "O3'"  1 
ATOM   44  C  "C2'"  . DG  A 1 3  ? 14.72910  -6.00256  -12.55795 1.000 45.46274  ?  3   DG  A "C2'"  1 
ATOM   45  C  "C1'"  . DG  A 1 3  ? 13.67038  -5.26279  -13.35660 1.000 44.53591  ?  3   DG  A "C1'"  1 
ATOM   46  N  N9     . DG  A 1 3  ? 12.33264  -5.31393  -12.78919 1.000 39.27488  ?  3   DG  A N9     1 
ATOM   47  C  C8     . DG  A 1 3  ? 11.71011  -6.36989  -12.19220 1.000 47.75399  ?  3   DG  A C8     1 
ATOM   48  N  N7     . DG  A 1 3  ? 10.52060  -6.08553  -11.78419 1.000 37.98600  ?  3   DG  A N7     1 
ATOM   49  C  C5     . DG  A 1 3  ? 10.31479  -4.75418  -12.17889 1.000 43.14390  ?  3   DG  A C5     1 
ATOM   50  C  C6     . DG  A 1 3  ? 9.19128   -3.88313  -12.00168 1.000 42.26268  ?  3   DG  A C6     1 
ATOM   51  O  O6     . DG  A 1 3  ? 8.11420   -4.12022  -11.45171 1.000 37.18618  ?  3   DG  A O6     1 
ATOM   52  N  N1     . DG  A 1 3  ? 9.44069   -2.61711  -12.53631 1.000 49.44510  ?  3   DG  A N1     1 
ATOM   53  C  C2     . DG  A 1 3  ? 10.61324  -2.23641  -13.14762 1.000 50.60085  ?  3   DG  A C2     1 
ATOM   54  N  N2     . DG  A 1 3  ? 10.68783  -0.98111  -13.57149 1.000 42.22377  ?  3   DG  A N2     1 
ATOM   55  N  N3     . DG  A 1 3  ? 11.65294  -3.01771  -13.27904 1.000 40.21933  ?  3   DG  A N3     1 
ATOM   56  C  C4     . DG  A 1 3  ? 11.41958  -4.27002  -12.78069 1.000 31.14947  ?  3   DG  A C4     1 
ATOM   57  H  "H5'"  . DG  A 1 3  ? 13.50787  -8.21297  -15.29275 1.000 76.75083  ?  3   DG  A "H5'"  1 
ATOM   58  H  "H5''" . DG  A 1 3  ? 15.01127  -8.65896  -15.48463 1.000 76.75083  ?  3   DG  A "H5''" 1 
ATOM   59  H  "H4'"  . DG  A 1 3  ? 15.28860  -6.54719  -15.67801 1.000 59.33928  ?  3   DG  A "H4'"  1 
ATOM   60  H  "H3'"  . DG  A 1 3  ? 16.28202  -7.08039  -13.37750 1.000 49.25267  ?  3   DG  A "H3'"  1 
ATOM   61  H  "H2'"  . DG  A 1 3  ? 14.37209  -6.79791  -12.13354 1.000 54.58470  ?  3   DG  A "H2'"  1 
ATOM   62  H  "H2''" . DG  A 1 3  ? 15.13210  -5.43691  -11.88080 1.000 54.58470  ?  3   DG  A "H2''" 1 
ATOM   63  H  "H1'"  . DG  A 1 3  ? 13.93382  -4.33154  -13.43227 1.000 53.47251  ?  3   DG  A "H1'"  1 
ATOM   64  H  H8     . DG  A 1 3  ? 12.10246  -7.20641  -12.08886 1.000 57.33420  ?  3   DG  A H8     1 
ATOM   65  H  H1     . DG  A 1 3  ? 8.81315   -2.03144  -12.47964 1.000 59.36354  ?  3   DG  A H1     1 
ATOM   66  H  H21    . DG  A 1 3  ? 11.41362  -0.69018  -13.92785 1.000 50.69794  ?  3   DG  A H21    1 
ATOM   67  H  H22    . DG  A 1 3  ? 10.00938  -0.45836  -13.48928 1.000 50.69794  ?  3   DG  A H22    1 
ATOM   68  P  P      . DG  A 1 4  ? 17.89597  -4.83585  -13.38026 1.000 62.28578  ?  4   DG  A P      1 
ATOM   69  O  OP1    . DG  A 1 4  ? 18.87638  -4.50459  -14.45646 1.000 46.28668  ?  4   DG  A OP1    1 
ATOM   70  O  OP2    . DG  A 1 4  ? 18.11896  -5.84716  -12.33660 1.000 46.16618  ?  4   DG  A OP2    1 
ATOM   71  O  "O5'"  . DG  A 1 4  ? 17.52594  -3.43618  -12.68582 1.000 50.11626  ?  4   DG  A "O5'"  1 
ATOM   72  C  "C5'"  . DG  A 1 4  ? 17.27115  -2.29484  -13.52198 1.000 64.51097  ?  4   DG  A "C5'"  1 
ATOM   73  C  "C4'"  . DG  A 1 4  ? 16.92091  -1.08191  -12.66393 1.000 66.69208  ?  4   DG  A "C4'"  1 
ATOM   74  O  "O4'"  . DG  A 1 4  ? 15.50192  -1.08086  -12.39144 1.000 65.89364  ?  4   DG  A "O4'"  1 
ATOM   75  C  "C3'"  . DG  A 1 4  ? 17.63268  -1.04080  -11.30236 1.000 56.08635  ?  4   DG  A "C3'"  1 
ATOM   76  O  "O3'"  . DG  A 1 4  ? 18.20939  0.26154   -11.11878 1.000 75.79825  ?  4   DG  A "O3'"  1 
ATOM   77  C  "C2'"  . DG  A 1 4  ? 16.53584  -1.35875  -10.31860 1.000 58.28519  ?  4   DG  A "C2'"  1 
ATOM   78  C  "C1'"  . DG  A 1 4  ? 15.28825  -0.84654  -11.05327 1.000 57.15195  ?  4   DG  A "C1'"  1 
ATOM   79  N  N9     . DG  A 1 4  ? 14.07194  -1.50187  -10.61294 1.000 49.90375  ?  4   DG  A N9     1 
ATOM   80  C  C8     . DG  A 1 4  ? 13.92080  -2.78223  -10.09829 1.000 57.10309  ?  4   DG  A C8     1 
ATOM   81  N  N7     . DG  A 1 4  ? 12.68723  -3.05711  -9.70498  1.000 40.58730  ?  4   DG  A N7     1 
ATOM   82  C  C5     . DG  A 1 4  ? 12.00331  -1.86794  -9.96776  1.000 54.16043  ?  4   DG  A C5     1 
ATOM   83  C  C6     . DG  A 1 4  ? 10.65750  -1.53012  -9.76573  1.000 46.33907  ?  4   DG  A C6     1 
ATOM   84  O  O6     . DG  A 1 4  ? 9.78212   -2.24110  -9.31541  1.000 40.42908  ?  4   DG  A O6     1 
ATOM   85  N  N1     . DG  A 1 4  ? 10.37203  -0.20389  -10.15477 1.000 56.12732  ?  4   DG  A N1     1 
ATOM   86  C  C2     . DG  A 1 4  ? 11.29997  0.68260   -10.70077 1.000 57.30424  ?  4   DG  A C2     1 
ATOM   87  N  N2     . DG  A 1 4  ? 10.84536  1.89969   -11.04859 1.000 48.69919  ?  4   DG  A N2     1 
ATOM   88  N  N3     . DG  A 1 4  ? 12.56843  0.37722   -10.91364 1.000 60.75856  ?  4   DG  A N3     1 
ATOM   89  C  C4     . DG  A 1 4  ? 12.85519  -0.90830  -10.52792 1.000 59.07466  ?  4   DG  A C4     1 
ATOM   90  H  "H5'"  . DG  A 1 4  ? 16.53260  -2.49101  -14.11860 1.000 77.44258  ?  4   DG  A "H5'"  1 
ATOM   91  H  "H5''" . DG  A 1 4  ? 18.06078  -2.09942  -14.04907 1.000 77.44258  ?  4   DG  A "H5''" 1 
ATOM   92  H  "H4'"  . DG  A 1 4  ? 17.13131  -0.26673  -13.14632 1.000 80.05991  ?  4   DG  A "H4'"  1 
ATOM   93  H  "H3'"  . DG  A 1 4  ? 18.31275  -1.73003  -11.23364 1.000 67.33303  ?  4   DG  A "H3'"  1 
ATOM   94  H  "H2'"  . DG  A 1 4  ? 16.47889  -2.31176  -10.14575 1.000 69.97164  ?  4   DG  A "H2'"  1 
ATOM   95  H  "H2''" . DG  A 1 4  ? 16.66804  -0.89355  -9.47760  1.000 69.97164  ?  4   DG  A "H2''" 1 
ATOM   96  H  "H1'"  . DG  A 1 4  ? 15.18898  0.11058   -10.93304 1.000 68.61176  ?  4   DG  A "H1'"  1 
ATOM   97  H  H8     . DG  A 1 4  ? 14.62199  -3.39107  -10.03619 1.000 68.55312  ?  4   DG  A H8     1 
ATOM   98  H  H1     . DG  A 1 4  ? 9.56692   0.07795   -10.04712 1.000 67.38219  ?  4   DG  A H1     1 
ATOM   99  H  H21    . DG  A 1 4  ? 11.37942  2.47172   -11.40600 1.000 58.46844  ?  4   DG  A H21    1 
ATOM   100 H  H22    . DG  A 1 4  ? 10.02178  2.10567   -10.91292 1.000 58.46844  ?  4   DG  A H22    1 
ATOM   101 P  P      . DT  A 1 5  ? 19.34968  0.53508   -10.02271 1.000 67.00736  ?  5   DT  A P      1 
ATOM   102 O  OP1    . DT  A 1 5  ? 19.15863  -0.41828  -8.86791  1.000 48.10181  ?  5   DT  A OP1    1 
ATOM   103 O  OP2    . DT  A 1 5  ? 19.25769  1.99565   -9.82389  1.000 49.74926  ?  5   DT  A OP2    1 
ATOM   104 O  "O5'"  . DT  A 1 5  ? 20.69793  0.23039   -10.83222 1.000 65.03835  ?  5   DT  A "O5'"  1 
ATOM   105 C  "C5'"  . DT  A 1 5  ? 21.24250  1.23317   -11.69565 1.000 66.14384  ?  5   DT  A "C5'"  1 
ATOM   106 C  "C4'"  . DT  A 1 5  ? 21.89081  0.60814   -12.91214 1.000 63.09842  ?  5   DT  A "C4'"  1 
ATOM   107 O  "O4'"  . DT  A 1 5  ? 23.01008  -0.24609  -12.49279 1.000 47.96792  ?  5   DT  A "O4'"  1 
ATOM   108 C  "C3'"  . DT  A 1 5  ? 20.95814  -0.27443  -13.73471 1.000 67.29737  ?  5   DT  A "C3'"  1 
ATOM   109 O  "O3'"  . DT  A 1 5  ? 21.24741  -0.16306  -15.12451 1.000 51.42160  ?  5   DT  A "O3'"  1 
ATOM   110 C  "C2'"  . DT  A 1 5  ? 21.27368  -1.66989  -13.17025 1.000 66.30575  ?  5   DT  A "C2'"  1 
ATOM   111 C  "C1'"  . DT  A 1 5  ? 22.80633  -1.54025  -12.97184 1.000 59.95456  ?  5   DT  A "C1'"  1 
ATOM   112 N  N1     . DT  A 1 5  ? 23.34397  -2.46795  -12.04263 1.000 54.89090  ?  5   DT  A N1     1 
ATOM   113 C  C2     . DT  A 1 5  ? 24.26021  -3.40995  -12.49053 1.000 63.10372  ?  5   DT  A C2     1 
ATOM   114 O  O2     . DT  A 1 5  ? 24.65743  -3.47786  -13.64407 1.000 67.25370  ?  5   DT  A O2     1 
ATOM   115 N  N3     . DT  A 1 5  ? 24.70505  -4.27146  -11.54123 1.000 56.35693  ?  5   DT  A N3     1 
ATOM   116 C  C4     . DT  A 1 5  ? 24.35480  -4.29605  -10.23368 1.000 55.92424  ?  5   DT  A C4     1 
ATOM   117 O  O4     . DT  A 1 5  ? 24.80227  -5.13160  -9.47909  1.000 55.24082  ?  5   DT  A O4     1 
ATOM   118 C  C5     . DT  A 1 5  ? 23.38110  -3.29184  -9.82529  1.000 64.15771  ?  5   DT  A C5     1 
ATOM   119 C  C7     . DT  A 1 5  ? 22.91351  -3.23105  -8.43559  1.000 64.36654  ?  5   DT  A C7     1 
ATOM   120 C  C6     . DT  A 1 5  ? 22.93423  -2.43256  -10.73715 1.000 56.33711  ?  5   DT  A C6     1 
ATOM   121 H  "H5'"  . DT  A 1 5  ? 21.90527  1.74670   -11.20920 1.000 79.40203  ?  5   DT  A "H5'"  1 
ATOM   122 H  "H5''" . DT  A 1 5  ? 20.53145  1.82695   -11.98314 1.000 79.40203  ?  5   DT  A "H5''" 1 
ATOM   123 H  "H4'"  . DT  A 1 5  ? 22.24866  1.30491   -13.48338 1.000 75.74752  ?  5   DT  A "H4'"  1 
ATOM   124 H  "H3'"  . DT  A 1 5  ? 20.02896  -0.04149  -13.57899 1.000 80.78626  ?  5   DT  A "H3'"  1 
ATOM   125 H  "H2'"  . DT  A 1 5  ? 20.81295  -1.83498  -12.33277 1.000 79.59631  ?  5   DT  A "H2'"  1 
ATOM   126 H  "H2''" . DT  A 1 5  ? 21.04826  -2.37381  -13.79889 1.000 79.59631  ?  5   DT  A "H2''" 1 
ATOM   127 H  "H1'"  . DT  A 1 5  ? 23.26403  -1.65277  -13.82023 1.000 71.97489  ?  5   DT  A "H1'"  1 
ATOM   128 H  H3     . DT  A 1 5  ? 25.26993  -4.86633  -11.79792 1.000 67.65772  ?  5   DT  A H3     1 
ATOM   129 H  H71    . DT  A 1 5  ? 22.93776  -4.12331  -8.05577  1.000 77.26926  ?  5   DT  A H71    1 
ATOM   130 H  H72    . DT  A 1 5  ? 23.49551  -2.64140  -7.93223  1.000 77.26926  ?  5   DT  A H72    1 
ATOM   131 H  H73    . DT  A 1 5  ? 22.00550  -2.89134  -8.42254  1.000 77.26926  ?  5   DT  A H73    1 
ATOM   132 H  H6     . DT  A 1 5  ? 22.32068  -1.78286  -10.47872 1.000 67.63395  ?  5   DT  A H6     1 
ATOM   133 P  P      . DT  A 1 6  ? 20.69608  1.10422   -15.94511 1.000 78.27998  ?  6   DT  A P      1 
ATOM   134 O  OP1    . DT  A 1 6  ? 21.51301  1.16086   -17.16562 1.000 76.19908  ?  6   DT  A OP1    1 
ATOM   135 O  OP2    . DT  A 1 6  ? 20.59851  2.30359   -15.08172 1.000 79.07471  ?  6   DT  A OP2    1 
ATOM   136 O  "O5'"  . DT  A 1 6  ? 19.24966  0.65427   -16.36557 1.000 75.78302  ?  6   DT  A "O5'"  1 
ATOM   137 C  "C5'"  . DT  A 1 6  ? 19.13218  -0.27189  -17.37803 1.000 71.48549  ?  6   DT  A "C5'"  1 
ATOM   138 C  "C4'"  . DT  A 1 6  ? 17.70462  -0.56703  -17.68606 1.000 71.59760  ?  6   DT  A "C4'"  1 
ATOM   139 O  "O4'"  . DT  A 1 6  ? 16.88103  -0.57728  -16.45226 1.000 74.72737  ?  6   DT  A "O4'"  1 
ATOM   140 C  "C3'"  . DT  A 1 6  ? 16.95165  0.42368   -18.59032 1.000 65.57789  ?  6   DT  A "C3'"  1 
ATOM   141 O  "O3'"  . DT  A 1 6  ? 16.04790  -0.36404  -19.32783 1.000 50.36143  ?  6   DT  A "O3'"  1 
ATOM   142 C  "C2'"  . DT  A 1 6  ? 16.30353  1.38385   -17.61576 1.000 62.02128  ?  6   DT  A "C2'"  1 
ATOM   143 C  "C1'"  . DT  A 1 6  ? 15.85770  0.42172   -16.53936 1.000 71.69040  ?  6   DT  A "C1'"  1 
ATOM   144 N  N1     . DT  A 1 6  ? 15.70114  1.04120   -15.19946 1.000 73.16055  ?  6   DT  A N1     1 
ATOM   145 C  C2     . DT  A 1 6  ? 14.50597  0.89904   -14.52080 1.000 60.00652  ?  6   DT  A C2     1 
ATOM   146 O  O2     . DT  A 1 6  ? 13.54952  0.27184   -14.95518 1.000 58.77036  ?  6   DT  A O2     1 
ATOM   147 N  N3     . DT  A 1 6  ? 14.46190  1.51259   -13.29328 1.000 54.27087  ?  6   DT  A N3     1 
ATOM   148 C  C4     . DT  A 1 6  ? 15.46650  2.24277   -12.68743 1.000 61.27373  ?  6   DT  A C4     1 
ATOM   149 O  O4     . DT  A 1 6  ? 15.27773  2.73591   -11.57223 1.000 56.44794  ?  6   DT  A O4     1 
ATOM   150 C  C5     . DT  A 1 6  ? 16.68734  2.35978   -13.45309 1.000 64.45299  ?  6   DT  A C5     1 
ATOM   151 C  C7     . DT  A 1 6  ? 17.83647  3.12703   -12.87279 1.000 73.76240  ?  6   DT  A C7     1 
ATOM   152 C  C6     . DT  A 1 6  ? 16.74256  1.76773   -14.65516 1.000 67.55859  ?  6   DT  A C6     1 
ATOM   153 H  "H5'"  . DT  A 1 6  ? 19.58579  -1.10920  -17.11203 1.000 85.81200  ?  6   DT  A "H5'"  1 
ATOM   154 H  "H5''" . DT  A 1 6  ? 19.57479  0.07228   -18.19161 1.000 85.81200  ?  6   DT  A "H5''" 1 
ATOM   155 H  "H4'"  . DT  A 1 6  ? 17.66208  -1.46310  -18.09527 1.000 85.94653  ?  6   DT  A "H4'"  1 
ATOM   156 H  "H3'"  . DT  A 1 6  ? 17.58432  0.89559   -19.17757 1.000 78.72288  ?  6   DT  A "H3'"  1 
ATOM   157 H  "H2'"  . DT  A 1 6  ? 16.94603  2.04152   -17.27894 1.000 74.45494  ?  6   DT  A "H2'"  1 
ATOM   158 H  "H2''" . DT  A 1 6  ? 15.53972  1.85147   -18.01725 1.000 74.45494  ?  6   DT  A "H2''" 1 
ATOM   159 H  "H1'"  . DT  A 1 6  ? 15.00794  -0.00664  -16.81977 1.000 86.05789  ?  6   DT  A "H1'"  1 
ATOM   160 H  H3     . DT  A 1 6  ? 13.69577  1.42006   -12.84400 1.000 65.15446  ?  6   DT  A H3     1 
ATOM   161 H  H71    . DT  A 1 6  ? 18.66045  2.85788   -13.31042 1.000 88.54430  ?  6   DT  A H71    1 
ATOM   162 H  H72    . DT  A 1 6  ? 17.69551  4.07710   -13.00666 1.000 88.54430  ?  6   DT  A H72    1 
ATOM   163 H  H73    . DT  A 1 6  ? 17.90547  2.94214   -11.92301 1.000 88.54430  ?  6   DT  A H73    1 
ATOM   164 H  H6     . DT  A 1 6  ? 17.54630  1.83475   -15.15752 1.000 81.09972  ?  6   DT  A H6     1 
ATOM   165 P  P      . DG  A 1 7  ? 15.43763  0.14452   -20.68936 1.000 73.71248  ?  7   DG  A P      1 
ATOM   166 O  OP1    . DG  A 1 7  ? 14.86369  -1.07193  -21.38723 1.000 75.24921  ?  7   DG  A OP1    1 
ATOM   167 O  OP2    . DG  A 1 7  ? 16.49061  0.96199   -21.31520 1.000 79.43530  ?  7   DG  A OP2    1 
ATOM   168 O  "O5'"  . DG  A 1 7  ? 14.23261  1.09723   -20.19714 1.000 58.70437  ?  7   DG  A "O5'"  1 
ATOM   169 C  "C5'"  . DG  A 1 7  ? 13.03730  0.48741   -19.71427 1.000 54.60263  ?  7   DG  A "C5'"  1 
ATOM   170 C  "C4'"  . DG  A 1 7  ? 11.95547  1.52649   -19.54334 1.000 58.79805  ?  7   DG  A "C4'"  1 
ATOM   171 O  "O4'"  . DG  A 1 7  ? 10.68313  0.84266   -19.20477 1.000 43.78089  ?  7   DG  A "O4'"  1 
ATOM   172 C  "C3'"  . DG  A 1 7  ? 12.17551  2.55604   -18.42345 1.000 48.45599  ?  7   DG  A "C3'"  1 
ATOM   173 O  "O3'"  . DG  A 1 7  ? 11.65830  3.76615   -18.86836 1.000 43.55074  ?  7   DG  A "O3'"  1 
ATOM   174 C  "C2'"  . DG  A 1 7  ? 11.41920  1.93826   -17.23797 1.000 53.14487  ?  7   DG  A "C2'"  1 
ATOM   175 C  "C1'"  . DG  A 1 7  ? 10.20483  1.29988   -17.95135 1.000 52.96951  ?  7   DG  A "C1'"  1 
ATOM   176 N  N9     . DG  A 1 7  ? 9.60617   0.17812   -17.28567 1.000 51.01099  ?  7   DG  A N9     1 
ATOM   177 C  C8     . DG  A 1 7  ? 10.17288  -1.05768  -17.04326 1.000 55.70637  ?  7   DG  A C8     1 
ATOM   178 N  N7     . DG  A 1 7  ? 9.38411   -1.88939  -16.37904 1.000 45.23563  ?  7   DG  A N7     1 
ATOM   179 C  C5     . DG  A 1 7  ? 8.21919   -1.16619  -16.20502 1.000 48.22855  ?  7   DG  A C5     1 
ATOM   180 C  C6     . DG  A 1 7  ? 7.01319   -1.54514  -15.58375 1.000 56.98963  ?  7   DG  A C6     1 
ATOM   181 O  O6     . DG  A 1 7  ? 6.71297   -2.64575  -15.01252 1.000 56.05016  ?  7   DG  A O6     1 
ATOM   182 N  N1     . DG  A 1 7  ? 6.08159   -0.52422  -15.65216 1.000 45.37661  ?  7   DG  A N1     1 
ATOM   183 C  C2     . DG  A 1 7  ? 6.27234   0.69495   -16.20601 1.000 52.24324  ?  7   DG  A C2     1 
ATOM   184 N  N2     . DG  A 1 7  ? 5.19289   1.52910   -16.11194 1.000 50.42961  ?  7   DG  A N2     1 
ATOM   185 N  N3     . DG  A 1 7  ? 7.41102   1.08266   -16.78250 1.000 49.37565  ?  7   DG  A N3     1 
ATOM   186 C  C4     . DG  A 1 7  ? 8.33507   0.10999   -16.74831 1.000 50.49162  ?  7   DG  A C4     1 
ATOM   187 H  "H5'"  . DG  A 1 7  ? 13.21323  0.06234   -18.86146 1.000 65.55257  ?  7   DG  A "H5'"  1 
ATOM   188 H  "H5''" . DG  A 1 7  ? 12.73957  -0.18537  -20.34751 1.000 65.55257  ?  7   DG  A "H5''" 1 
ATOM   189 H  "H4'"  . DG  A 1 7  ? 11.85964  2.01064   -20.37827 1.000 70.58707  ?  7   DG  A "H4'"  1 
ATOM   190 H  "H3'"  . DG  A 1 7  ? 13.10499  2.65217   -18.16432 1.000 58.17660  ?  7   DG  A "H3'"  1 
ATOM   191 H  "H2'"  . DG  A 1 7  ? 11.95494  1.27138   -16.78076 1.000 63.80326  ?  7   DG  A "H2'"  1 
ATOM   192 H  "H2''" . DG  A 1 7  ? 11.14268  2.61412   -16.59991 1.000 63.80326  ?  7   DG  A "H2''" 1 
ATOM   193 H  "H1'"  . DG  A 1 7  ? 9.52978   1.98764   -18.06101 1.000 63.59282  ?  7   DG  A "H1'"  1 
ATOM   194 H  H8     . DG  A 1 7  ? 11.03083  -1.28616  -17.32151 1.000 66.87706  ?  7   DG  A H8     1 
ATOM   195 H  H1     . DG  A 1 7  ? 5.30821   -0.68066  -15.31092 1.000 54.48134  ?  7   DG  A H1     1 
ATOM   196 H  H21    . DG  A 1 7  ? 4.46928   1.25544   -15.73610 1.000 60.54495  ?  7   DG  A H21    1 
ATOM   197 H  H22    . DG  A 1 7  ? 5.23670   2.32699   -16.42967 1.000 60.54495  ?  7   DG  A H22    1 
ATOM   198 P  P      . DG  A 1 8  ? 11.79491  5.04337   -17.92182 1.000 62.95267  ?  8   DG  A P      1 
ATOM   199 O  OP1    . DG  A 1 8  ? 11.73984  6.30305   -18.68374 1.000 49.08118  ?  8   DG  A OP1    1 
ATOM   200 O  OP2    . DG  A 1 8  ? 13.01585  4.70528   -17.14727 1.000 53.89872  ?  8   DG  A OP2    1 
ATOM   201 O  "O5'"  . DG  A 1 8  ? 10.49781  4.99002   -17.00784 1.000 54.79197  ?  8   DG  A "O5'"  1 
ATOM   202 C  "C5'"  . DG  A 1 8  ? 9.25262   5.37495   -17.52613 1.000 54.08909  ?  8   DG  A "C5'"  1 
ATOM   203 C  "C4'"  . DG  A 1 8  ? 8.32671   5.84490   -16.42442 1.000 62.50611  ?  8   DG  A "C4'"  1 
ATOM   204 O  "O4'"  . DG  A 1 8  ? 7.75774   4.71776   -15.68619 1.000 57.01979  ?  8   DG  A "O4'"  1 
ATOM   205 C  "C3'"  . DG  A 1 8  ? 8.98947   6.72092   -15.33413 1.000 63.48649  ?  8   DG  A "C3'"  1 
ATOM   206 O  "O3'"  . DG  A 1 8  ? 8.06613   7.77001   -14.98620 1.000 78.48453  ?  8   DG  A "O3'"  1 
ATOM   207 C  "C2'"  . DG  A 1 8  ? 9.26926   5.75885   -14.17442 1.000 59.22137  ?  8   DG  A "C2'"  1 
ATOM   208 C  "C1'"  . DG  A 1 8  ? 8.04670   4.86125   -14.27462 1.000 57.96622  ?  8   DG  A "C1'"  1 
ATOM   209 N  N9     . DG  A 1 8  ? 8.20449   3.51674   -13.78665 1.000 55.58035  ?  8   DG  A N9     1 
ATOM   210 C  C8     . DG  A 1 8  ? 9.32455   2.73109   -13.89884 1.000 64.55388  ?  8   DG  A C8     1 
ATOM   211 N  N7     . DG  A 1 8  ? 9.16954   1.52260   -13.40299 1.000 59.99221  ?  8   DG  A N7     1 
ATOM   212 C  C5     . DG  A 1 8  ? 7.85395   1.49067   -13.01027 1.000 47.54670  ?  8   DG  A C5     1 
ATOM   213 C  C6     . DG  A 1 8  ? 7.12719   0.47235   -12.43448 1.000 49.05175  ?  8   DG  A C6     1 
ATOM   214 O  O6     . DG  A 1 8  ? 7.50761   -0.63997  -12.11965 1.000 65.86313  ?  8   DG  A O6     1 
ATOM   215 N  N1     . DG  A 1 8  ? 5.82601   0.86022   -12.15612 1.000 51.46486  ?  8   DG  A N1     1 
ATOM   216 C  C2     . DG  A 1 8  ? 5.31298   2.10994   -12.41278 1.000 47.95198  ?  8   DG  A C2     1 
ATOM   217 N  N2     . DG  A 1 8  ? 4.03701   2.31746   -12.06195 1.000 59.04672  ?  8   DG  A N2     1 
ATOM   218 N  N3     . DG  A 1 8  ? 5.98833   3.07661   -12.97711 1.000 48.74741  ?  8   DG  A N3     1 
ATOM   219 C  C4     . DG  A 1 8  ? 7.24375   2.71544   -13.23484 1.000 51.36241  ?  8   DG  A C4     1 
ATOM   220 H  "H5'"  . DG  A 1 8  ? 8.84901   4.61896   -17.98074 1.000 64.93632  ?  8   DG  A "H5'"  1 
ATOM   221 H  "H5''" . DG  A 1 8  ? 9.38157   6.09545   -18.16317 1.000 64.93632  ?  8   DG  A "H5''" 1 
ATOM   222 H  "H4'"  . DG  A 1 8  ? 7.60153   6.32913   -16.84811 1.000 75.03675  ?  8   DG  A "H4'"  1 
ATOM   223 H  "H3'"  . DG  A 1 8  ? 9.84016   7.07396   -15.63637 1.000 76.21320  ?  8   DG  A "H3'"  1 
ATOM   224 H  "H2'"  . DG  A 1 8  ? 10.09366  5.26453   -14.30632 1.000 71.09506  ?  8   DG  A "H2'"  1 
ATOM   225 H  "H2''" . DG  A 1 8  ? 9.31171   6.22088   -13.32270 1.000 71.09506  ?  8   DG  A "H2''" 1 
ATOM   226 H  "H1'"  . DG  A 1 8  ? 7.33432   5.30654   -13.78910 1.000 69.58888  ?  8   DG  A "H1'"  1 
ATOM   227 H  H8     . DG  A 1 8  ? 10.11731  3.02441   -14.28759 1.000 77.49407  ?  8   DG  A H8     1 
ATOM   228 H  H1     . DG  A 1 8  ? 5.30237   0.27880   -11.79900 1.000 61.78725  ?  8   DG  A H1     1 
ATOM   229 H  H21    . DG  A 1 8  ? 3.66836   3.08111   -12.20816 1.000 70.88547  ?  8   DG  A H21    1 
ATOM   230 H  H22    . DG  A 1 8  ? 3.58534   1.68736   -11.68933 1.000 70.88547  ?  8   DG  A H22    1 
ATOM   231 P  P      . DG  A 1 9  ? 8.39892   8.81860   -13.82272 1.000 69.56737  ?  9   DG  A P      1 
ATOM   232 O  OP1    . DG  A 1 9  ? 7.72090   10.03980  -14.29074 1.000 70.05038  ?  9   DG  A OP1    1 
ATOM   233 O  OP2    . DG  A 1 9  ? 9.83383   8.76630   -13.40673 1.000 68.52949  ?  9   DG  A OP2    1 
ATOM   234 O  "O5'"  . DG  A 1 9  ? 7.62000   8.26331   -12.59469 1.000 67.88922  ?  9   DG  A "O5'"  1 
ATOM   235 C  "C5'"  . DG  A 1 9  ? 6.27167   8.32477   -12.59096 1.000 70.59757  ?  9   DG  A "C5'"  1 
ATOM   236 C  "C4'"  . DG  A 1 9  ? 5.78418   8.10861   -11.19438 1.000 71.61478  ?  9   DG  A "C4'"  1 
ATOM   237 O  "O4'"  . DG  A 1 9  ? 5.74170   6.69283   -10.87757 1.000 66.05018  ?  9   DG  A "O4'"  1 
ATOM   238 C  "C3'"  . DG  A 1 9  ? 6.67673   8.73924   -10.10861 1.000 79.73966  ?  9   DG  A "C3'"  1 
ATOM   239 O  "O3'"  . DG  A 1 9  ? 5.80816   9.43503   -9.16849  1.000 89.50319  ?  9   DG  A "O3'"  1 
ATOM   240 C  "C2'"  . DG  A 1 9  ? 7.42857   7.54177   -9.51411  1.000 75.60519  ?  9   DG  A "C2'"  1 
ATOM   241 C  "C1'"  . DG  A 1 9  ? 6.40051   6.43573   -9.65380  1.000 65.12705  ?  9   DG  A "C1'"  1 
ATOM   242 N  N9     . DG  A 1 9  ? 6.96024   5.10942   -9.71772  1.000 60.01331  ?  9   DG  A N9     1 
ATOM   243 C  C8     . DG  A 1 9  ? 8.13475   4.75443   -10.32933 1.000 59.68939  ?  9   DG  A C8     1 
ATOM   244 N  N7     . DG  A 1 9  ? 8.38459   3.47147   -10.26086 1.000 50.50686  ?  9   DG  A N7     1 
ATOM   245 C  C5     . DG  A 1 9  ? 7.26997   2.92433   -9.60373  1.000 50.55078  ?  9   DG  A C5     1 
ATOM   246 C  C6     . DG  A 1 9  ? 6.98742   1.59441   -9.25645  1.000 47.68056  ?  9   DG  A C6     1 
ATOM   247 O  O6     . DG  A 1 9  ? 7.66968   0.58080   -9.47511  1.000 54.41072  ?  9   DG  A O6     1 
ATOM   248 N  N1     . DG  A 1 9  ? 5.77858   1.46499   -8.60947  1.000 48.85473  ?  9   DG  A N1     1 
ATOM   249 C  C2     . DG  A 1 9  ? 4.92548   2.50240   -8.31700  1.000 50.91300  ?  9   DG  A C2     1 
ATOM   250 N  N2     . DG  A 1 9  ? 3.79545   2.18098   -7.67659  1.000 61.85651  ?  9   DG  A N2     1 
ATOM   251 N  N3     . DG  A 1 9  ? 5.16521   3.76358   -8.62884  1.000 43.73028  ?  9   DG  A N3     1 
ATOM   252 C  C4     . DG  A 1 9  ? 6.37129   3.90666   -9.26898  1.000 61.52371  ?  9   DG  A C4     1 
ATOM   253 H  "H5'"  . DG  A 1 9  ? 5.91034   7.63951   -13.17483 1.000 84.74650  ?  9   DG  A "H5'"  1 
ATOM   254 H  "H5''" . DG  A 1 9  ? 5.98328   9.19482   -12.90883 1.000 84.74650  ?  9   DG  A "H5''" 1 
ATOM   255 H  "H4'"  . DG  A 1 9  ? 4.88069   8.45654   -11.12632 1.000 85.96714  ?  9   DG  A "H4'"  1 
ATOM   256 H  "H3'"  . DG  A 1 9  ? 7.34083   9.34292   -10.47503 1.000 95.71701  ?  9   DG  A "H3'"  1 
ATOM   257 H  "H2'"  . DG  A 1 9  ? 8.23544   7.34343   -10.01604 1.000 90.75564  ?  9   DG  A "H2'"  1 
ATOM   258 H  "H2''" . DG  A 1 9  ? 7.66467   7.69395   -8.58530  1.000 90.75564  ?  9   DG  A "H2''" 1 
ATOM   259 H  "H1'"  . DG  A 1 9  ? 5.77727   6.47489   -8.91206  1.000 78.18187  ?  9   DG  A "H1'"  1 
ATOM   260 H  H8     . DG  A 1 9  ? 8.69695   5.36453   -10.74972 1.000 71.65669  ?  9   DG  A H8     1 
ATOM   261 H  H1     . DG  A 1 9  ? 5.53896   0.67445   -8.36912  1.000 58.65509  ?  9   DG  A H1     1 
ATOM   262 H  H21    . DG  A 1 9  ? 3.22989   2.79409   -7.46977  1.000 74.25722  ?  9   DG  A H21    1 
ATOM   263 H  H22    . DG  A 1 9  ? 3.63606   1.36069   -7.47145  1.000 74.25722  ?  9   DG  A H22    1 
ATOM   264 P  P      . DT  A 1 10 ? 6.39748   10.32040  -7.95824  1.000 95.83367  ?  10  DT  A P      1 
ATOM   265 O  OP1    . DT  A 1 10 ? 7.86441   10.48107  -8.11777  1.000 70.51498  ?  10  DT  A OP1    1 
ATOM   266 O  OP2    . DT  A 1 10 ? 5.85653   9.68570   -6.72395  1.000 75.23757  ?  10  DT  A OP2    1 
ATOM   267 O  "O5'"  . DT  A 1 10 ? 5.67223   11.74816  -8.13482  1.000 84.97096  ?  10  DT  A "O5'"  1 
ATOM   268 C  "C5'"  . DT  A 1 10 ? 4.87169   12.06014  -9.29274  1.000 96.46610  ?  10  DT  A "C5'"  1 
ATOM   269 C  "C4'"  . DT  A 1 10 ? 5.62728   13.00598  -10.23315 1.000 105.60416 ?  10  DT  A "C4'"  1 
ATOM   270 O  "O4'"  . DT  A 1 10 ? 6.91108   13.28954  -9.65871  1.000 99.95384  ?  10  DT  A "O4'"  1 
ATOM   271 C  "C3'"  . DT  A 1 10 ? 5.87543   12.39277  -11.59376 1.000 101.01879 ?  10  DT  A "C3'"  1 
ATOM   272 O  "O3'"  . DT  A 1 10 ? 4.98866   12.92720  -12.58066 1.000 95.67592  ?  10  DT  A "O3'"  1 
ATOM   273 C  "C2'"  . DT  A 1 10 ? 7.32861   12.71575  -11.92607 1.000 102.21587 ?  10  DT  A "C2'"  1 
ATOM   274 C  "C1'"  . DT  A 1 10 ? 7.83167   13.49357  -10.69548 1.000 97.41377  ?  10  DT  A "C1'"  1 
ATOM   275 N  N1     . DT  A 1 10 ? 9.17553   13.01769  -10.20511 1.000 97.59325  ?  10  DT  A N1     1 
ATOM   276 C  C2     . DT  A 1 10 ? 9.96739   13.83807  -9.41673  1.000 103.06498 ?  10  DT  A C2     1 
ATOM   277 O  O2     . DT  A 1 10 ? 9.64487   14.96742  -9.06990  1.000 99.28698  ?  10  DT  A O2     1 
ATOM   278 N  N3     . DT  A 1 10 ? 11.16927  13.28506  -9.03892  1.000 103.83906 ?  10  DT  A N3     1 
ATOM   279 C  C4     . DT  A 1 10 ? 11.64889  12.02718  -9.35440  1.000 114.55139 ?  10  DT  A C4     1 
ATOM   280 O  O4     . DT  A 1 10 ? 12.75421  11.63100  -8.96233  1.000 107.23736 ?  10  DT  A O4     1 
ATOM   281 C  C5     . DT  A 1 10 ? 10.76159  11.21424  -10.17354 1.000 112.99908 ?  10  DT  A C5     1 
ATOM   282 C  C7     . DT  A 1 10 ? 11.16039  9.84359   -10.58344 1.000 107.62657 ?  10  DT  A C7     1 
ATOM   283 C  C6     . DT  A 1 10 ? 9.58828   11.73800  -10.54254 1.000 99.06759  ?  10  DT  A C6     1 
ATOM   284 H  "H5'"  . DT  A 1 10 ? 4.04693   12.48375  -9.00682  1.000 115.78873 ?  10  DT  A "H5'"  1 
ATOM   285 H  "H5''" . DT  A 1 10 ? 4.65857   11.24062  -9.76546  1.000 115.78873 ?  10  DT  A "H5''" 1 
ATOM   286 H  "H4'"  . DT  A 1 10 ? 5.16044   13.84971  -10.34093 1.000 126.75440 ?  10  DT  A "H4'"  1 
ATOM   287 H  "H3'"  . DT  A 1 10 ? 5.76587   11.43323  -11.50770 1.000 121.25197 ?  10  DT  A "H3'"  1 
ATOM   288 H  "H2'"  . DT  A 1 10 ? 7.84330   11.90372  -12.05628 1.000 122.68845 ?  10  DT  A "H2'"  1 
ATOM   289 H  "H2''" . DT  A 1 10 ? 7.38819   13.25987  -12.72690 1.000 122.68845 ?  10  DT  A "H2''" 1 
ATOM   290 H  "H1'"  . DT  A 1 10 ? 7.86006   14.43845  -10.91476 1.000 116.92594 ?  10  DT  A "H1'"  1 
ATOM   291 H  H3     . DT  A 1 10 ? 11.67997  13.77692  -8.55194  1.000 124.63628 ?  10  DT  A H3     1 
ATOM   292 H  H71    . DT  A 1 10 ? 10.92408  9.71183   -11.51585 1.000 129.18129 ?  10  DT  A H71    1 
ATOM   293 H  H72    . DT  A 1 10 ? 12.11781  9.74467   -10.46809 1.000 129.18129 ?  10  DT  A H72    1 
ATOM   294 H  H73    . DT  A 1 10 ? 10.69113  9.19967   -10.02970 1.000 129.18129 ?  10  DT  A H73    1 
ATOM   295 H  H6     . DT  A 1 10 ? 9.01587   11.21420  -11.05487 1.000 118.91052 ?  10  DT  A H6     1 
ATOM   296 P  P      . DT  A 1 11 ? 3.39413   12.85172  -12.40226 1.000 92.71430  ?  11  DT  A P      1 
ATOM   297 O  OP1    . DT  A 1 11 ? 2.94825   13.85239  -13.38944 1.000 88.96273  ?  11  DT  A OP1    1 
ATOM   298 O  OP2    . DT  A 1 11 ? 2.99821   12.98790  -10.97467 1.000 93.82566  ?  11  DT  A OP2    1 
ATOM   299 O  "O5'"  . DT  A 1 11 ? 3.02019   11.35595  -12.87293 1.000 99.44331  ?  11  DT  A "O5'"  1 
ATOM   300 C  "C5'"  . DT  A 1 11 ? 3.57980   10.80965  -14.09057 1.000 101.61400 ?  11  DT  A "C5'"  1 
ATOM   301 C  "C4'"  . DT  A 1 11 ? 3.22476   9.32257   -14.27663 1.000 95.07477  ?  11  DT  A "C4'"  1 
ATOM   302 O  "O4'"  . DT  A 1 11 ? 3.61767   8.54411   -13.11845 1.000 88.97740  ?  11  DT  A "O4'"  1 
ATOM   303 C  "C3'"  . DT  A 1 11 ? 1.72350   9.04736   -14.45906 1.000 97.22651  ?  11  DT  A "C3'"  1 
ATOM   304 O  "O3'"  . DT  A 1 11 ? 1.47486   8.20007   -15.59983 1.000 85.14104  ?  11  DT  A "O3'"  1 
ATOM   305 C  "C2'"  . DT  A 1 11 ? 1.27707   8.39341   -13.12722 1.000 91.88308  ?  11  DT  A "C2'"  1 
ATOM   306 C  "C1'"  . DT  A 1 11 ? 2.55031   7.67567   -12.73449 1.000 93.85379  ?  11  DT  A "C1'"  1 
ATOM   307 N  N1     . DT  A 1 11 ? 2.69077   7.36115   -11.31298 1.000 91.59217  ?  11  DT  A N1     1 
ATOM   308 C  C2     . DT  A 1 11 ? 2.78689   6.04329   -10.97810 1.000 69.84472  ?  11  DT  A C2     1 
ATOM   309 O  O2     . DT  A 1 11 ? 2.74420   5.16213   -11.80397 1.000 66.96972  ?  11  DT  A O2     1 
ATOM   310 N  N3     . DT  A 1 11 ? 2.93249   5.79439   -9.63839  1.000 89.17584  ?  11  DT  A N3     1 
ATOM   311 C  C4     . DT  A 1 11 ? 3.01076   6.73613   -8.61244  1.000 87.84827  ?  11  DT  A C4     1 
ATOM   312 O  O4     . DT  A 1 11 ? 3.14903   6.41355   -7.43263  1.000 84.00615  ?  11  DT  A O4     1 
ATOM   313 C  C5     . DT  A 1 11 ? 2.90728   8.11659   -9.03967  1.000 89.61587  ?  11  DT  A C5     1 
ATOM   314 C  C7     . DT  A 1 11 ? 2.99159   9.21148   -8.04704  1.000 86.55507  ?  11  DT  A C7     1 
ATOM   315 C  C6     . DT  A 1 11 ? 2.73843   8.36555   -10.35156 1.000 101.53257 ?  11  DT  A C6     1 
ATOM   316 H  "H5'"  . DT  A 1 11 ? 4.54508   10.90112  -14.06275 1.000 121.96621 ?  11  DT  A "H5'"  1 
ATOM   317 H  "H5''" . DT  A 1 11 ? 3.23749   11.31102  -14.84732 1.000 121.96621 ?  11  DT  A "H5''" 1 
ATOM   318 H  "H4'"  . DT  A 1 11 ? 3.71899   8.98502   -15.03974 1.000 114.11914 ?  11  DT  A "H4'"  1 
ATOM   319 H  "H3'"  . DT  A 1 11 ? 1.26628   9.89542   -14.56812 1.000 116.70122 ?  11  DT  A "H3'"  1 
ATOM   320 H  "H2'"  . DT  A 1 11 ? 1.01951   9.05752   -12.46830 1.000 110.28910 ?  11  DT  A "H2'"  1 
ATOM   321 H  "H2''" . DT  A 1 11 ? 0.53997   7.77641   -13.25784 1.000 110.28910 ?  11  DT  A "H2''" 1 
ATOM   322 H  "H1'"  . DT  A 1 11 ? 2.59826   6.84100   -13.22472 1.000 112.65396 ?  11  DT  A "H1'"  1 
ATOM   323 H  H3     . DT  A 1 11 ? 2.98097   4.96783   -9.40552  1.000 107.04042 ?  11  DT  A H3     1 
ATOM   324 H  H71    . DT  A 1 11 ? 2.10578   9.58260   -7.91098  1.000 103.89549 ?  11  DT  A H71    1 
ATOM   325 H  H72    . DT  A 1 11 ? 3.33229   8.85493   -7.21116  1.000 103.89549 ?  11  DT  A H72    1 
ATOM   326 H  H73    . DT  A 1 11 ? 3.58926   9.89717   -8.38206  1.000 103.89549 ?  11  DT  A H73    1 
ATOM   327 H  H6     . DT  A 1 11 ? 2.64993   9.24974   -10.62794 1.000 121.86850 ?  11  DT  A H6     1 
ATOM   328 P  P      . DG  A 1 12 ? -0.04664  7.85517   -15.99073 1.000 92.16473  ?  12  DG  A P      1 
ATOM   329 O  OP1    . DG  A 1 12 ? -0.20372  7.19827   -17.30427 1.000 96.82848  ?  12  DG  A OP1    1 
ATOM   330 O  OP2    . DG  A 1 12 ? -0.79168  9.11098   -15.73273 1.000 105.32219 ?  12  DG  A OP2    1 
ATOM   331 O  "O5'"  . DG  A 1 12 ? -0.46847  6.80098   -14.89068 1.000 86.88858  ?  12  DG  A "O5'"  1 
ATOM   332 C  "C5'"  . DG  A 1 12 ? 0.08385   5.51606   -14.88158 1.000 67.16530  ?  12  DG  A "C5'"  1 
ATOM   333 C  "C4'"  . DG  A 1 12 ? -0.96564  4.52949   -14.38137 1.000 69.01168  ?  12  DG  A "C4'"  1 
ATOM   334 O  "O4'"  . DG  A 1 12 ? -0.57726  3.16301   -14.75919 1.000 55.03725  ?  12  DG  A "O4'"  1 
ATOM   335 C  "C3'"  . DG  A 1 12 ? -1.15739  4.48078   -12.85261 1.000 70.28440  ?  12  DG  A "C3'"  1 
ATOM   336 O  "O3'"  . DG  A 1 12 ? -2.46858  3.99323   -12.47523 1.000 59.92063  ?  12  DG  A "O3'"  1 
ATOM   337 C  "C2'"  . DG  A 1 12 ? -0.01858  3.50447   -12.43857 1.000 59.50081  ?  12  DG  A "C2'"  1 
ATOM   338 C  "C1'"  . DG  A 1 12 ? -0.18784  2.45915   -13.56677 1.000 56.03024  ?  12  DG  A "C1'"  1 
ATOM   339 N  N9     . DG  A 1 12 ? 0.99578   1.68739   -13.88557 1.000 50.52588  ?  12  DG  A N9     1 
ATOM   340 C  C8     . DG  A 1 12 ? 2.09080   2.10112   -14.59890 1.000 45.21179  ?  12  DG  A C8     1 
ATOM   341 N  N7     . DG  A 1 12 ? 2.99263   1.18982   -14.72711 1.000 50.50915  ?  12  DG  A N7     1 
ATOM   342 C  C5     . DG  A 1 12 ? 2.43976   0.07897   -14.05837 1.000 58.44723  ?  12  DG  A C5     1 
ATOM   343 C  C6     . DG  A 1 12 ? 2.93370   -1.24553  -13.87290 1.000 46.81013  ?  12  DG  A C6     1 
ATOM   344 O  O6     . DG  A 1 12 ? 3.98451   -1.72936  -14.27145 1.000 47.03288  ?  12  DG  A O6     1 
ATOM   345 N  N1     . DG  A 1 12 ? 2.04791   -2.02847  -13.17597 1.000 49.89945  ?  12  DG  A N1     1 
ATOM   346 C  C2     . DG  A 1 12 ? 0.82731   -1.62045  -12.69456 1.000 47.96421  ?  12  DG  A C2     1 
ATOM   347 N  N2     . DG  A 1 12 ? 0.12689   -2.53287  -11.99145 1.000 44.14248  ?  12  DG  A N2     1 
ATOM   348 N  N3     . DG  A 1 12 ? 0.34264   -0.41062  -12.86713 1.000 51.13041  ?  12  DG  A N3     1 
ATOM   349 C  C4     . DG  A 1 12 ? 1.21070   0.38540   -13.54908 1.000 52.30397  ?  12  DG  A C4     1 
ATOM   350 H  "H5'"  . DG  A 1 12 ? 0.85640   5.49595   -14.29497 1.000 80.62777  ?  12  DG  A "H5'"  1 
ATOM   351 H  "H5''" . DG  A 1 12 ? 0.36175   5.27232   -15.77762 1.000 80.62777  ?  12  DG  A "H5''" 1 
ATOM   352 H  "H4'"  . DG  A 1 12 ? -1.81431  4.74932   -14.79705 1.000 82.84343  ?  12  DG  A "H4'"  1 
ATOM   353 H  "H3'"  . DG  A 1 12 ? -1.03426  5.36359   -12.46841 1.000 84.37069  ?  12  DG  A "H3'"  1 
ATOM   354 H  "H2'"  . DG  A 1 12 ? 0.85406   3.92885   -12.45878 1.000 71.43039  ?  12  DG  A "H2'"  1 
ATOM   355 H  "H2''" . DG  A 1 12 ? -0.16442  3.12301   -11.55873 1.000 71.43039  ?  12  DG  A "H2''" 1 
ATOM   356 H  "H1'"  . DG  A 1 12 ? -0.89743  1.85674   -13.29080 1.000 67.26571  ?  12  DG  A "H1'"  1 
ATOM   357 H  H8     . DG  A 1 12 ? 2.17436   2.95623   -14.95471 1.000 54.28356  ?  12  DG  A H8     1 
ATOM   358 H  H1     . DG  A 1 12 ? 2.27635   -2.84494  -13.02831 1.000 59.90875  ?  12  DG  A H1     1 
ATOM   359 H  H21    . DG  A 1 12 ? -0.63723  -2.32392  -11.65559 1.000 53.00039  ?  12  DG  A H21    1 
ATOM   360 H  H22    . DG  A 1 12 ? 0.44392   -3.32438  -11.87776 1.000 53.00039  ?  12  DG  A H22    1 
ATOM   361 P  P      . DG  A 1 13 ? -3.22950  4.49749   -11.15035 1.000 71.86386  ?  13  DG  A P      1 
ATOM   362 O  OP1    . DG  A 1 13 ? -4.71852  4.65448   -11.38826 1.000 89.04521  ?  13  DG  A OP1    1 
ATOM   363 O  OP2    . DG  A 1 13 ? -2.58849  5.70958   -10.49984 1.000 67.49797  ?  13  DG  A OP2    1 
ATOM   364 O  "O5'"  . DG  A 1 13 ? -3.05380  3.27225   -10.11521 1.000 49.39580  ?  13  DG  A "O5'"  1 
ATOM   365 C  "C5'"  . DG  A 1 13 ? -3.34387  1.91724   -10.55452 1.000 70.28402  ?  13  DG  A "C5'"  1 
ATOM   366 C  "C4'"  . DG  A 1 13 ? -3.42639  0.96679   -9.37853  1.000 57.63099  ?  13  DG  A "C4'"  1 
ATOM   367 O  "O4'"  . DG  A 1 13 ? -2.36430  -0.00467  -9.50078  1.000 59.10257  ?  13  DG  A "O4'"  1 
ATOM   368 C  "C3'"  . DG  A 1 13 ? -3.24604  1.55698   -7.98187  1.000 57.65076  ?  13  DG  A "C3'"  1 
ATOM   369 O  "O3'"  . DG  A 1 13 ? -3.79129  0.68847   -6.99111  1.000 63.47151  ?  13  DG  A "O3'"  1 
ATOM   370 C  "C2'"  . DG  A 1 13 ? -1.72919  1.59406   -7.89487  1.000 59.38602  ?  13  DG  A "C2'"  1 
ATOM   371 C  "C1'"  . DG  A 1 13 ? -1.38974  0.23713   -8.48666  1.000 56.16795  ?  13  DG  A "C1'"  1 
ATOM   372 N  N9     . DG  A 1 13 ? -0.07470  0.16929   -9.08856  1.000 55.11706  ?  13  DG  A N9     1 
ATOM   373 C  C8     . DG  A 1 13 ? 0.58214   1.17828   -9.74461  1.000 69.87052  ?  13  DG  A C8     1 
ATOM   374 N  N7     . DG  A 1 13 ? 1.76143   0.82305   -10.17965 1.000 47.89955  ?  13  DG  A N7     1 
ATOM   375 C  C5     . DG  A 1 13 ? 1.88780   -0.49374  -9.76090  1.000 39.75564  ?  13  DG  A C5     1 
ATOM   376 C  C6     . DG  A 1 13 ? 2.94938   -1.39274  -9.96247  1.000 58.67440  ?  13  DG  A C6     1 
ATOM   377 O  O6     . DG  A 1 13 ? 4.01193   -1.15939  -10.53449 1.000 38.45886  ?  13  DG  A O6     1 
ATOM   378 N  N1     . DG  A 1 13 ? 2.69120   -2.63959  -9.39829  1.000 49.12957  ?  13  DG  A N1     1 
ATOM   379 C  C2     . DG  A 1 13 ? 1.54077   -2.97371  -8.73149  1.000 55.35603  ?  13  DG  A C2     1 
ATOM   380 N  N2     . DG  A 1 13 ? 1.47186   -4.22343  -8.25683  1.000 60.90630  ?  13  DG  A N2     1 
ATOM   381 N  N3     . DG  A 1 13 ? 0.52407   -2.13184  -8.54528  1.000 69.41238  ?  13  DG  A N3     1 
ATOM   382 C  C4     . DG  A 1 13 ? 0.76650   -0.91508  -9.09061  1.000 51.28438  ?  13  DG  A C4     1 
ATOM   383 H  "H5'"  . DG  A 1 13 ? -2.63156  1.61300   -11.17008 1.000 84.37023  ?  13  DG  A "H5'"  1 
ATOM   384 H  "H5''" . DG  A 1 13 ? -4.20114  1.90617   -11.04565 1.000 84.37023  ?  13  DG  A "H5''" 1 
ATOM   385 H  "H4'"  . DG  A 1 13 ? -4.29380  0.49892   -9.42039  1.000 69.18660  ?  13  DG  A "H4'"  1 
ATOM   386 H  "H3'"  . DG  A 1 13 ? -3.63412  2.46357   -7.92150  1.000 69.21033  ?  13  DG  A "H3'"  1 
ATOM   387 H  "H2'"  . DG  A 1 13 ? -1.36120  2.32546   -8.42636  1.000 71.29264  ?  13  DG  A "H2'"  1 
ATOM   388 H  "H2''" . DG  A 1 13 ? -1.41602  1.67243   -6.97404  1.000 71.29264  ?  13  DG  A "H2''" 1 
ATOM   389 H  "H1'"  . DG  A 1 13 ? -1.46868  -0.45970  -7.78379  1.000 67.43095  ?  13  DG  A "H1'"  1 
ATOM   390 H  H8     . DG  A 1 13 ? 0.21655   2.03430   -9.87615  1.000 83.87404  ?  13  DG  A H8     1 
ATOM   391 H  H1     . DG  A 1 13 ? 3.32929   -3.26573  -9.47209  1.000 58.98489  ?  13  DG  A H1     1 
ATOM   392 H  H21    . DG  A 1 13 ? 2.19464   -4.61418  -7.94778  1.000 73.11697  ?  13  DG  A H21    1 
ATOM   393 H  H22    . DG  A 1 13 ? 0.70468   -4.64910  -8.25521  1.000 73.11697  ?  13  DG  A H22    1 
ATOM   394 P  P      . DG  A 1 14 ? -3.50037  0.88361   -5.42677  1.000 73.39882  ?  14  DG  A P      1 
ATOM   395 O  OP1    . DG  A 1 14 ? -4.71340  0.46429   -4.63718  1.000 82.41334  ?  14  DG  A OP1    1 
ATOM   396 O  OP2    . DG  A 1 14 ? -3.03878  2.28482   -5.09762  1.000 68.72615  ?  14  DG  A OP2    1 
ATOM   397 O  "O5'"  . DG  A 1 14 ? -2.28572  -0.11136  -4.98528  1.000 60.14263  ?  14  DG  A "O5'"  1 
ATOM   398 C  "C5'"  . DG  A 1 14 ? -2.58533  -1.52049  -4.72701  1.000 74.55275  ?  14  DG  A "C5'"  1 
ATOM   399 C  "C4'"  . DG  A 1 14 ? -1.55383  -2.13034  -3.80128  1.000 72.04801  ?  14  DG  A "C4'"  1 
ATOM   400 O  "O4'"  . DG  A 1 14 ? -0.37374  -2.42346  -4.56849  1.000 59.43260  ?  14  DG  A "O4'"  1 
ATOM   401 C  "C3'"  . DG  A 1 14 ? -1.14023  -1.23583  -2.64241  1.000 66.70962  ?  14  DG  A "C3'"  1 
ATOM   402 O  "O3'"  . DG  A 1 14 ? -0.83737  -2.06544  -1.53380  1.000 71.10458  ?  14  DG  A "O3'"  1 
ATOM   403 C  "C2'"  . DG  A 1 14 ? 0.11465   -0.60289  -3.20191  1.000 61.64197  ?  14  DG  A "C2'"  1 
ATOM   404 C  "C1'"  . DG  A 1 14 ? 0.70650   -1.81319  -3.88698  1.000 60.11586  ?  14  DG  A "C1'"  1 
ATOM   405 N  N9     . DG  A 1 14 ? 1.75527   -1.45020  -4.80591  1.000 60.35137  ?  14  DG  A N9     1 
ATOM   406 C  C8     . DG  A 1 14 ? 2.03215   -0.19853  -5.28459  1.000 59.42443  ?  14  DG  A C8     1 
ATOM   407 N  N7     . DG  A 1 14 ? 3.11394   -0.16530  -5.99699  1.000 66.46395  ?  14  DG  A N7     1 
ATOM   408 C  C5     . DG  A 1 14 ? 3.57230   -1.46831  -5.97349  1.000 60.32290  ?  14  DG  A C5     1 
ATOM   409 C  C6     . DG  A 1 14 ? 4.70156   -2.01009  -6.58561  1.000 60.23573  ?  14  DG  A C6     1 
ATOM   410 O  O6     . DG  A 1 14 ? 5.51049   -1.36986  -7.23688  1.000 63.14654  ?  14  DG  A O6     1 
ATOM   411 N  N1     . DG  A 1 14 ? 4.86138   -3.36506  -6.30699  1.000 56.24382  ?  14  DG  A N1     1 
ATOM   412 C  C2     . DG  A 1 14 ? 4.00935   -4.10054  -5.53364  1.000 63.57763  ?  14  DG  A C2     1 
ATOM   413 N  N2     . DG  A 1 14 ? 4.32022   -5.39353  -5.38447  1.000 62.50904  ?  14  DG  A N2     1 
ATOM   414 N  N3     . DG  A 1 14 ? 2.92689   -3.59111  -4.94642  1.000 62.32279  ?  14  DG  A N3     1 
ATOM   415 C  C4     . DG  A 1 14 ? 2.77058   -2.27376  -5.21807  1.000 59.88114  ?  14  DG  A C4     1 
ATOM   416 H  "H5'"  . DG  A 1 14 ? -2.58941  -2.01893  -5.58224  1.000 89.49272  ?  14  DG  A "H5'"  1 
ATOM   417 H  "H5''" . DG  A 1 14 ? -3.48126  -1.60679  -4.31783  1.000 89.49272  ?  14  DG  A "H5''" 1 
ATOM   418 H  "H4'"  . DG  A 1 14 ? -1.93021  -2.96161  -3.43734  1.000 86.48703  ?  14  DG  A "H4'"  1 
ATOM   419 H  "H3'"  . DG  A 1 14 ? -1.82654  -0.56360  -2.42917  1.000 80.08096  ?  14  DG  A "H3'"  1 
ATOM   420 H  "H2'"  . DG  A 1 14 ? -0.09392  0.11018   -3.83530  1.000 73.99978  ?  14  DG  A "H2'"  1 
ATOM   421 H  "H2''" . DG  A 1 14 ? 0.70082   -0.26242  -2.49792  1.000 73.99978  ?  14  DG  A "H2''" 1 
ATOM   422 H  "H1'"  . DG  A 1 14 ? 1.06703   -2.43799  -3.20823  1.000 72.16845  ?  14  DG  A "H1'"  1 
ATOM   423 H  H8     . DG  A 1 14 ? 1.50069   0.55828   -5.12744  1.000 71.33873  ?  14  DG  A H8     1 
ATOM   424 H  H1     . DG  A 1 14 ? 5.57055   -3.78617  -6.66005  1.000 67.52199  ?  14  DG  A H1     1 
ATOM   425 H  H21    . DG  A 1 14 ? 3.95395   -5.85242  -4.73826  1.000 75.04027  ?  14  DG  A H21    1 
ATOM   426 H  H22    . DG  A 1 14 ? 4.89078   -5.76869  -5.93277  1.000 75.04027  ?  14  DG  A H22    1 
ATOM   427 P  P      . DT  A 1 15 ? -0.94822  -1.55589  -0.01363  1.000 64.06855  ?  15  DT  A P      1 
ATOM   428 O  OP1    . DT  A 1 15 ? -0.61629  -0.11959  0.03472   1.000 56.73604  ?  15  DT  A OP1    1 
ATOM   429 O  OP2    . DT  A 1 15 ? -0.12817  -2.54085  0.72216   1.000 55.01358  ?  15  DT  A OP2    1 
ATOM   430 O  "O5'"  . DT  A 1 15 ? -2.53148  -1.66684  0.28157   1.000 62.68930  ?  15  DT  A "O5'"  1 
ATOM   431 C  "C5'"  . DT  A 1 15 ? -3.16216  -2.88830  0.28321   1.000 64.78282  ?  15  DT  A "C5'"  1 
ATOM   432 C  "C4'"  . DT  A 1 15 ? -4.64330  -2.75587  -0.05572  1.000 63.68666  ?  15  DT  A "C4'"  1 
ATOM   433 O  "O4'"  . DT  A 1 15 ? -5.24802  -1.55166  0.50823   1.000 67.41425  ?  15  DT  A "O4'"  1 
ATOM   434 C  "C3'"  . DT  A 1 15 ? -4.95940  -2.66745  -1.56500  1.000 67.27955  ?  15  DT  A "C3'"  1 
ATOM   435 O  "O3'"  . DT  A 1 15 ? -6.14798  -3.38259  -1.87130  1.000 56.58077  ?  15  DT  A "O3'"  1 
ATOM   436 C  "C2'"  . DT  A 1 15 ? -5.08579  -1.14944  -1.79486  1.000 57.86051  ?  15  DT  A "C2'"  1 
ATOM   437 C  "C1'"  . DT  A 1 15 ? -5.83203  -0.75556  -0.54288  1.000 60.89847  ?  15  DT  A "C1'"  1 
ATOM   438 N  N1     . DT  A 1 15 ? -5.72257  0.61000   -0.14863  1.000 55.11501  ?  15  DT  A N1     1 
ATOM   439 C  C2     . DT  A 1 15 ? -6.86592  1.37242   -0.03156  1.000 52.96922  ?  15  DT  A C2     1 
ATOM   440 O  O2     . DT  A 1 15 ? -7.99581  0.94421   -0.27364  1.000 57.89648  ?  15  DT  A O2     1 
ATOM   441 N  N3     . DT  A 1 15 ? -6.64809  2.64865   0.39320   1.000 56.02586  ?  15  DT  A N3     1 
ATOM   442 C  C4     . DT  A 1 15 ? -5.43536  3.21868   0.68518   1.000 58.53136  ?  15  DT  A C4     1 
ATOM   443 O  O4     . DT  A 1 15 ? -5.33640  4.38011   1.04156   1.000 53.97430  ?  15  DT  A O4     1 
ATOM   444 C  C5     . DT  A 1 15 ? -4.29865  2.35302   0.55310   1.000 61.39829  ?  15  DT  A C5     1 
ATOM   445 C  C7     . DT  A 1 15 ? -2.94496  2.85438   0.86394   1.000 58.87234  ?  15  DT  A C7     1 
ATOM   446 C  C6     . DT  A 1 15 ? -4.49416  1.11002   0.16421   1.000 55.81892  ?  15  DT  A C6     1 
ATOM   447 H  "H5'"  . DT  A 1 15 ? -3.07290  -3.28923  1.16229   1.000 77.76880  ?  15  DT  A "H5'"  1 
ATOM   448 H  "H5''" . DT  A 1 15 ? -2.73757  -3.46533  -0.37135  1.000 77.76880  ?  15  DT  A "H5''" 1 
ATOM   449 H  "H4'"  . DT  A 1 15 ? -5.08629  -3.51795  0.34881   1.000 76.45340  ?  15  DT  A "H4'"  1 
ATOM   450 H  "H3'"  . DT  A 1 15 ? -4.22546  -3.01908  -2.09195  1.000 80.76487  ?  15  DT  A "H3'"  1 
ATOM   451 H  "H2'"  . DT  A 1 15 ? -4.21818  -0.71894  -1.84950  1.000 69.46202  ?  15  DT  A "H2'"  1 
ATOM   452 H  "H2''" . DT  A 1 15 ? -5.59102  -0.94544  -2.59716  1.000 69.46202  ?  15  DT  A "H2''" 1 
ATOM   453 H  "H1'"  . DT  A 1 15 ? -6.77146  -0.95662  -0.67431  1.000 73.10758  ?  15  DT  A "H1'"  1 
ATOM   454 H  H3     . DT  A 1 15 ? -7.34102  3.14770   0.48797   1.000 67.26044  ?  15  DT  A H3     1 
ATOM   455 H  H71    . DT  A 1 15 ? -2.95907  3.82309   0.86308   1.000 70.67622  ?  15  DT  A H71    1 
ATOM   456 H  H72    . DT  A 1 15 ? -2.68019  2.52737   1.73776   1.000 70.67622  ?  15  DT  A H72    1 
ATOM   457 H  H73    . DT  A 1 15 ? -2.32737  2.53136   0.18959   1.000 70.67622  ?  15  DT  A H73    1 
ATOM   458 H  H6     . DT  A 1 15 ? -3.75816  0.54512   0.09945   1.000 67.01212  ?  15  DT  A H6     1 
ATOM   459 P  P      . DT  A 1 16 ? -6.08959  -4.97661  -1.92054  1.000 81.89857  ?  16  DT  A P      1 
ATOM   460 O  OP1    . DT  A 1 16 ? -7.47952  -5.53610  -1.93753  1.000 79.93186  ?  16  DT  A OP1    1 
ATOM   461 O  OP2    . DT  A 1 16 ? -5.12044  -5.43711  -0.91162  1.000 77.41267  ?  16  DT  A OP2    1 
ATOM   462 O  "O5'"  . DT  A 1 16 ? -5.33631  -5.26844  -3.30136  1.000 88.40069  ?  16  DT  A "O5'"  1 
ATOM   463 C  "C5'"  . DT  A 1 16 ? -5.47009  -4.38243  -4.37275  1.000 79.18294  ?  16  DT  A "C5'"  1 
ATOM   464 C  "C4'"  . DT  A 1 16 ? -4.63185  -4.83366  -5.55649  1.000 85.96830  ?  16  DT  A "C4'"  1 
ATOM   465 O  "O4'"  . DT  A 1 16 ? -3.24050  -4.52426  -5.31885  1.000 74.34514  ?  16  DT  A "O4'"  1 
ATOM   466 C  "C3'"  . DT  A 1 16 ? -4.66345  -6.35212  -5.88181  1.000 77.55820  ?  16  DT  A "C3'"  1 
ATOM   467 O  "O3'"  . DT  A 1 16 ? -4.81904  -6.45329  -7.29036  1.000 76.78635  ?  16  DT  A "O3'"  1 
ATOM   468 C  "C2'"  . DT  A 1 16 ? -3.30909  -6.85768  -5.41462  1.000 68.92582  ?  16  DT  A "C2'"  1 
ATOM   469 C  "C1'"  . DT  A 1 16 ? -2.44107  -5.64430  -5.67445  1.000 73.57276  ?  16  DT  A "C1'"  1 
ATOM   470 N  N1     . DT  A 1 16 ? -1.20114  -5.58623  -4.87320  1.000 77.21830  ?  16  DT  A N1     1 
ATOM   471 C  C2     . DT  A 1 16 ? 0.00881   -5.78279  -5.50104  1.000 75.43790  ?  16  DT  A C2     1 
ATOM   472 O  O2     . DT  A 1 16 ? 0.13283   -6.03431  -6.67377  1.000 86.91790  ?  16  DT  A O2     1 
ATOM   473 N  N3     . DT  A 1 16 ? 1.10762   -5.69965  -4.70561  1.000 81.40238  ?  16  DT  A N3     1 
ATOM   474 C  C4     . DT  A 1 16 ? 1.13359   -5.43471  -3.36129  1.000 90.12050  ?  16  DT  A C4     1 
ATOM   475 O  O4     . DT  A 1 16 ? 2.22352   -5.38727  -2.81559  1.000 96.14476  ?  16  DT  A O4     1 
ATOM   476 C  C5     . DT  A 1 16 ? -0.16220  -5.23265  -2.74943  1.000 71.91059  ?  16  DT  A C5     1 
ATOM   477 C  C7     . DT  A 1 16 ? -0.25253  -4.94209  -1.28522  1.000 69.73640  ?  16  DT  A C7     1 
ATOM   478 C  C6     . DT  A 1 16 ? -1.25257  -5.33154  -3.52128  1.000 78.69649  ?  16  DT  A C6     1 
ATOM   479 H  "H5'"  . DT  A 1 16 ? -5.17160  -3.48141  -4.10909  1.000 95.04894  ?  16  DT  A "H5'"  1 
ATOM   480 H  "H5''" . DT  A 1 16 ? -6.41883  -4.32817  -4.64353  1.000 95.04894  ?  16  DT  A "H5''" 1 
ATOM   481 H  "H4'"  . DT  A 1 16 ? -4.93134  -4.33257  -6.35102  1.000 103.19137 ?  16  DT  A "H4'"  1 
ATOM   482 H  "H3'"  . DT  A 1 16 ? -5.39704  -6.79476  -5.39847  1.000 93.09925  ?  16  DT  A "H3'"  1 
ATOM   483 H  "H2'"  . DT  A 1 16 ? -3.32118  -7.09495  -4.46271  1.000 82.74040  ?  16  DT  A "H2'"  1 
ATOM   484 H  "H2''" . DT  A 1 16 ? -3.01012  -7.63210  -5.93960  1.000 82.74040  ?  16  DT  A "H2''" 1 
ATOM   485 H  "H1'"  . DT  A 1 16 ? -2.22523  -5.59421  -6.64292  1.000 88.31672  ?  16  DT  A "H1'"  1 
ATOM   486 H  H3     . DT  A 1 16 ? 1.88381   -5.82973  -5.11377  1.000 97.71226  ?  16  DT  A H3     1 
ATOM   487 H  H71    . DT  A 1 16 ? 0.42937   -4.29725  -1.04362  1.000 83.71309  ?  16  DT  A H71    1 
ATOM   488 H  H72    . DT  A 1 16 ? -1.12918  -4.58288  -1.07884  1.000 83.71309  ?  16  DT  A H72    1 
ATOM   489 H  H73    . DT  A 1 16 ? -0.11266  -5.75974  -0.78228  1.000 83.71309  ?  16  DT  A H73    1 
ATOM   490 H  H6     . DT  A 1 16 ? -2.10369  -5.18377  -3.12449  1.000 94.46520  ?  16  DT  A H6     1 
ATOM   491 P  P      . DG  A 1 17 ? -5.43414  -7.74692  -7.98863  1.000 78.38773  ?  17  DG  A P      1 
ATOM   492 O  OP1    . DG  A 1 17 ? -6.01664  -7.32691  -9.28680  1.000 76.75229  ?  17  DG  A OP1    1 
ATOM   493 O  OP2    . DG  A 1 17 ? -6.17168  -8.48678  -6.96026  1.000 89.82515  ?  17  DG  A OP2    1 
ATOM   494 O  "O5'"  . DG  A 1 17 ? -4.16432  -8.65113  -8.30132  1.000 68.49335  ?  17  DG  A "O5'"  1 
ATOM   495 C  "C5'"  . DG  A 1 17 ? -3.27253  -8.28854  -9.31946  1.000 52.01217  ?  17  DG  A "C5'"  1 
ATOM   496 C  "C4'"  . DG  A 1 17 ? -2.16337  -9.31113  -9.40368  1.000 59.93896  ?  17  DG  A "C4'"  1 
ATOM   497 O  "O4'"  . DG  A 1 17 ? -1.25307  -8.91690  -10.47818 1.000 54.00365  ?  17  DG  A "O4'"  1 
ATOM   498 C  "C3'"  . DG  A 1 17 ? -1.26653  -9.42561  -8.14654  1.000 62.17019  ?  17  DG  A "C3'"  1 
ATOM   499 O  "O3'"  . DG  A 1 17 ? -0.65343  -10.67994 -8.10888  1.000 63.91325  ?  17  DG  A "O3'"  1 
ATOM   500 C  "C2'"  . DG  A 1 17 ? -0.28018  -8.30402  -8.38988  1.000 46.71274  ?  17  DG  A "C2'"  1 
ATOM   501 C  "C1'"  . DG  A 1 17 ? -0.02706  -8.53484  -9.89933  1.000 47.73890  ?  17  DG  A "C1'"  1 
ATOM   502 N  N9     . DG  A 1 17 ? 0.49252   -7.36890  -10.55611 1.000 42.50687  ?  17  DG  A N9     1 
ATOM   503 C  C8     . DG  A 1 17 ? -0.09232  -6.13189  -10.67545 1.000 53.30389  ?  17  DG  A C8     1 
ATOM   504 N  N7     . DG  A 1 17 ? 0.65094   -5.25998  -11.30889 1.000 45.58570  ?  17  DG  A N7     1 
ATOM   505 C  C5     . DG  A 1 17 ? 1.81043   -5.99616  -11.62690 1.000 51.85673  ?  17  DG  A C5     1 
ATOM   506 C  C6     . DG  A 1 17 ? 2.97992   -5.60171  -12.33154 1.000 52.18028  ?  17  DG  A C6     1 
ATOM   507 O  O6     . DG  A 1 17 ? 3.24453   -4.48904  -12.82859 1.000 53.91525  ?  17  DG  A O6     1 
ATOM   508 N  N1     . DG  A 1 17 ? 3.90594   -6.65795  -12.42690 1.000 47.05908  ?  17  DG  A N1     1 
ATOM   509 C  C2     . DG  A 1 17 ? 3.71888   -7.92890  -11.91537 1.000 53.25661  ?  17  DG  A C2     1 
ATOM   510 N  N2     . DG  A 1 17 ? 4.74644   -8.83261  -12.11829 1.000 40.73343  ?  17  DG  A N2     1 
ATOM   511 N  N3     . DG  A 1 17 ? 2.62142   -8.29102  -11.26858 1.000 47.65283  ?  17  DG  A N3     1 
ATOM   512 C  C4     . DG  A 1 17 ? 1.72186   -7.28062  -11.16457 1.000 48.17787  ?  17  DG  A C4     1 
ATOM   513 H  "H5'"  . DG  A 1 17 ? -2.89552  -7.41626  -9.12634  1.000 62.44402  ?  17  DG  A "H5'"  1 
ATOM   514 H  "H5''" . DG  A 1 17 ? -3.74354  -8.24886  -10.16620 1.000 62.44402  ?  17  DG  A "H5''" 1 
ATOM   515 H  "H4'"  . DG  A 1 17 ? -2.54857  -10.18124 -9.58924  1.000 71.95617  ?  17  DG  A "H4'"  1 
ATOM   516 H  "H3'"  . DG  A 1 17 ? -1.76549  -9.27868  -7.32720  1.000 74.63365  ?  17  DG  A "H3'"  1 
ATOM   517 H  "H2'"  . DG  A 1 17 ? -0.66606  -7.43224  -8.21227  1.000 56.08470  ?  17  DG  A "H2'"  1 
ATOM   518 H  "H2''" . DG  A 1 17 ? 0.52760   -8.40614  -7.86316  1.000 56.08470  ?  17  DG  A "H2''" 1 
ATOM   519 H  "H1'"  . DG  A 1 17 ? 0.59009   -9.27172  -10.02512 1.000 57.31609  ?  17  DG  A "H1'"  1 
ATOM   520 H  H8     . DG  A 1 17 ? -0.93559  -5.93265  -10.33945 1.000 63.99408  ?  17  DG  A H8     1 
ATOM   521 H  H1     . DG  A 1 17 ? 4.64600   -6.50041  -12.83638 1.000 56.50031  ?  17  DG  A H1     1 
ATOM   522 H  H21    . DG  A 1 17 ? 4.67572   -9.63675  -11.82419 1.000 48.90952  ?  17  DG  A H21    1 
ATOM   523 H  H22    . DG  A 1 17 ? 5.45537   -8.58897  -12.53919 1.000 48.90952  ?  17  DG  A H22    1 
ATOM   524 P  P      . DG  A 1 18 ? 0.06573   -11.25901 -6.82164  1.000 70.55169  ?  18  DG  A P      1 
ATOM   525 O  OP1    . DG  A 1 18 ? -0.79019  -12.24543 -6.13270  1.000 73.06038  ?  18  DG  A OP1    1 
ATOM   526 O  OP2    . DG  A 1 18 ? 0.63636   -10.22455 -5.93405  1.000 59.18121  ?  18  DG  A OP2    1 
ATOM   527 O  "O5'"  . DG  A 1 18 ? 1.26106   -12.01028 -7.50104  1.000 63.47399  ?  18  DG  A "O5'"  1 
ATOM   528 C  "C5'"  . DG  A 1 18 ? 2.10650   -11.27569 -8.32411  1.000 55.41355  ?  18  DG  A "C5'"  1 
ATOM   529 C  "C4'"  . DG  A 1 18 ? 3.51075   -11.70598 -8.09150  1.000 53.78846  ?  18  DG  A "C4'"  1 
ATOM   530 O  "O4'"  . DG  A 1 18 ? 4.43750   -10.76444 -8.67353  1.000 60.02236  ?  18  DG  A "O4'"  1 
ATOM   531 C  "C3'"  . DG  A 1 18 ? 3.92355   -11.72178 -6.63078  1.000 57.64947  ?  18  DG  A "C3'"  1 
ATOM   532 O  "O3'"  . DG  A 1 18 ? 5.17612   -12.40388 -6.49819  1.000 69.37982  ?  18  DG  A "O3'"  1 
ATOM   533 C  "C2'"  . DG  A 1 18 ? 4.09402   -10.21049 -6.38442  1.000 61.39907  ?  18  DG  A "C2'"  1 
ATOM   534 C  "C1'"  . DG  A 1 18 ? 4.97114   -9.91163  -7.60065  1.000 56.49137  ?  18  DG  A "C1'"  1 
ATOM   535 N  N9     . DG  A 1 18 ? 4.93562   -8.55254  -8.05815  1.000 52.32068  ?  18  DG  A N9     1 
ATOM   536 C  C8     . DG  A 1 18 ? 3.95371   -7.62990  -7.87221  1.000 53.07565  ?  18  DG  A C8     1 
ATOM   537 N  N7     . DG  A 1 18 ? 4.23344   -6.50916  -8.46309  1.000 54.97083  ?  18  DG  A N7     1 
ATOM   538 C  C5     . DG  A 1 18 ? 5.44941   -6.68819  -9.07676  1.000 42.16068  ?  18  DG  A C5     1 
ATOM   539 C  C6     . DG  A 1 18 ? 6.24700   -5.79853  -9.90821  1.000 56.98724  ?  18  DG  A C6     1 
ATOM   540 O  O6     . DG  A 1 18 ? 6.00587   -4.61535  -10.26267 1.000 41.83274  ?  18  DG  A O6     1 
ATOM   541 N  N1     . DG  A 1 18 ? 7.41172   -6.43743  -10.30646 1.000 53.91263  ?  18  DG  A N1     1 
ATOM   542 C  C2     . DG  A 1 18 ? 7.77672   -7.70366  -10.00910 1.000 45.00996  ?  18  DG  A C2     1 
ATOM   543 N  N2     . DG  A 1 18 ? 8.94369   -8.11901  -10.56734 1.000 57.69362  ?  18  DG  A N2     1 
ATOM   544 N  N3     . DG  A 1 18 ? 7.03765   -8.53171  -9.25922  1.000 47.80799  ?  18  DG  A N3     1 
ATOM   545 C  C4     . DG  A 1 18 ? 5.89562   -7.96654  -8.83277  1.000 41.92237  ?  18  DG  A C4     1 
ATOM   546 H  "H5'"  . DG  A 1 18 ? 2.01803   -10.30969 -8.12429  1.000 66.52567  ?  18  DG  A "H5'"  1 
ATOM   547 H  "H5''" . DG  A 1 18 ? 1.86517   -11.42234 -9.27208  1.000 66.52567  ?  18  DG  A "H5''" 1 
ATOM   548 H  "H4'"  . DG  A 1 18 ? 3.64693   -12.59761 -8.48886  1.000 64.57557  ?  18  DG  A "H4'"  1 
ATOM   549 H  "H3'"  . DG  A 1 18 ? 3.22569   -12.11399 -6.05453  1.000 69.20877  ?  18  DG  A "H3'"  1 
ATOM   550 H  "H2'"  . DG  A 1 18 ? 3.23884   -9.74022  -6.41455  1.000 73.70830  ?  18  DG  A "H2'"  1 
ATOM   551 H  "H2''" . DG  A 1 18 ? 4.55465   -10.01745 -5.54531  1.000 73.70830  ?  18  DG  A "H2''" 1 
ATOM   552 H  "H1'"  . DG  A 1 18 ? 5.90951   -10.17403 -7.40558  1.000 67.81906  ?  18  DG  A "H1'"  1 
ATOM   553 H  H8     . DG  A 1 18 ? 3.17333   -7.78030  -7.36393  1.000 63.72020  ?  18  DG  A H8     1 
ATOM   554 H  H1     . DG  A 1 18 ? 7.97086   -5.97803  -10.82138 1.000 64.72457  ?  18  DG  A H1     1 
ATOM   555 H  H21    . DG  A 1 18 ? 9.28970   -7.67266  -11.23570 1.000 69.26176  ?  18  DG  A H21    1 
ATOM   556 H  H22    . DG  A 1 18 ? 9.34588   -8.83401  -10.25975 1.000 69.26176  ?  18  DG  A H22    1 
ATOM   557 P  P      . DG  A 1 19 ? 5.84141   -12.63607 -5.05209  1.000 60.06515  ?  19  DG  A P      1 
ATOM   558 O  OP1    . DG  A 1 19 ? 6.08317   -14.06395 -5.17012  1.000 68.32640  ?  19  DG  A OP1    1 
ATOM   559 O  OP2    . DG  A 1 19 ? 5.11343   -11.96988 -3.93950  1.000 53.05849  ?  19  DG  A OP2    1 
ATOM   560 O  "O5'"  . DG  A 1 19 ? 7.27059   -11.88125 -5.10979  1.000 56.17987  ?  19  DG  A "O5'"  1 
ATOM   561 C  "C5'"  . DG  A 1 19 ? 8.18492   -12.22703 -6.09412  1.000 57.34363  ?  19  DG  A "C5'"  1 
ATOM   562 C  "C4'"  . DG  A 1 19 ? 9.39981   -11.34287 -5.97190  1.000 61.60068  ?  19  DG  A "C4'"  1 
ATOM   563 O  "O4'"  . DG  A 1 19 ? 9.16516   -10.04004 -6.58329  1.000 68.01473  ?  19  DG  A "O4'"  1 
ATOM   564 C  "C3'"  . DG  A 1 19 ? 9.84326   -11.02100 -4.52232  1.000 62.29427  ?  19  DG  A "C3'"  1 
ATOM   565 O  "O3'"  . DG  A 1 19 ? 11.28477  -11.26138 -4.43306  1.000 86.70668  ?  19  DG  A "O3'"  1 
ATOM   566 C  "C2'"  . DG  A 1 19 ? 9.42882   -9.55454  -4.31292  1.000 54.90070  ?  19  DG  A "C2'"  1 
ATOM   567 C  "C1'"  . DG  A 1 19 ? 9.61944   -9.00230  -5.69130  1.000 57.15584  ?  19  DG  A "C1'"  1 
ATOM   568 N  N9     . DG  A 1 19 ? 8.86677   -7.83886  -5.99571  1.000 57.40334  ?  19  DG  A N9     1 
ATOM   569 C  C8     . DG  A 1 19 ? 7.59361   -7.56645  -5.58359  1.000 60.93641  ?  19  DG  A C8     1 
ATOM   570 N  N7     . DG  A 1 19 ? 7.13389   -6.43782  -6.03297  1.000 54.57513  ?  19  DG  A N7     1 
ATOM   571 C  C5     . DG  A 1 19 ? 8.15135   -5.92315  -6.80062  1.000 39.97034  ?  19  DG  A C5     1 
ATOM   572 C  C6     . DG  A 1 19 ? 8.19492   -4.72582  -7.52784  1.000 45.17953  ?  19  DG  A C6     1 
ATOM   573 O  O6     . DG  A 1 19 ? 7.31215   -3.84564  -7.62676  1.000 44.09176  ?  19  DG  A O6     1 
ATOM   574 N  N1     . DG  A 1 19 ? 9.41844   -4.56695  -8.17336  1.000 41.18769  ?  19  DG  A N1     1 
ATOM   575 C  C2     . DG  A 1 19 ? 10.47917  -5.47833  -8.12123  1.000 41.36451  ?  19  DG  A C2     1 
ATOM   576 N  N2     . DG  A 1 19 ? 11.57045  -5.15336  -8.82483  1.000 43.08169  ?  19  DG  A N2     1 
ATOM   577 N  N3     . DG  A 1 19 ? 10.44872  -6.60429  -7.47913  1.000 26.87031  ?  19  DG  A N3     1 
ATOM   578 C  C4     . DG  A 1 19 ? 9.24111   -6.77185  -6.82857  1.000 45.02945  ?  19  DG  A C4     1 
ATOM   579 H  "H5'"  . DG  A 1 19 ? 7.78259   -12.11003 -6.96913  1.000 68.84177  ?  19  DG  A "H5'"  1 
ATOM   580 H  "H5''" . DG  A 1 19 ? 8.44567   -13.15545 -5.98647  1.000 68.84177  ?  19  DG  A "H5''" 1 
ATOM   581 H  "H4'"  . DG  A 1 19 ? 10.12343  -11.77906 -6.44842  1.000 73.95023  ?  19  DG  A "H4'"  1 
ATOM   582 H  "H3'"  . DG  A 1 19 ? 9.35975   -11.54738 -3.86726  1.000 74.78254  ?  19  DG  A "H3'"  1 
ATOM   583 H  "H2'"  . DG  A 1 19 ? 8.50635   -9.48101  -4.02144  1.000 65.91026  ?  19  DG  A "H2'"  1 
ATOM   584 H  "H2''" . DG  A 1 19 ? 10.00032  -9.10977  -3.66646  1.000 65.91026  ?  19  DG  A "H2''" 1 
ATOM   585 H  "H1'"  . DG  A 1 19 ? 10.56177  -8.80432  -5.81139  1.000 68.61642  ?  19  DG  A "H1'"  1 
ATOM   586 H  H8     . DG  A 1 19 ? 7.10281   -8.13411  -5.03295  1.000 73.15311  ?  19  DG  A H8     1 
ATOM   587 H  H1     . DG  A 1 19 ? 9.53025   -3.85408  -8.64087  1.000 49.45464  ?  19  DG  A H1     1 
ATOM   588 H  H21    . DG  A 1 19 ? 11.59978  -4.40772  -9.25371  1.000 51.72744  ?  19  DG  A H21    1 
ATOM   589 H  H22    . DG  A 1 19 ? 12.24301  -5.68926  -8.84789  1.000 51.72744  ?  19  DG  A H22    1 
ATOM   590 P  P      . DT  A 1 20 ? 12.01217  -11.48412 -3.01154  1.000 94.06739  ?  20  DT  A P      1 
ATOM   591 O  OP1    . DT  A 1 20 ? 10.98901  -11.76357 -2.00208  1.000 59.86527  ?  20  DT  A OP1    1 
ATOM   592 O  OP2    . DT  A 1 20 ? 12.96348  -10.34416 -2.85351  1.000 78.98965  ?  20  DT  A OP2    1 
HETATM 593 C  C      . ACE B 2 1  ? 8.69876   3.47994   -7.16054  1.000 76.41436  ?  106 ACE B C      1 
HETATM 594 O  O      . ACE B 2 1  ? 9.10733   4.07796   -8.10981  1.000 82.53453  ?  106 ACE B O      1 
HETATM 595 C  CH3    . ACE B 2 1  ? 7.58632   4.00467   -6.42906  1.000 75.98934  ?  106 ACE B CH3    1 
HETATM 596 H  H1     . ACE B 2 1  ? 6.88539   3.32150   -6.38118  1.000 91.21663  ?  106 ACE B H1     1 
HETATM 597 H  H2     . ACE B 2 1  ? 7.88161   4.24283   -5.52610  1.000 91.21663  ?  106 ACE B H2     1 
HETATM 598 H  H3     . ACE B 2 1  ? 7.24777   4.79801   -6.88980  1.000 91.21663  ?  106 ACE B H3     1 
HETATM 599 O  O      . QUK B 2 2  ? 8.00261   -2.90106  -4.08792  1.000 72.51255  ?  107 QUK B O      1 
HETATM 600 C  C      . QUK B 2 2  ? 8.04880   -1.84712  -4.72808  1.000 68.58721  ?  107 QUK B C      1 
HETATM 601 C  C10    . QUK B 2 2  ? 9.25815   -1.43982  -5.50948  1.000 64.74943  ?  107 QUK B C10    1 
HETATM 602 N  N11    . QUK B 2 2  ? 9.21792   -0.22275  -6.03961  1.000 67.18526  ?  107 QUK B N11    1 
HETATM 603 C  C7     . QUK B 2 2  ? 10.34082  0.24259   -6.65341  1.000 62.93111  ?  107 QUK B C7     1 
HETATM 604 C  CA     . QUK B 2 2  ? 10.31402  1.58662   -7.12689  1.000 69.29156  ?  107 QUK B CA     1 
HETATM 605 N  N      . QUK B 2 2  ? 9.33885   2.43755   -6.57194  1.000 73.21913  ?  107 QUK B N      1 
HETATM 606 C  C9     . QUK B 2 2  ? 10.36960  -2.27464  -5.53831  1.000 62.98078  ?  107 QUK B C9     1 
HETATM 607 C  C8     . QUK B 2 2  ? 11.51932  -1.81763  -6.15215  1.000 61.47739  ?  107 QUK B C8     1 
HETATM 608 C  C6     . QUK B 2 2  ? 11.51106  -0.52960  -6.74583  1.000 48.83458  ?  107 QUK B C6     1 
HETATM 609 C  C5     . QUK B 2 2  ? 12.64565  0.04920   -7.38623  1.000 65.67992  ?  107 QUK B C5     1 
HETATM 610 C  C4     . QUK B 2 2  ? 12.60635  1.34093   -7.85647  1.000 70.42828  ?  107 QUK B C4     1 
HETATM 611 C  C3     . QUK B 2 2  ? 11.45666  2.10653   -7.73648  1.000 64.94536  ?  107 QUK B C3     1 
HETATM 612 O  OB     . QUK B 2 2  ? 12.73034  -2.45768  -6.19985  1.000 67.22238  ?  107 QUK B OB     1 
HETATM 613 C  CG     . QUK B 2 2  ? 13.03491  -3.42661  -5.17924  1.000 84.42898  ?  107 QUK B CG     1 
HETATM 614 C  CD     . QUK B 2 2  ? 13.09578  -4.79580  -5.80859  1.000 80.73722  ?  107 QUK B CD     1 
HETATM 615 C  CE     . QUK B 2 2  ? 13.92937  -5.82623  -5.05841  1.000 103.06417 ?  107 QUK B CE     1 
HETATM 616 H  H      . QUK B 2 2  ? 9.51205   2.63595   -5.72874  1.000 87.89237  ?  107 QUK B H      1 
HETATM 617 H  H3     . QUK B 2 2  ? 10.29892  -3.15830  -5.12187  1.000 75.60635  ?  107 QUK B H3     1 
HETATM 618 H  H4     . QUK B 2 2  ? 13.46870  -0.46740  -7.50049  1.000 78.84531  ?  107 QUK B H4     1 
HETATM 619 H  H5     . QUK B 2 2  ? 13.39953  1.72692   -8.28016  1.000 84.54334  ?  107 QUK B H5     1 
HETATM 620 H  H6     . QUK B 2 2  ? 11.49511  3.01550   -8.09991  1.000 77.96385  ?  107 QUK B H6     1 
HETATM 621 H  H7     . QUK B 2 2  ? 13.90133  -3.22124  -4.77298  1.000 101.34418 ?  107 QUK B H7     1 
HETATM 622 H  H8     . QUK B 2 2  ? 12.33428  -3.42025  -4.49464  1.000 101.34418 ?  107 QUK B H8     1 
HETATM 623 H  H9     . QUK B 2 2  ? 12.17981  -5.12677  -5.90633  1.000 96.91408  ?  107 QUK B H9     1 
HETATM 624 H  H10    . QUK B 2 2  ? 13.44162  -4.69754  -6.71922  1.000 96.91408  ?  107 QUK B H10    1 
HETATM 625 N  N1     . QUK B 2 2  ? 14.73672  -5.26054  -3.94927  1.000 141.05285 ?  107 QUK B N1     1 
HETATM 626 H  H11    . QUK B 2 2  ? 13.35766  -6.50459  -4.64438  1.000 123.70642 ?  107 QUK B H11    1 
HETATM 627 H  H12    . QUK B 2 2  ? 14.57379  -6.25768  -5.65625  1.000 123.70642 ?  107 QUK B H12    1 
HETATM 628 H  H13    . QUK B 2 2  ? 15.21597  -5.88398  -3.54734  1.000 169.29284 ?  107 QUK B H13    1 
HETATM 629 H  H15    . QUK B 2 2  ? 15.29819  -4.64367  -4.23915  1.000 169.29284 ?  107 QUK B H15    1 
HETATM 630 H  H16    . QUK B 2 2  ? 14.22557  -4.88374  -3.33515  1.000 169.29284 ?  107 QUK B H16    1 
HETATM 631 O  O      . QUK B 2 3  ? 6.63089   5.12722   -4.22846  1.000 97.73907  ?  108 QUK B O      1 
HETATM 632 C  C      . QUK B 2 3  ? 7.01516   3.96439   -3.85619  1.000 94.17612  ?  108 QUK B C      1 
HETATM 633 C  C10    . QUK B 2 3  ? 5.99433   2.84174   -3.84233  1.000 91.09871  ?  108 QUK B C10    1 
HETATM 634 N  N11    . QUK B 2 3  ? 6.34780   1.60893   -4.21538  1.000 86.39200  ?  108 QUK B N11    1 
HETATM 635 C  C7     . QUK B 2 3  ? 5.48589   0.59126   -3.88509  1.000 73.22003  ?  108 QUK B C7     1 
HETATM 636 C  CA     . QUK B 2 3  ? 5.93089   -0.75891  -4.01768  1.000 61.70489  ?  108 QUK B CA     1 
HETATM 637 N  N      . QUK B 2 3  ? 7.02450   -0.97586  -4.85416  1.000 66.51995  ?  108 QUK B N      1 
HETATM 638 C  C9     . QUK B 2 3  ? 4.80265   3.18532   -3.24775  1.000 92.82809  ?  108 QUK B C9     1 
HETATM 639 C  C8     . QUK B 2 3  ? 3.94908   2.20424   -2.90985  1.000 84.43114  ?  108 QUK B C8     1 
HETATM 640 C  C6     . QUK B 2 3  ? 4.26193   0.85634   -3.21494  1.000 80.21374  ?  108 QUK B C6     1 
HETATM 641 C  C5     . QUK B 2 3  ? 3.55135   -0.24505  -2.67389  1.000 76.10619  ?  108 QUK B C5     1 
HETATM 642 C  C4     . QUK B 2 3  ? 4.02753   -1.51912  -2.79886  1.000 77.90957  ?  108 QUK B C4     1 
HETATM 643 C  C3     . QUK B 2 3  ? 5.21607   -1.78398  -3.46339  1.000 67.37587  ?  108 QUK B C3     1 
HETATM 644 O  OB     . QUK B 2 3  ? 2.77797   2.38028   -2.22098  1.000 99.69586  ?  108 QUK B OB     1 
HETATM 645 C  CG     . QUK B 2 3  ? 2.79133   3.29412   -1.10047  1.000 108.60319 ?  108 QUK B CG     1 
HETATM 646 C  CD     . QUK B 2 3  ? 2.76543   2.48009   0.18532   1.000 118.07812 ?  108 QUK B CD     1 
HETATM 647 C  CE     . QUK B 2 3  ? 3.02851   3.22341   1.50002   1.000 111.49703 ?  108 QUK B CE     1 
HETATM 648 H  H      . QUK B 2 3  ? 6.85366   -0.73980  -5.68804  1.000 79.85335  ?  108 QUK B H      1 
HETATM 649 H  H3     . QUK B 2 3  ? 4.58963   4.12584   -3.07930  1.000 111.42312 ?  108 QUK B H3     1 
HETATM 650 H  H4     . QUK B 2 3  ? 2.70741   -0.08848  -2.20391  1.000 91.35684  ?  108 QUK B H4     1 
HETATM 651 H  H5     . QUK B 2 3  ? 3.51926   -2.26144  -2.41197  1.000 93.52089  ?  108 QUK B H5     1 
HETATM 652 H  H6     . QUK B 2 3  ? 5.53903   -2.70500  -3.53180  1.000 80.88045  ?  108 QUK B H6     1 
HETATM 653 H  H7     . QUK B 2 3  ? 3.60358   3.83995   -1.12542  1.000 130.35324 ?  108 QUK B H7     1 
HETATM 654 H  H8     . QUK B 2 3  ? 2.00377   3.87537   -1.13561  1.000 130.35324 ?  108 QUK B H8     1 
HETATM 655 H  H9     . QUK B 2 3  ? 1.89933   2.02728   0.23442   1.000 141.72315 ?  108 QUK B H9     1 
HETATM 656 H  H10    . QUK B 2 3  ? 3.40902   1.74972   0.08905   1.000 141.72315 ?  108 QUK B H10    1 
HETATM 657 N  N1     . QUK B 2 3  ? 2.16812   2.92339   2.68947   1.000 111.46326 ?  108 QUK B N1     1 
HETATM 658 H  H11    . QUK B 2 3  ? 3.94783   3.05114   1.79090   1.000 133.82585 ?  108 QUK B H11    1 
HETATM 659 H  H12    . QUK B 2 3  ? 2.94342   4.18702   1.34990   1.000 133.82585 ?  108 QUK B H12    1 
HETATM 660 H  H13    . QUK B 2 3  ? 1.30633   3.05354   2.54861   1.000 133.78532 ?  108 QUK B H13    1 
HETATM 661 H  H15    . QUK B 2 3  ? 2.22656   2.08827   2.97154   1.000 133.78532 ?  108 QUK B H15    1 
HETATM 662 H  H16    . QUK B 2 3  ? 2.35609   3.41279   3.39986   1.000 133.78532 ?  108 QUK B H16    1 
HETATM 663 O  O      . ZY9 B 2 4  ? 12.84388  -0.32518  -3.58284  1.000 74.17238  ?  109 ZY9 B O      1 
HETATM 664 C  C      . ZY9 B 2 4  ? 11.89104  0.44603   -3.46079  1.000 73.06866  ?  109 ZY9 B C      1 
HETATM 665 C  CA     . ZY9 B 2 4  ? 11.93417  1.86749   -3.95278  1.000 72.42823  ?  109 ZY9 B CA     1 
HETATM 666 N  N11    . ZY9 B 2 4  ? 10.81141  2.57574   -3.79611  1.000 74.76246  ?  109 ZY9 B N11    1 
HETATM 667 C  C9     . ZY9 B 2 4  ? 13.06255  2.37244   -4.57256  1.000 60.77258  ?  109 ZY9 B C9     1 
HETATM 668 C  C8     . ZY9 B 2 4  ? 13.01267  3.67345   -5.05508  1.000 76.55054  ?  109 ZY9 B C8     1 
HETATM 669 C  C6     . ZY9 B 2 4  ? 11.84878  4.41597   -4.90098  1.000 72.61332  ?  109 ZY9 B C6     1 
HETATM 670 C  C7     . ZY9 B 2 4  ? 10.76697  3.82647   -4.25773  1.000 74.39345  ?  109 ZY9 B C7     1 
HETATM 671 C  C2     . ZY9 B 2 4  ? 9.46024   4.53305   -3.91555  1.000 79.71123  ?  109 ZY9 B C2     1 
HETATM 672 N  N      . ZY9 B 2 4  ? 8.32250   3.67583   -3.54623  1.000 84.14314  ?  109 ZY9 B N      1 
HETATM 673 H  H1     . ZY9 B 2 4  ? 13.87067  1.82805   -4.66801  1.000 72.95651  ?  109 ZY9 B H1     1 
HETATM 674 H  H6     . ZY9 B 2 4  ? 13.79093  4.06538   -5.50059  1.000 91.89005  ?  109 ZY9 B H6     1 
HETATM 675 H  H3     . ZY9 B 2 4  ? 11.79663  5.33357   -5.23898  1.000 87.16539  ?  109 ZY9 B H3     1 
HETATM 676 H  H4     . ZY9 B 2 4  ? 9.18573   5.06489   -4.69070  1.000 95.68289  ?  109 ZY9 B H4     1 
HETATM 677 H  H5     . ZY9 B 2 4  ? 9.62626   5.13763   -3.16292  1.000 95.68289  ?  109 ZY9 B H5     1 
HETATM 678 H  H      . ZY9 B 2 4  ? 8.45072   3.10967   -2.88056  1.000 101.00118 ?  109 ZY9 B H      1 
HETATM 679 O  O      . QUK B 2 5  ? 5.86218   2.44890   -0.28019  1.000 88.22386  ?  110 QUK B O      1 
HETATM 680 C  C      . QUK B 2 5  ? 6.76038   2.14742   -1.11018  1.000 85.64426  ?  110 QUK B C      1 
HETATM 681 C  C10    . QUK B 2 5  ? 7.15772   0.67990   -1.24114  1.000 77.10320  ?  110 QUK B C10    1 
HETATM 682 N  N11    . QUK B 2 5  ? 8.31506   0.44632   -1.83331  1.000 77.20537  ?  110 QUK B N11    1 
HETATM 683 C  C7     . QUK B 2 5  ? 8.85838   -0.80473  -1.73862  1.000 76.81842  ?  110 QUK B C7     1 
HETATM 684 C  CA     . QUK B 2 5  ? 10.17096  -0.99575  -2.27321  1.000 72.37742  ?  110 QUK B CA     1 
HETATM 685 N  N      . QUK B 2 5  ? 10.69245  0.13361   -2.92151  1.000 69.10306  ?  110 QUK B N      1 
HETATM 686 C  C9     . QUK B 2 5  ? 6.42333   -0.29666  -0.53705  1.000 74.15976  ?  110 QUK B C9     1 
HETATM 687 C  C8     . QUK B 2 5  ? 6.96538   -1.55990  -0.44789  1.000 76.07729  ?  110 QUK B C8     1 
HETATM 688 C  C6     . QUK B 2 5  ? 8.21763   -1.85764  -1.04682  1.000 70.74431  ?  110 QUK B C6     1 
HETATM 689 C  C5     . QUK B 2 5  ? 8.91648   -3.08710  -0.89773  1.000 68.13692  ?  110 QUK B C5     1 
HETATM 690 C  C4     . QUK B 2 5  ? 10.17984  -3.24680  -1.41980  1.000 64.86432  ?  110 QUK B C4     1 
HETATM 691 C  C3     . QUK B 2 5  ? 10.80928  -2.21096  -2.10279  1.000 63.83065  ?  110 QUK B C3     1 
HETATM 692 O  OB     . QUK B 2 5  ? 6.32108   -2.61397  0.12605   1.000 74.18467  ?  110 QUK B OB     1 
HETATM 693 C  CG     . QUK B 2 5  ? 5.05554   -2.29948  0.71132   1.000 75.15208  ?  110 QUK B CG     1 
HETATM 694 C  CD     . QUK B 2 5  ? 4.37957   -3.57521  1.15018   1.000 97.11275  ?  110 QUK B CD     1 
HETATM 695 C  CE     . QUK B 2 5  ? 3.19813   -3.86588  0.26436   1.000 83.74328  ?  110 QUK B CE     1 
HETATM 696 O  OXT    . QUK B 2 5  ? 7.41605   2.97090   -1.78259  1.000 86.56828  -1 110 QUK B OXT    1 
HETATM 697 H  H      . QUK B 2 5  ? 10.09025  0.77542   -2.98245  1.000 82.95309  ?  110 QUK B H      1 
HETATM 698 H  H3     . QUK B 2 5  ? 5.56061   -0.07992  -0.12918  1.000 89.02112  ?  110 QUK B H3     1 
HETATM 699 H  H4     . QUK B 2 5  ? 8.50442   -3.83592  -0.42083  1.000 81.79372  ?  110 QUK B H4     1 
HETATM 700 H  H5     . QUK B 2 5  ? 10.64224  -4.10145  -1.30733  1.000 77.86659  ?  110 QUK B H5     1 
HETATM 701 H  H6     . QUK B 2 5  ? 11.70972  -2.36634  -2.45590  1.000 76.62619  ?  110 QUK B H6     1 
HETATM 702 H  H7     . QUK B 2 5  ? 5.18475   -1.71865  1.48897   1.000 90.21191  ?  110 QUK B H7     1 
HETATM 703 H  H8     . QUK B 2 5  ? 4.49061   -1.84519  0.05249   1.000 90.21191  ?  110 QUK B H8     1 
HETATM 704 H  H9     . QUK B 2 5  ? 5.02117   -4.31345  1.12672   1.000 116.56471 ?  110 QUK B H9     1 
HETATM 705 H  H10    . QUK B 2 5  ? 4.10106   -3.49561  2.08553   1.000 116.56471 ?  110 QUK B H10    1 
HETATM 706 N  N1     . QUK B 2 5  ? 2.97125   -5.33443  0.27183   1.000 103.85922 ?  110 QUK B N1     1 
HETATM 707 H  H11    . QUK B 2 5  ? 2.37951   -3.44089  0.59196   1.000 100.52135 ?  110 QUK B H11    1 
HETATM 708 H  H12    . QUK B 2 5  ? 3.35957   -3.59827  -0.66338  1.000 100.52135 ?  110 QUK B H12    1 
HETATM 709 H  H13    . QUK B 2 5  ? 2.29402   -5.56160  -0.24724  1.000 124.66048 ?  110 QUK B H13    1 
HETATM 710 H  H15    . QUK B 2 5  ? 3.68129   -5.77407  -0.01519  1.000 124.66048 ?  110 QUK B H15    1 
HETATM 711 H  H16    . QUK B 2 5  ? 2.79074   -5.63100  1.08350   1.000 124.66048 ?  110 QUK B H16    1 
HETATM 712 C  C      . ACE C 2 1  ? -13.09208 1.07810   6.41287   1.000 87.87961  ?  111 ACE C C      1 
HETATM 713 O  O      . ACE C 2 1  ? -14.25355 1.22538   6.04700   1.000 91.81365  ?  111 ACE C O      1 
HETATM 714 C  CH3    . ACE C 2 1  ? -12.41752 2.09138   7.27801   1.000 85.28606  ?  111 ACE C CH3    1 
HETATM 715 H  H1     . ACE C 2 1  ? -12.17611 1.67355   8.12968   1.000 102.37269 ?  111 ACE C H1     1 
HETATM 716 H  H2     . ACE C 2 1  ? -11.61260 2.41373   6.82401   1.000 102.37269 ?  111 ACE C H2     1 
HETATM 717 H  H3     . ACE C 2 1  ? -13.03306 2.83633   7.43482   1.000 102.37269 ?  111 ACE C H3     1 
HETATM 718 O  O      . QUK C 2 2  ? -6.67530  -1.86535  5.89953   1.000 71.84522  ?  112 QUK C O      1 
HETATM 719 C  C      . QUK C 2 2  ? -7.76763  -1.30698  5.91851   1.000 69.38869  ?  112 QUK C C      1 
HETATM 720 C  C10    . QUK C 2 2  ? -9.01207  -1.99367  5.45816   1.000 67.10327  ?  112 QUK C C10    1 
HETATM 721 N  N11    . QUK C 2 2  ? -10.14739 -1.31656  5.60952   1.000 61.28295  ?  112 QUK C N11    1 
HETATM 722 C  C7     . QUK C 2 2  ? -11.30911 -1.95290  5.29917   1.000 74.40413  ?  112 QUK C C7     1 
HETATM 723 C  CA     . QUK C 2 2  ? -12.53113 -1.25067  5.51682   1.000 83.74325  ?  112 QUK C CA     1 
HETATM 724 N  N      . QUK C 2 2  ? -12.44091 -0.08943  6.30718   1.000 87.25707  ?  112 QUK C N      1 
HETATM 725 C  C9     . QUK C 2 2  ? -8.93814  -3.30866  4.98372   1.000 67.68375  ?  112 QUK C C9     1 
HETATM 726 C  C8     . QUK C 2 2  ? -10.09362 -3.96094  4.65536   1.000 76.37803  ?  112 QUK C C8     1 
HETATM 727 C  C6     . QUK C 2 2  ? -11.33676 -3.28435  4.82012   1.000 74.76424  ?  112 QUK C C6     1 
HETATM 728 C  C5     . QUK C 2 2  ? -12.60685 -3.87032  4.55168   1.000 83.63896  ?  112 QUK C C5     1 
HETATM 729 C  C4     . QUK C 2 2  ? -13.76136 -3.16529  4.75039   1.000 70.63871  ?  112 QUK C C4     1 
HETATM 730 C  C3     . QUK C 2 2  ? -13.73184 -1.85690  5.20901   1.000 86.62406  ?  112 QUK C C3     1 
HETATM 731 O  OB     . QUK C 2 2  ? -10.19078 -5.17162  4.03762   1.000 103.41246 ?  112 QUK C OB     1 
HETATM 732 C  CG     . QUK C 2 2  ? -9.69345  -5.30421  2.68493   1.000 109.12890 ?  112 QUK C CG     1 
HETATM 733 C  CD     . QUK C 2 2  ? -9.90923  -6.71624  2.21805   1.000 111.17006 ?  112 QUK C CD     1 
HETATM 734 C  CE     . QUK C 2 2  ? -10.48385 -6.85530  0.82161   1.000 128.56300 ?  112 QUK C CE     1 
HETATM 735 H  H      . QUK C 2 2  ? -12.29765 -0.34247  7.14109   1.000 104.73789 ?  112 QUK C H      1 
HETATM 736 H  H3     . QUK C 2 2  ? -8.05388  -3.71970  4.90269   1.000 81.24991  ?  112 QUK C H3     1 
HETATM 737 H  H4     . QUK C 2 2  ? -12.67082 -4.78931  4.22131   1.000 100.39617 ?  112 QUK C H4     1 
HETATM 738 H  H5     . QUK C 2 2  ? -14.62460 -3.58882  4.56663   1.000 84.79586  ?  112 QUK C H5     1 
HETATM 739 H  H6     . QUK C 2 2  ? -14.59373 -1.40215  5.29916   1.000 103.97829 ?  112 QUK C H6     1 
HETATM 740 H  H7     . QUK C 2 2  ? -10.17855 -4.69424  2.09096   1.000 130.98409 ?  112 QUK C H7     1 
HETATM 741 H  H8     . QUK C 2 2  ? -8.73530  -5.10283  2.66136   1.000 130.98409 ?  112 QUK C H8     1 
HETATM 742 H  H9     . QUK C 2 2  ? -9.05427  -7.18919  2.26882   1.000 133.43348 ?  112 QUK C H9     1 
HETATM 743 H  H10    . QUK C 2 2  ? -10.49833 -7.16404  2.86008   1.000 133.43348 ?  112 QUK C H10    1 
HETATM 744 N  N1     . QUK C 2 2  ? -11.21837 -5.64023  0.38714   1.000 134.42037 ?  112 QUK C N1     1 
HETATM 745 H  H11    . QUK C 2 2  ? -9.77651  -6.99307  0.15923   1.000 154.30501 ?  112 QUK C H11    1 
HETATM 746 H  H12    . QUK C 2 2  ? -11.12861 -7.59031  0.77455   1.000 154.30501 ?  112 QUK C H12    1 
HETATM 747 H  H13    . QUK C 2 2  ? -11.83324 -5.40523  0.97581   1.000 161.33386 ?  112 QUK C H13    1 
HETATM 748 H  H15    . QUK C 2 2  ? -10.67533 -4.95220  0.28473   1.000 161.33386 ?  112 QUK C H15    1 
HETATM 749 H  H16    . QUK C 2 2  ? -11.62856 -5.76894  -0.38443  1.000 161.33386 ?  112 QUK C H16    1 
HETATM 750 O  O      . QUK C 2 3  ? -10.97587 5.05116   5.30483   1.000 89.73192  ?  113 QUK C O      1 
HETATM 751 C  C      . QUK C 2 3  ? -10.42714 3.94180   5.33592   1.000 96.03083  ?  113 QUK C C      1 
HETATM 752 C  C10    . QUK C 2 3  ? -9.23578  3.69171   6.21757   1.000 87.68791  ?  113 QUK C C10    1 
HETATM 753 N  N11    . QUK C 2 3  ? -8.83390  2.42592   6.37123   1.000 73.34346  ?  113 QUK C N11    1 
HETATM 754 C  C7     . QUK C 2 3  ? -7.57100  2.21314   6.87077   1.000 65.18366  ?  113 QUK C C7     1 
HETATM 755 C  CA     . QUK C 2 3  ? -7.05519  0.88049   6.80596   1.000 53.25325  ?  113 QUK C CA     1 
HETATM 756 N  N      . QUK C 2 3  ? -7.97913  -0.11379  6.49920   1.000 54.45358  ?  113 QUK C N      1 
HETATM 757 C  C9     . QUK C 2 3  ? -8.48377  4.79063   6.61297   1.000 77.46360  ?  113 QUK C C9     1 
HETATM 758 C  C8     . QUK C 2 3  ? -7.22209  4.59562   7.11030   1.000 80.28941  ?  113 QUK C C8     1 
HETATM 759 C  C6     . QUK C 2 3  ? -6.72375  3.27123   7.26030   1.000 66.84747  ?  113 QUK C C6     1 
HETATM 760 C  C5     . QUK C 2 3  ? -5.36670  2.97085   7.56798   1.000 71.41808  ?  113 QUK C C5     1 
HETATM 761 C  C4     . QUK C 2 3  ? -4.89281  1.68435   7.49104   1.000 65.59589  ?  113 QUK C C4     1 
HETATM 762 C  C3     . QUK C 2 3  ? -5.72609  0.64391   7.11088   1.000 61.35173  ?  113 QUK C C3     1 
HETATM 763 O  OB     . QUK C 2 3  ? -6.32559  5.59467   7.39326   1.000 87.69252  ?  113 QUK C OB     1 
HETATM 764 C  CG     . QUK C 2 3  ? -6.81928  6.94806   7.56065   1.000 90.01461  ?  113 QUK C CG     1 
HETATM 765 C  CD     . QUK C 2 3  ? -7.15816  7.68014   6.26741   1.000 111.97154 ?  113 QUK C CD     1 
HETATM 766 C  CE     . QUK C 2 3  ? -8.56156  7.67685   5.62259   1.000 105.34784 ?  113 QUK C CE     1 
HETATM 767 H  H      . QUK C 2 3  ? -8.69838  -0.07571  7.01055   1.000 65.37371  ?  113 QUK C H      1 
HETATM 768 H  H3     . QUK C 2 3  ? -8.85991  5.69020   6.53322   1.000 92.98573  ?  113 QUK C H3     1 
HETATM 769 H  H4     . QUK C 2 3  ? -4.76243  3.69215   7.83877   1.000 85.73111  ?  113 QUK C H4     1 
HETATM 770 H  H5     . QUK C 2 3  ? -3.95650  1.49975   7.70590   1.000 78.74448  ?  113 QUK C H5     1 
HETATM 771 H  H6     . QUK C 2 3  ? -5.36587  -0.26512  7.05940   1.000 73.65149  ?  113 QUK C H6     1 
HETATM 772 H  H7     . QUK C 2 3  ? -7.63189  6.91300   8.10542   1.000 108.04695 ?  113 QUK C H7     1 
HETATM 773 H  H8     . QUK C 2 3  ? -6.13344  7.46908   8.02709   1.000 108.04695 ?  113 QUK C H8     1 
HETATM 774 H  H9     . QUK C 2 3  ? -6.89442  8.61157   6.41053   1.000 134.39526 ?  113 QUK C H9     1 
HETATM 775 H  H10    . QUK C 2 3  ? -6.52014  7.35420   5.60094   1.000 134.39526 ?  113 QUK C H10    1 
HETATM 776 N  N1     . QUK C 2 3  ? -9.70137  8.50510   6.18643   1.000 99.89662  ?  113 QUK C N1     1 
HETATM 777 H  H11    . QUK C 2 3  ? -8.47974  7.96785   4.69168   1.000 126.44682 ?  113 QUK C H11    1 
HETATM 778 H  H12    . QUK C 2 3  ? -8.90227  6.75927   5.61558   1.000 126.44682 ?  113 QUK C H12    1 
HETATM 779 H  H13    . QUK C 2 3  ? -10.26522 8.04416   6.68559   1.000 119.90535 ?  113 QUK C H13    1 
HETATM 780 H  H15    . QUK C 2 3  ? -9.43841  9.17189   6.70154   1.000 119.90535 ?  113 QUK C H15    1 
HETATM 781 H  H16    . QUK C 2 3  ? -10.20668 8.88471   5.56935   1.000 119.90535 ?  113 QUK C H16    1 
HETATM 782 O  O      . ZY9 C 2 4  ? -9.93836  -2.31263  1.67356   1.000 73.85653  ?  114 ZY9 C O      1 
HETATM 783 C  C      . ZY9 C 2 4  ? -9.94427  -1.16388  2.12233   1.000 82.26000  ?  114 ZY9 C C      1 
HETATM 784 C  CA     . ZY9 C 2 4  ? -11.20662 -0.35198  2.22075   1.000 78.34754  ?  114 ZY9 C CA     1 
HETATM 785 N  N11    . ZY9 C 2 4  ? -11.09315 0.86890   2.77335   1.000 67.48563  ?  114 ZY9 C N11    1 
HETATM 786 C  C9     . ZY9 C 2 4  ? -12.43143 -0.93365  1.93371   1.000 70.91150  ?  114 ZY9 C C9     1 
HETATM 787 C  C8     . ZY9 C 2 4  ? -13.58055 -0.22644  2.24564   1.000 85.75870  ?  114 ZY9 C C8     1 
HETATM 788 C  C6     . ZY9 C 2 4  ? -13.47431 1.03164   2.82307   1.000 80.99787  ?  114 ZY9 C C6     1 
HETATM 789 C  C7     . ZY9 C 2 4  ? -12.21055 1.54412   3.07170   1.000 68.32373  ?  114 ZY9 C C7     1 
HETATM 790 C  C2     . ZY9 C 2 4  ? -11.99578 2.89903   3.71811   1.000 83.08297  ?  114 ZY9 C C2     1 
HETATM 791 N  N      . ZY9 C 2 4  ? -10.73666 2.98055   4.45288   1.000 90.54847  ?  114 ZY9 C N      1 
HETATM 792 H  H1     . ZY9 C 2 4  ? -12.48148 -1.82140  1.52269   1.000 85.12321  ?  114 ZY9 C H1     1 
HETATM 793 H  H6     . ZY9 C 2 4  ? -14.46253 -0.60854  2.06048   1.000 102.93985 ?  114 ZY9 C H6     1 
HETATM 794 H  H3     . ZY9 C 2 4  ? -14.27853 1.54293   3.04821   1.000 97.22685  ?  114 ZY9 C H3     1 
HETATM 795 H  H4     . ZY9 C 2 4  ? -11.99439 3.59091   3.02566   1.000 99.72898  ?  114 ZY9 C H4     1 
HETATM 796 H  H5     . ZY9 C 2 4  ? -12.72915 3.07948   4.34163   1.000 99.72898  ?  114 ZY9 C H5     1 
HETATM 797 H  H      . ZY9 C 2 4  ? -10.05160 2.54389   4.10584   1.000 108.68758 ?  114 ZY9 C H      1 
HETATM 798 O  O      . QUK C 2 5  ? -8.00893  3.78506   3.66971   1.000 78.32212  -1 115 QUK C O      1 
HETATM 799 C  C      . QUK C 2 5  ? -6.77200  3.64316   3.87035   1.000 77.57249  ?  115 QUK C C      1 
HETATM 800 C  C10    . QUK C 2 5  ? -6.22152  2.24787   3.68725   1.000 62.24425  ?  115 QUK C C10    1 
HETATM 801 N  N11    . QUK C 2 5  ? -7.09201  1.31626   3.30662   1.000 61.55727  ?  115 QUK C N11    1 
HETATM 802 C  C7     . QUK C 2 5  ? -6.62598  0.02973   3.21021   1.000 64.21657  ?  115 QUK C C7     1 
HETATM 803 C  CA     . QUK C 2 5  ? -7.55710  -0.97729  2.82703   1.000 70.99328  ?  115 QUK C CA     1 
HETATM 804 N  N      . QUK C 2 5  ? -8.85607  -0.51457  2.59407   1.000 74.63908  ?  115 QUK C N      1 
HETATM 805 C  C9     . QUK C 2 5  ? -4.88589  2.00846   3.98790   1.000 54.15834  ?  115 QUK C C9     1 
HETATM 806 C  C8     . QUK C 2 5  ? -4.41667  0.72606   3.89666   1.000 63.58193  ?  115 QUK C C8     1 
HETATM 807 C  C6     . QUK C 2 5  ? -5.29727  -0.32086  3.51144   1.000 59.22483  ?  115 QUK C C6     1 
HETATM 808 C  C5     . QUK C 2 5  ? -4.93159  -1.69364  3.44928   1.000 73.01529  ?  115 QUK C C5     1 
HETATM 809 C  C4     . QUK C 2 5  ? -5.84102  -2.64272  3.08322   1.000 74.49171  ?  115 QUK C C4     1 
HETATM 810 C  C3     . QUK C 2 5  ? -7.14737  -2.29643  2.76989   1.000 74.63232  ?  115 QUK C C3     1 
HETATM 811 O  OB     . QUK C 2 5  ? -3.11285  0.35967   4.06603   1.000 82.13581  ?  115 QUK C OB     1 
HETATM 812 C  CG     . QUK C 2 5  ? -2.23792  1.33585   4.65610   1.000 86.55297  ?  115 QUK C CG     1 
HETATM 813 C  CD     . QUK C 2 5  ? -0.82450  1.05626   4.20128   1.000 89.46852  ?  115 QUK C CD     1 
HETATM 814 C  CE     . QUK C 2 5  ? -0.62342  -0.42106  3.96342   1.000 88.36840  ?  115 QUK C CE     1 
HETATM 815 O  OXT    . QUK C 2 5  ? -5.95968  4.55223   4.21380   1.000 73.89795  ?  115 QUK C OXT    1 
HETATM 816 H  H      . QUK C 2 5  ? -8.96793  0.33790   2.79239   1.000 89.59631  ?  115 QUK C H      1 
HETATM 817 H  H3     . QUK C 2 5  ? -4.29931  2.74308   4.25976   1.000 65.01943  ?  115 QUK C H3     1 
HETATM 818 H  H4     . QUK C 2 5  ? -4.02008  -1.97249  3.67037   1.000 87.64776  ?  115 QUK C H4     1 
HETATM 819 H  H5     . QUK C 2 5  ? -5.56598  -3.58174  3.04056   1.000 89.41947  ?  115 QUK C H5     1 
HETATM 820 H  H6     . QUK C 2 5  ? -7.76549  -3.00871  2.50914   1.000 89.58820  ?  115 QUK C H6     1 
HETATM 821 H  H7     . QUK C 2 5  ? -2.49980  2.23408   4.36820   1.000 103.89297 ?  115 QUK C H7     1 
HETATM 822 H  H8     . QUK C 2 5  ? -2.28284  1.27689   5.63194   1.000 103.89297 ?  115 QUK C H8     1 
HETATM 823 H  H9     . QUK C 2 5  ? -0.63523  1.56441   3.38646   1.000 107.39163 ?  115 QUK C H9     1 
HETATM 824 H  H10    . QUK C 2 5  ? -0.19288  1.38559   4.87241   1.000 107.39163 ?  115 QUK C H10    1 
HETATM 825 N  N1     . QUK C 2 5  ? 0.82358   -0.75830  3.93196   1.000 98.97531  ?  115 QUK C N1     1 
HETATM 826 H  H11    . QUK C 2 5  ? -1.02012  -0.95744  4.68055   1.000 106.07150 ?  115 QUK C H11    1 
HETATM 827 H  H12    . QUK C 2 5  ? -0.99478  -0.69944  3.10100   1.000 106.07150 ?  115 QUK C H12    1 
HETATM 828 H  H13    . QUK C 2 5  ? 1.30780   -0.15152  4.35152   1.000 118.79979 ?  115 QUK C H13    1 
HETATM 829 H  H15    . QUK C 2 5  ? 0.98469   -1.53568  4.31779   1.000 118.79979 ?  115 QUK C H15    1 
HETATM 830 H  H16    . QUK C 2 5  ? 1.12736   -0.80868  3.10400   1.000 118.79979 ?  115 QUK C H16    1 
HETATM 831 K  K      . K   D 3 .  ? 7.12356   -2.07767  -9.66795  1.000 42.08805  ?  101 K   A K      1 
HETATM 832 K  K      . K   E 3 .  ? 5.80315   -3.04078  -12.54785 1.000 41.46104  ?  102 K   A K      1 
HETATM 833 K  K      . K   F 3 .  ? 4.62674   -3.91490  -15.77209 0.440 28.97497  ?  103 K   A K      1 
HETATM 834 MG MG     . MG  G 4 .  ? 3.93020   5.26350   -17.76179 1.000 79.08397  ?  104 MG  A MG     1 
HETATM 835 MG MG     . MG  H 4 .  ? 5.70007   -13.02948 -12.33321 1.000 78.50659  ?  105 MG  A MG     1 
HETATM 836 O  O      . HOH I 5 .  ? 19.45402  4.41727   -16.58306 1.000 57.39901  ?  201 HOH A O      1 
HETATM 837 O  O      . HOH I 5 .  ? 1.25507   -15.23878 -4.23535  1.000 70.44022  ?  202 HOH A O      1 
# 
